data_9HG8
#
_entry.id   9HG8
#
_cell.length_a   1.00
_cell.length_b   1.00
_cell.length_c   1.00
_cell.angle_alpha   90.00
_cell.angle_beta   90.00
_cell.angle_gamma   90.00
#
_symmetry.space_group_name_H-M   'P 1'
#
loop_
_entity.id
_entity.type
_entity.pdbx_description
1 polymer 'Outer membrane protein assembly factor BamA'
2 polymer 'Outer membrane protein assembly factor BamB'
3 polymer 'Outer membrane protein assembly factor BamC'
4 polymer 'Outer membrane protein assembly factor BamD'
5 polymer 'Outer membrane protein assembly factor BamE'
6 polymer 'Chaperone SurA'
#
loop_
_entity_poly.entity_id
_entity_poly.type
_entity_poly.pdbx_seq_one_letter_code
_entity_poly.pdbx_strand_id
1 'polypeptide(L)'
;AEGFVVKDIHFEGLQRVAVGAALLSMPVRTGDTVNDEDISNTIRALFATGNFEDVRVLRDGDTLLVQVKERPTIASITFS
GNKSVKDDMLKQNLEASGVRVGESLDRTTIADIEKGLEDFYYSVGKYSASVKAVVTPLPRNRVDLKLVFQEGVSAEIQQI
NIVGNHAFTTDELISHFQLRDEVPWWNVVGDRKYQKQKLAGDLETLRSYYLDRGYARFNIDSTQVSLTPDKKGIYVTVNI
TEGDQYKLSGVEVSGNLAGHSAEIEQLTKIEPGELYNGTKVTKMEDDIKKLLGRYGYAYPRVQSMPEINDADKTVKLRVN
VDAGNRFYVRKIRFEGNDTSKDAVLRREMRQMEGAWLGSDLVDQGKERLNRLGFFETVDTDTQRVPGSPDQVDVVYKVKE
RNTGSFNFGIGYGTESGVSFQAGVQQDNWLGTGYAVGINGTKNDYQTYAELSVTNPYFTVDGVSLGGRLFYNDFQADDAD
LSDYTNKSYGTDVTLGFPINEYNSLRAGLGYVHNSLSNMQPQVAMWRYLYSMGEHPSTSDQDNSFKTDDFTFNYGWTYNK
LDRGYFPTDGSRVNLTGKVTIPGSDNEYYKVTLDTATYVPIDDDHKWVVLGRTRWGYGDGLGGKEMPFYENFYAGGSSTV
RGFQSNTIGPKAVYFPHQASNYDPDYDYECATQDGAKDLCKSDDAVGGNAMAVASLEFITPTPFISDKYANSVRTSFFWD
MGTVWDTNWDSSQYSGYPDYSDPSNIRMSAGIALQWMSPLGPLVFSYAQPFKKYDGDKAEQFQFNIGKTW
;
A
2 'polypeptide(L)'
;CSLFNSEEDVVKMSPLPTVENQFTPTTAWSTSVGSGIGNFYSNLHPALADNVVYAADRAGLVKALNADDGKEIWSVSLAE
KDGWFSKEPALLSGGVTVSGGHVYIGSEKAQVYALNTSDGTVAWQTKVAGEALSRPVVSDGLVLIHTSNGQLQALNEADG
AVKWTVNLDMPSLSLRGESAPTTAFGAAVVGGDNGRVSAVLMEQGQMIWQQRISQATGSTEIDRLSDVDTTPVVVNGVVF
ALAYNGNLTALDLRSGQIMWKRELGSVNDFIVDGNRIYLVDQNDRVMALTIDGGVTLWTQSDLLHRLLTSPVLYNGNLVV
GDSEGYLHWINVEDGRFVAQQKVDSSGFQTEPVAADGKLLIQAKDGTVYSITRWSHPQFEK
;
B
3 'polypeptide(L)'
;CSSDSRYKRQVSGDEAYLEAAPLAELHAPAGMILPVTSGDYAIPVTNGSGAVGKALDIRPPAQPLALVSGARTQFTGDTA
SLLVENGRGNTLWPQVVSVLQAKNYTITQRDDAGQTLTTDWVQWNRLDEDEQYRGRYQISVKPQGYQQAVTVKLLNLEQA
GKPVADAASMQRYSTEMMNVISAGLDKSATDAANAAQNRASTTMDVQSAADDTGLPMLVVRGPFNVVWQRLPAALEKVGM
KVTDSTRSQGNMAVTYKPLSDSDWQELGASDPGLASGDYKLQVGDLDNRSSLQFIDPKGHTLTQSQNDALVAVFQAAFSK
;
C
4 'polypeptide(L)'
;CSGSKEEVPDNPPNEIYATAQQKLQDGNWRQAITQLEALDNRYPFGPYSQQVQLDLIYAYYKNADLPLAQAAIDRFIRLN
PTHPNIDYVMYMRGLTNMALDDSALQGFFGVDRSDRDPQHARAAFSDFSKLVRGYPNSQYTTDATKRLVFLKDRLAKYEY
SVAEYYTERGAWVAVVNRVEGMLRDYPDTQATRDALPLMENAYRQMQMNAQAEKVAKIIAANSSNT
;
D
5 'polypeptide(L)'
;CSTLERVVYRPDINQGNYLTANDVSKIRVGMTQQQVAYALGTPLMSDPFGTNTWFYVFRQQPGHEGVTQQTLTLTFNSSG
VLTNIDNKPALSGNKLHHHHHH
;
E
6 'polypeptide(L)'
;GSHMAPQVVDKVAAVVNNGVVLESDVDGLMQSVKLNAAQARQQLPDDATLRHQIMERLIMDQIILQMGQKMGVKISDEQL
DQAIANIAKQNNMTLDQMRSRLAYDGLNYNTYRNQIRKEMIISEVRNNEVRRRITILPQEVESLAQQVGNQNDASTELNL
SHILIPLPENPTSDQVNEAESQARAIVDQARNGADFGKLAIAHSADQQALNGGQMGWGRIQELPGIFAQALSTAKKGDIV
GPIRSGVGFHILKVNDLRGESKNISVTEVHARHILLKPSPIMTDEQARVKLEQIAADIKSGKTTFAAAAKEFSQDPGSAN
QGGDLGWATPDIFDPAFRDALTRLNKGQMSAPVHSSFGWHLIELLDTRNVDKTDAAQKDRAYRMLMNRKFSEEAASWMQE
QRASAYVKILSN
;
F
#
# COMPACT_ATOMS: atom_id res chain seq x y z
N GLY A 3 -9.48 58.91 -4.04
CA GLY A 3 -9.13 59.82 -2.90
C GLY A 3 -10.26 59.96 -1.90
N PHE A 4 -10.30 59.04 -0.93
CA PHE A 4 -11.31 59.08 0.12
C PHE A 4 -10.82 58.28 1.31
N VAL A 5 -11.23 58.72 2.50
CA VAL A 5 -10.85 58.07 3.75
C VAL A 5 -11.71 56.84 4.03
N VAL A 6 -11.05 55.71 4.24
CA VAL A 6 -11.75 54.46 4.56
C VAL A 6 -12.03 54.51 6.06
N LYS A 7 -13.29 54.71 6.43
CA LYS A 7 -13.60 54.75 7.86
C LYS A 7 -13.58 53.36 8.49
N ASP A 8 -14.06 52.34 7.77
CA ASP A 8 -14.14 51.00 8.33
C ASP A 8 -14.05 49.96 7.23
N ILE A 9 -13.58 48.77 7.60
CA ILE A 9 -13.48 47.65 6.68
C ILE A 9 -14.27 46.50 7.27
N HIS A 10 -15.24 46.01 6.50
CA HIS A 10 -16.11 44.91 6.92
C HIS A 10 -15.94 43.76 5.92
N PHE A 11 -15.80 42.55 6.43
CA PHE A 11 -15.59 41.37 5.59
C PHE A 11 -16.86 40.55 5.56
N GLU A 12 -17.19 40.02 4.38
CA GLU A 12 -18.33 39.14 4.20
C GLU A 12 -17.91 37.88 3.48
N GLY A 13 -18.46 36.74 3.92
CA GLY A 13 -18.17 35.47 3.27
C GLY A 13 -17.01 34.68 3.82
N LEU A 14 -16.27 35.22 4.77
CA LEU A 14 -15.14 34.47 5.33
C LEU A 14 -15.67 33.33 6.18
N GLN A 15 -15.21 32.11 5.88
CA GLN A 15 -15.58 30.92 6.64
C GLN A 15 -14.38 30.27 7.29
N ARG A 16 -13.33 29.98 6.51
CA ARG A 16 -12.14 29.33 7.03
C ARG A 16 -11.01 30.32 7.32
N VAL A 17 -10.83 31.31 6.43
CA VAL A 17 -9.75 32.28 6.59
C VAL A 17 -10.13 33.28 7.66
N ALA A 18 -9.32 33.38 8.71
CA ALA A 18 -9.59 34.34 9.77
C ALA A 18 -9.50 35.76 9.21
N VAL A 19 -10.32 36.66 9.76
CA VAL A 19 -10.29 38.04 9.29
C VAL A 19 -8.91 38.64 9.49
N GLY A 20 -8.18 38.19 10.51
CA GLY A 20 -6.84 38.71 10.74
C GLY A 20 -5.90 38.36 9.60
N ALA A 21 -5.95 37.10 9.15
CA ALA A 21 -5.11 36.68 8.04
C ALA A 21 -5.43 37.46 6.76
N ALA A 22 -6.72 37.61 6.46
CA ALA A 22 -7.11 38.38 5.29
C ALA A 22 -6.59 39.82 5.38
N LEU A 23 -6.78 40.45 6.54
CA LEU A 23 -6.31 41.81 6.72
C LEU A 23 -4.80 41.90 6.54
N LEU A 24 -4.06 40.92 7.07
CA LEU A 24 -2.62 40.88 6.83
C LEU A 24 -2.29 40.67 5.36
N SER A 25 -3.19 40.05 4.60
CA SER A 25 -3.00 39.78 3.18
C SER A 25 -3.39 40.98 2.33
N MET A 26 -3.89 42.04 2.96
CA MET A 26 -4.34 43.27 2.32
C MET A 26 -3.25 44.34 2.25
N PRO A 27 -3.27 45.06 1.14
CA PRO A 27 -2.42 46.25 0.97
C PRO A 27 -2.94 47.47 1.72
N VAL A 28 -4.11 47.36 2.34
CA VAL A 28 -4.77 48.46 3.03
C VAL A 28 -4.58 48.27 4.53
N ARG A 29 -4.47 49.39 5.24
CA ARG A 29 -4.27 49.44 6.68
C ARG A 29 -5.28 50.33 7.39
N THR A 30 -6.54 50.26 6.98
CA THR A 30 -7.61 51.06 7.60
C THR A 30 -7.22 52.53 7.71
N GLY A 31 -6.19 52.99 7.01
CA GLY A 31 -5.68 54.36 7.18
C GLY A 31 -6.52 55.31 6.34
N ASP A 32 -5.97 55.81 5.23
CA ASP A 32 -6.69 56.71 4.31
C ASP A 32 -5.83 56.87 3.06
N THR A 33 -6.04 57.90 2.26
CA THR A 33 -5.28 58.14 1.03
C THR A 33 -5.46 56.91 0.18
N VAL A 34 -6.69 56.61 -0.24
CA VAL A 34 -6.99 55.39 -0.97
C VAL A 34 -7.60 55.80 -2.31
N ASN A 35 -7.12 55.20 -3.40
CA ASN A 35 -7.70 55.36 -4.73
C ASN A 35 -8.33 54.06 -5.23
N ASP A 36 -8.93 54.16 -6.41
CA ASP A 36 -9.59 53.01 -7.04
C ASP A 36 -8.57 51.92 -7.34
N GLU A 37 -7.39 52.33 -7.82
CA GLU A 37 -6.32 51.38 -8.14
C GLU A 37 -5.88 50.64 -6.89
N ASP A 38 -5.89 51.30 -5.73
CA ASP A 38 -5.58 50.59 -4.50
C ASP A 38 -6.58 49.46 -4.26
N ILE A 39 -7.86 49.73 -4.52
CA ILE A 39 -8.88 48.69 -4.35
C ILE A 39 -8.65 47.55 -5.33
N SER A 40 -8.31 47.88 -6.57
CA SER A 40 -8.02 46.84 -7.56
C SER A 40 -6.84 45.98 -7.13
N ASN A 41 -5.76 46.63 -6.64
CA ASN A 41 -4.61 45.89 -6.17
C ASN A 41 -4.96 45.04 -4.96
N THR A 42 -5.85 45.54 -4.09
CA THR A 42 -6.29 44.75 -2.95
C THR A 42 -7.00 43.49 -3.41
N ILE A 43 -7.91 43.63 -4.39
CA ILE A 43 -8.61 42.46 -4.91
C ILE A 43 -7.62 41.47 -5.52
N ARG A 44 -6.67 41.98 -6.31
CA ARG A 44 -5.70 41.10 -6.92
C ARG A 44 -4.85 40.36 -5.89
N ALA A 45 -4.42 41.07 -4.84
CA ALA A 45 -3.64 40.44 -3.79
C ALA A 45 -4.44 39.38 -3.06
N LEU A 46 -5.72 39.67 -2.76
CA LEU A 46 -6.53 38.67 -2.06
C LEU A 46 -6.62 37.38 -2.87
N PHE A 47 -6.82 37.49 -4.19
CA PHE A 47 -6.84 36.32 -5.04
C PHE A 47 -5.48 35.66 -5.16
N ALA A 48 -4.40 36.45 -5.15
CA ALA A 48 -3.06 35.88 -5.22
C ALA A 48 -2.78 34.99 -4.02
N THR A 49 -3.43 35.25 -2.88
CA THR A 49 -3.28 34.36 -1.73
C THR A 49 -3.69 32.93 -2.06
N GLY A 50 -4.55 32.75 -3.08
CA GLY A 50 -4.95 31.42 -3.49
C GLY A 50 -6.00 30.78 -2.63
N ASN A 51 -6.61 31.53 -1.71
CA ASN A 51 -7.59 31.01 -0.79
C ASN A 51 -9.02 31.34 -1.18
N PHE A 52 -9.23 32.14 -2.23
CA PHE A 52 -10.55 32.64 -2.57
C PHE A 52 -10.85 32.34 -4.02
N GLU A 53 -12.11 31.96 -4.28
CA GLU A 53 -12.57 31.73 -5.65
C GLU A 53 -13.15 33.00 -6.26
N ASP A 54 -13.72 33.88 -5.45
CA ASP A 54 -14.27 35.13 -5.92
C ASP A 54 -14.05 36.18 -4.84
N VAL A 55 -13.64 37.38 -5.26
CA VAL A 55 -13.35 38.47 -4.34
C VAL A 55 -14.05 39.71 -4.86
N ARG A 56 -14.74 40.42 -3.98
CA ARG A 56 -15.42 41.66 -4.35
C ARG A 56 -15.26 42.68 -3.25
N VAL A 57 -15.19 43.95 -3.66
CA VAL A 57 -15.05 45.08 -2.75
C VAL A 57 -16.20 46.04 -3.01
N LEU A 58 -16.93 46.41 -1.97
CA LEU A 58 -18.02 47.36 -2.11
C LEU A 58 -17.81 48.51 -1.14
N ARG A 59 -18.42 49.64 -1.47
CA ARG A 59 -18.38 50.85 -0.65
C ARG A 59 -19.79 51.22 -0.20
N ASP A 60 -19.97 51.39 1.10
CA ASP A 60 -21.23 51.84 1.68
C ASP A 60 -20.90 53.09 2.46
N GLY A 61 -21.08 54.25 1.81
CA GLY A 61 -20.69 55.50 2.40
C GLY A 61 -19.20 55.58 2.64
N ASP A 62 -18.81 55.58 3.92
CA ASP A 62 -17.41 55.57 4.33
C ASP A 62 -16.97 54.19 4.83
N THR A 63 -17.75 53.15 4.55
CA THR A 63 -17.49 51.81 5.05
C THR A 63 -17.04 50.93 3.89
N LEU A 64 -16.04 50.09 4.14
CA LEU A 64 -15.55 49.14 3.15
C LEU A 64 -16.12 47.76 3.40
N LEU A 65 -16.96 47.30 2.47
CA LEU A 65 -17.60 45.99 2.56
C LEU A 65 -16.84 45.05 1.61
N VAL A 66 -16.17 44.05 2.16
CA VAL A 66 -15.38 43.11 1.36
C VAL A 66 -16.17 41.82 1.24
N GLN A 67 -16.66 41.52 0.04
CA GLN A 67 -17.42 40.30 -0.21
C GLN A 67 -16.52 39.27 -0.87
N VAL A 68 -16.32 38.14 -0.19
CA VAL A 68 -15.42 37.09 -0.65
C VAL A 68 -16.17 35.77 -0.64
N LYS A 69 -16.02 34.99 -1.71
CA LYS A 69 -16.58 33.65 -1.78
C LYS A 69 -15.43 32.68 -1.64
N GLU A 70 -15.24 32.14 -0.43
CA GLU A 70 -14.16 31.20 -0.20
C GLU A 70 -14.34 29.95 -1.06
N ARG A 71 -13.22 29.40 -1.51
CA ARG A 71 -13.26 28.18 -2.29
C ARG A 71 -13.93 27.07 -1.47
N PRO A 72 -15.04 26.49 -1.93
CA PRO A 72 -15.82 25.61 -1.05
C PRO A 72 -14.94 24.53 -0.42
N THR A 73 -15.37 24.00 0.72
CA THR A 73 -14.62 22.99 1.43
C THR A 73 -15.16 21.61 1.10
N ILE A 74 -14.26 20.64 0.99
CA ILE A 74 -14.67 19.27 0.74
C ILE A 74 -15.28 18.70 2.01
N ALA A 75 -16.53 18.26 1.90
CA ALA A 75 -17.22 17.65 3.03
C ALA A 75 -16.94 16.15 3.09
N SER A 76 -17.01 15.47 1.96
CA SER A 76 -16.73 14.05 1.90
C SER A 76 -16.30 13.68 0.51
N ILE A 77 -15.51 12.62 0.40
CA ILE A 77 -15.05 12.08 -0.86
C ILE A 77 -15.56 10.65 -0.95
N THR A 78 -16.35 10.36 -1.98
CA THR A 78 -16.96 9.06 -2.17
C THR A 78 -16.49 8.44 -3.49
N PHE A 79 -15.75 7.34 -3.41
CA PHE A 79 -15.31 6.61 -4.59
C PHE A 79 -16.38 5.59 -4.94
N SER A 80 -17.15 5.87 -5.99
CA SER A 80 -18.25 5.01 -6.39
C SER A 80 -17.94 4.40 -7.75
N GLY A 81 -18.09 3.09 -7.85
CA GLY A 81 -17.90 2.35 -9.07
C GLY A 81 -16.58 1.61 -9.14
N ASN A 82 -15.60 1.96 -8.31
CA ASN A 82 -14.34 1.24 -8.31
C ASN A 82 -14.57 -0.16 -7.79
N LYS A 83 -14.03 -1.16 -8.49
CA LYS A 83 -14.19 -2.55 -8.10
C LYS A 83 -12.87 -3.26 -7.84
N SER A 84 -11.81 -2.94 -8.56
CA SER A 84 -10.53 -3.61 -8.34
C SER A 84 -9.63 -2.80 -7.42
N VAL A 85 -9.56 -1.49 -7.59
CA VAL A 85 -8.76 -0.67 -6.69
C VAL A 85 -9.60 -0.42 -5.44
N LYS A 86 -9.03 -0.70 -4.27
CA LYS A 86 -9.81 -0.58 -3.06
C LYS A 86 -9.84 0.87 -2.57
N ASP A 87 -10.88 1.18 -1.79
CA ASP A 87 -11.13 2.56 -1.42
C ASP A 87 -9.97 3.13 -0.61
N ASP A 88 -9.44 2.34 0.33
CA ASP A 88 -8.36 2.85 1.17
C ASP A 88 -7.15 3.20 0.32
N MET A 89 -6.80 2.31 -0.62
CA MET A 89 -5.64 2.56 -1.47
C MET A 89 -5.87 3.83 -2.27
N LEU A 90 -6.95 3.84 -3.05
CA LEU A 90 -7.26 5.00 -3.88
C LEU A 90 -7.37 6.25 -3.02
N LYS A 91 -7.93 6.10 -1.82
CA LYS A 91 -8.04 7.24 -0.91
C LYS A 91 -6.66 7.76 -0.53
N GLN A 92 -5.73 6.85 -0.22
CA GLN A 92 -4.38 7.28 0.09
C GLN A 92 -3.73 7.98 -1.09
N ASN A 93 -3.94 7.45 -2.30
CA ASN A 93 -3.35 8.08 -3.48
C ASN A 93 -3.89 9.49 -3.68
N LEU A 94 -5.20 9.66 -3.54
CA LEU A 94 -5.79 10.99 -3.68
C LEU A 94 -5.33 11.91 -2.56
N GLU A 95 -5.14 11.38 -1.35
CA GLU A 95 -4.60 12.21 -0.28
C GLU A 95 -3.20 12.68 -0.65
N ALA A 96 -2.38 11.77 -1.19
CA ALA A 96 -1.03 12.13 -1.60
C ALA A 96 -1.08 13.20 -2.68
N SER A 97 -2.12 13.19 -3.51
CA SER A 97 -2.23 14.20 -4.54
C SER A 97 -2.57 15.58 -3.99
N GLY A 98 -2.92 15.68 -2.70
CA GLY A 98 -3.23 16.96 -2.09
C GLY A 98 -4.70 17.26 -1.88
N VAL A 99 -5.59 16.30 -2.11
CA VAL A 99 -7.03 16.49 -1.94
C VAL A 99 -7.48 15.66 -0.74
N ARG A 100 -8.12 16.33 0.22
CA ARG A 100 -8.59 15.67 1.44
C ARG A 100 -9.77 16.45 1.99
N VAL A 101 -10.56 15.78 2.82
CA VAL A 101 -11.71 16.40 3.44
C VAL A 101 -11.33 17.60 4.28
N GLY A 102 -12.02 18.70 4.07
CA GLY A 102 -11.70 19.93 4.75
C GLY A 102 -10.85 20.89 3.96
N GLU A 103 -9.91 20.36 3.16
CA GLU A 103 -9.06 21.20 2.32
C GLU A 103 -9.95 21.92 1.31
N SER A 104 -9.63 23.17 1.01
CA SER A 104 -10.39 23.93 0.03
C SER A 104 -10.20 23.32 -1.36
N LEU A 105 -11.30 23.18 -2.10
CA LEU A 105 -11.29 22.54 -3.41
C LEU A 105 -10.96 23.57 -4.48
N ASP A 106 -9.71 23.54 -4.92
CA ASP A 106 -9.26 24.34 -6.05
C ASP A 106 -9.79 23.70 -7.34
N ARG A 107 -10.88 24.25 -7.86
CA ARG A 107 -11.57 23.62 -8.99
C ARG A 107 -10.70 23.57 -10.24
N THR A 108 -9.63 24.35 -10.28
CA THR A 108 -8.69 24.38 -11.39
C THR A 108 -7.80 23.17 -11.44
N THR A 109 -8.03 22.14 -10.62
CA THR A 109 -7.18 20.96 -10.62
C THR A 109 -7.98 19.65 -10.64
N ILE A 110 -9.31 19.71 -10.72
CA ILE A 110 -10.08 18.48 -10.65
C ILE A 110 -9.67 17.57 -11.79
N ALA A 111 -9.55 18.13 -13.00
CA ALA A 111 -9.08 17.35 -14.14
C ALA A 111 -7.77 16.67 -13.80
N ASP A 112 -6.84 17.42 -13.21
CA ASP A 112 -5.55 16.89 -12.84
C ASP A 112 -5.70 15.65 -11.97
N ILE A 113 -6.46 15.77 -10.87
CA ILE A 113 -6.59 14.62 -9.97
C ILE A 113 -7.23 13.45 -10.70
N GLU A 114 -8.20 13.73 -11.57
CA GLU A 114 -8.80 12.67 -12.38
C GLU A 114 -7.73 11.92 -13.16
N LYS A 115 -6.90 12.68 -13.90
CA LYS A 115 -5.79 12.08 -14.62
C LYS A 115 -4.89 11.29 -13.68
N GLY A 116 -4.57 11.84 -12.51
CA GLY A 116 -3.75 11.13 -11.55
C GLY A 116 -4.34 9.77 -11.20
N LEU A 117 -5.64 9.74 -10.94
CA LEU A 117 -6.32 8.48 -10.66
C LEU A 117 -6.17 7.51 -11.82
N GLU A 118 -6.40 8.01 -13.04
CA GLU A 118 -6.18 7.17 -14.21
C GLU A 118 -4.75 6.64 -14.23
N ASP A 119 -3.78 7.50 -13.93
CA ASP A 119 -2.38 7.07 -13.87
C ASP A 119 -2.23 5.91 -12.90
N PHE A 120 -2.88 6.02 -11.74
CA PHE A 120 -2.78 4.93 -10.77
C PHE A 120 -3.33 3.66 -11.38
N TYR A 121 -4.48 3.76 -12.07
CA TYR A 121 -5.02 2.57 -12.71
C TYR A 121 -4.04 2.01 -13.72
N TYR A 122 -3.29 2.90 -14.39
CA TYR A 122 -2.28 2.45 -15.32
C TYR A 122 -1.24 1.62 -14.58
N SER A 123 -0.90 2.06 -13.38
CA SER A 123 0.06 1.33 -12.54
C SER A 123 -0.54 0.03 -12.05
N VAL A 124 -1.86 -0.11 -12.14
CA VAL A 124 -2.55 -1.32 -11.71
C VAL A 124 -2.72 -2.32 -12.85
N GLY A 125 -2.44 -1.92 -14.09
CA GLY A 125 -2.62 -2.76 -15.25
C GLY A 125 -3.95 -2.57 -15.96
N LYS A 126 -4.54 -1.38 -15.85
CA LYS A 126 -5.83 -1.03 -16.46
C LYS A 126 -5.54 0.28 -17.19
N TYR A 127 -5.13 0.17 -18.45
CA TYR A 127 -4.83 1.36 -19.23
C TYR A 127 -6.05 2.02 -19.84
N SER A 128 -7.09 1.28 -20.17
CA SER A 128 -8.29 1.87 -20.77
C SER A 128 -9.35 2.12 -19.70
N ALA A 129 -8.99 2.88 -18.67
CA ALA A 129 -9.92 3.25 -17.61
C ALA A 129 -10.22 4.74 -17.66
N SER A 130 -11.48 5.06 -17.34
CA SER A 130 -11.98 6.42 -17.38
C SER A 130 -12.38 6.89 -15.99
N VAL A 131 -12.20 8.18 -15.73
CA VAL A 131 -12.46 8.77 -14.42
C VAL A 131 -13.21 10.08 -14.65
N LYS A 132 -14.22 10.33 -13.82
CA LYS A 132 -14.93 11.61 -13.87
C LYS A 132 -15.27 12.09 -12.46
N ALA A 133 -15.17 13.41 -12.26
CA ALA A 133 -15.43 14.05 -10.98
C ALA A 133 -16.75 14.81 -11.05
N VAL A 134 -17.64 14.53 -10.11
CA VAL A 134 -18.94 15.18 -9.97
C VAL A 134 -18.93 16.02 -8.70
N VAL A 135 -19.19 17.32 -8.85
CA VAL A 135 -19.15 18.28 -7.76
C VAL A 135 -20.59 18.67 -7.42
N THR A 136 -21.04 18.24 -6.25
CA THR A 136 -22.40 18.46 -5.75
C THR A 136 -22.41 19.52 -4.65
N PRO A 137 -23.09 20.65 -4.85
CA PRO A 137 -23.09 21.72 -3.84
C PRO A 137 -23.95 21.35 -2.64
N LEU A 138 -23.41 21.64 -1.45
CA LEU A 138 -24.09 21.42 -0.19
C LEU A 138 -24.55 22.74 0.44
N PRO A 139 -25.35 22.68 1.52
CA PRO A 139 -25.85 23.91 2.15
C PRO A 139 -24.84 24.88 2.77
N ARG A 140 -23.98 24.42 3.68
CA ARG A 140 -22.95 25.30 4.24
C ARG A 140 -21.75 25.47 3.32
N ASN A 141 -21.98 25.65 2.02
CA ASN A 141 -20.89 26.01 1.11
C ASN A 141 -19.77 24.99 1.27
N ARG A 142 -20.16 23.72 1.35
CA ARG A 142 -19.21 22.60 1.36
C ARG A 142 -19.55 21.85 0.07
N VAL A 143 -18.81 20.80 -0.28
CA VAL A 143 -19.05 20.01 -1.47
C VAL A 143 -18.63 18.57 -1.22
N ASP A 144 -19.38 17.65 -1.81
CA ASP A 144 -19.04 16.23 -1.82
C ASP A 144 -18.40 15.90 -3.15
N LEU A 145 -17.22 15.32 -3.13
CA LEU A 145 -16.46 15.05 -4.34
C LEU A 145 -16.55 13.55 -4.58
N LYS A 146 -17.53 13.16 -5.39
CA LYS A 146 -17.75 11.76 -5.73
C LYS A 146 -17.02 11.46 -7.04
N LEU A 147 -16.08 10.53 -6.98
CA LEU A 147 -15.29 10.10 -8.13
C LEU A 147 -15.91 8.82 -8.68
N VAL A 148 -16.55 8.94 -9.84
CA VAL A 148 -17.18 7.80 -10.49
C VAL A 148 -16.16 7.14 -11.39
N PHE A 149 -16.02 5.83 -11.26
CA PHE A 149 -14.98 5.06 -11.90
C PHE A 149 -15.58 4.09 -12.92
N GLN A 150 -15.04 4.14 -14.14
CA GLN A 150 -15.38 3.18 -15.19
C GLN A 150 -14.10 2.41 -15.50
N GLU A 151 -13.90 1.32 -14.78
CA GLU A 151 -12.70 0.53 -14.94
C GLU A 151 -12.73 -0.21 -16.27
N GLY A 152 -11.66 -0.08 -17.03
CA GLY A 152 -11.56 -0.76 -18.31
C GLY A 152 -11.24 -2.24 -18.17
N VAL A 153 -11.40 -2.95 -19.28
CA VAL A 153 -11.06 -4.37 -19.30
C VAL A 153 -9.55 -4.51 -19.12
N SER A 154 -9.16 -5.36 -18.19
CA SER A 154 -7.75 -5.46 -17.83
C SER A 154 -6.92 -5.96 -19.01
N ALA A 155 -5.69 -5.48 -19.08
CA ALA A 155 -4.75 -5.90 -20.11
C ALA A 155 -4.16 -7.25 -19.74
N GLU A 156 -4.14 -8.18 -20.70
CA GLU A 156 -3.68 -9.54 -20.47
C GLU A 156 -2.50 -9.84 -21.38
N ILE A 157 -1.66 -10.76 -20.94
CA ILE A 157 -0.45 -11.12 -21.67
C ILE A 157 -0.84 -12.06 -22.81
N GLN A 158 -0.55 -11.65 -24.03
CA GLN A 158 -0.81 -12.48 -25.19
C GLN A 158 0.35 -13.38 -25.56
N GLN A 159 1.56 -13.08 -25.08
CA GLN A 159 2.72 -13.87 -25.44
C GLN A 159 3.88 -13.53 -24.52
N ILE A 160 4.68 -14.54 -24.19
CA ILE A 160 5.98 -14.35 -23.56
C ILE A 160 7.00 -15.07 -24.43
N ASN A 161 7.92 -14.31 -25.00
CA ASN A 161 8.86 -14.83 -26.00
C ASN A 161 10.28 -14.68 -25.48
N ILE A 162 11.08 -15.72 -25.70
CA ILE A 162 12.50 -15.71 -25.35
C ILE A 162 13.28 -15.97 -26.63
N VAL A 163 14.20 -15.07 -26.95
CA VAL A 163 14.98 -15.14 -28.19
C VAL A 163 16.43 -15.43 -27.82
N GLY A 164 17.02 -16.42 -28.46
CA GLY A 164 18.37 -16.83 -28.17
C GLY A 164 18.51 -18.07 -27.32
N ASN A 165 17.42 -18.78 -27.04
CA ASN A 165 17.46 -19.99 -26.24
C ASN A 165 17.54 -21.19 -27.17
N HIS A 166 18.60 -21.98 -27.01
CA HIS A 166 18.78 -23.20 -27.79
C HIS A 166 18.97 -24.44 -26.93
N ALA A 167 19.44 -24.30 -25.69
CA ALA A 167 19.58 -25.45 -24.81
C ALA A 167 18.23 -25.90 -24.25
N PHE A 168 17.33 -24.96 -23.99
CA PHE A 168 16.04 -25.25 -23.39
C PHE A 168 14.94 -24.61 -24.23
N THR A 169 13.83 -25.33 -24.37
CA THR A 169 12.71 -24.80 -25.13
C THR A 169 12.03 -23.66 -24.37
N THR A 170 11.33 -22.81 -25.12
CA THR A 170 10.69 -21.65 -24.52
C THR A 170 9.63 -22.06 -23.51
N ASP A 171 8.87 -23.11 -23.83
CA ASP A 171 7.79 -23.53 -22.94
C ASP A 171 8.33 -23.89 -21.56
N GLU A 172 9.39 -24.68 -21.51
CA GLU A 172 9.97 -25.07 -20.23
C GLU A 172 10.49 -23.86 -19.46
N LEU A 173 11.15 -22.93 -20.13
CA LEU A 173 11.70 -21.77 -19.44
C LEU A 173 10.62 -20.92 -18.82
N ILE A 174 9.53 -20.66 -19.57
CA ILE A 174 8.46 -19.80 -19.07
C ILE A 174 7.48 -20.52 -18.17
N SER A 175 7.55 -21.85 -18.10
CA SER A 175 6.67 -22.59 -17.20
C SER A 175 6.90 -22.20 -15.74
N HIS A 176 8.12 -21.80 -15.39
CA HIS A 176 8.42 -21.41 -14.02
C HIS A 176 8.07 -19.97 -13.71
N PHE A 177 7.71 -19.17 -14.71
CA PHE A 177 7.42 -17.76 -14.48
C PHE A 177 6.10 -17.57 -13.75
N GLN A 178 6.05 -16.53 -12.92
CA GLN A 178 4.79 -16.11 -12.32
C GLN A 178 3.84 -15.54 -13.36
N LEU A 179 4.34 -14.64 -14.20
CA LEU A 179 3.58 -14.16 -15.35
C LEU A 179 3.33 -15.32 -16.30
N ARG A 180 2.10 -15.45 -16.77
CA ARG A 180 1.73 -16.60 -17.57
C ARG A 180 1.00 -16.13 -18.82
N ASP A 181 1.32 -16.76 -19.95
CA ASP A 181 0.67 -16.41 -21.20
C ASP A 181 -0.69 -17.10 -21.32
N GLU A 182 -0.72 -18.40 -21.07
CA GLU A 182 -1.93 -19.21 -21.12
C GLU A 182 -2.24 -19.75 -19.73
N VAL A 183 -3.52 -19.80 -19.41
CA VAL A 183 -4.00 -20.35 -18.14
C VAL A 183 -4.68 -21.68 -18.44
N PRO A 184 -4.21 -22.80 -17.88
CA PRO A 184 -4.84 -24.09 -18.16
C PRO A 184 -6.32 -24.07 -17.77
N TRP A 185 -7.12 -24.79 -18.57
CA TRP A 185 -8.57 -24.80 -18.34
C TRP A 185 -8.91 -25.21 -16.92
N TRP A 186 -8.12 -26.09 -16.32
CA TRP A 186 -8.37 -26.53 -14.95
C TRP A 186 -7.86 -25.54 -13.92
N ASN A 187 -7.08 -24.55 -14.32
CA ASN A 187 -6.58 -23.54 -13.38
C ASN A 187 -7.49 -22.32 -13.41
N VAL A 188 -8.68 -22.50 -12.82
CA VAL A 188 -9.67 -21.43 -12.81
C VAL A 188 -9.16 -20.23 -12.01
N VAL A 189 -8.32 -20.47 -11.01
CA VAL A 189 -7.83 -19.38 -10.16
C VAL A 189 -6.70 -18.58 -10.82
N GLY A 190 -6.13 -19.07 -11.92
CA GLY A 190 -5.06 -18.35 -12.56
C GLY A 190 -5.56 -17.19 -13.39
N ASP A 191 -4.61 -16.37 -13.84
CA ASP A 191 -4.92 -15.19 -14.64
C ASP A 191 -3.73 -14.86 -15.52
N ARG A 192 -3.96 -14.01 -16.52
CA ARG A 192 -2.91 -13.56 -17.42
C ARG A 192 -2.51 -12.12 -17.15
N LYS A 193 -2.79 -11.63 -15.94
CA LYS A 193 -2.50 -10.25 -15.60
C LYS A 193 -0.99 -10.02 -15.60
N TYR A 194 -0.59 -8.79 -15.93
CA TYR A 194 0.82 -8.43 -15.96
C TYR A 194 1.14 -7.47 -14.83
N GLN A 195 2.22 -7.75 -14.10
CA GLN A 195 2.71 -6.92 -13.01
C GLN A 195 4.20 -6.70 -13.22
N LYS A 196 4.66 -5.45 -13.06
CA LYS A 196 6.07 -5.17 -13.27
C LYS A 196 6.95 -5.93 -12.27
N GLN A 197 6.50 -6.02 -11.02
CA GLN A 197 7.32 -6.70 -10.03
C GLN A 197 7.46 -8.16 -10.40
N LYS A 198 6.48 -8.68 -11.14
CA LYS A 198 6.52 -10.09 -11.43
C LYS A 198 7.44 -10.30 -12.62
N LEU A 199 7.47 -9.37 -13.56
CA LEU A 199 8.38 -9.55 -14.67
C LEU A 199 9.81 -9.50 -14.15
N ALA A 200 10.06 -8.63 -13.16
CA ALA A 200 11.39 -8.55 -12.56
C ALA A 200 11.76 -9.86 -11.88
N GLY A 201 10.80 -10.47 -11.19
CA GLY A 201 11.09 -11.74 -10.55
C GLY A 201 11.22 -12.88 -11.55
N ASP A 202 10.48 -12.82 -12.65
CA ASP A 202 10.60 -13.86 -13.67
C ASP A 202 11.94 -13.78 -14.35
N LEU A 203 12.44 -12.57 -14.60
CA LEU A 203 13.79 -12.43 -15.15
C LEU A 203 14.83 -12.98 -14.20
N GLU A 204 14.67 -12.73 -12.90
CA GLU A 204 15.59 -13.31 -11.94
C GLU A 204 15.48 -14.84 -11.91
N THR A 205 14.26 -15.35 -12.04
CA THR A 205 14.07 -16.80 -12.11
C THR A 205 14.77 -17.41 -13.32
N LEU A 206 14.66 -16.76 -14.48
CA LEU A 206 15.35 -17.26 -15.66
C LEU A 206 16.86 -17.23 -15.48
N ARG A 207 17.39 -16.15 -14.91
CA ARG A 207 18.83 -16.09 -14.68
C ARG A 207 19.27 -17.20 -13.74
N SER A 208 18.51 -17.43 -12.66
CA SER A 208 18.86 -18.51 -11.75
C SER A 208 18.78 -19.87 -12.41
N TYR A 209 17.75 -20.10 -13.23
CA TYR A 209 17.62 -21.38 -13.92
C TYR A 209 18.83 -21.65 -14.81
N TYR A 210 19.27 -20.62 -15.54
CA TYR A 210 20.39 -20.85 -16.44
C TYR A 210 21.68 -20.99 -15.68
N LEU A 211 21.85 -20.27 -14.57
CA LEU A 211 23.10 -20.42 -13.86
C LEU A 211 23.11 -21.74 -13.09
N ASP A 212 21.93 -22.23 -12.68
CA ASP A 212 21.87 -23.48 -11.96
C ASP A 212 22.02 -24.69 -12.85
N ARG A 213 21.96 -24.54 -14.18
CA ARG A 213 22.12 -25.71 -15.03
C ARG A 213 23.49 -25.73 -15.69
N GLY A 214 24.35 -24.78 -15.34
CA GLY A 214 25.72 -24.69 -15.78
C GLY A 214 25.88 -23.69 -16.91
N TYR A 215 25.99 -22.40 -16.59
CA TYR A 215 26.19 -21.37 -17.59
C TYR A 215 26.77 -20.13 -16.94
N ALA A 216 28.06 -20.14 -16.66
CA ALA A 216 28.64 -19.00 -15.94
C ALA A 216 28.56 -17.71 -16.75
N ARG A 217 28.49 -17.78 -18.07
CA ARG A 217 28.47 -16.59 -18.91
C ARG A 217 27.07 -16.17 -19.33
N PHE A 218 26.02 -16.74 -18.73
CA PHE A 218 24.67 -16.39 -19.12
C PHE A 218 24.44 -14.89 -18.93
N ASN A 219 23.78 -14.27 -19.92
CA ASN A 219 23.49 -12.85 -19.86
C ASN A 219 22.17 -12.55 -20.55
N ILE A 220 21.38 -11.66 -19.94
CA ILE A 220 20.12 -11.20 -20.51
C ILE A 220 20.40 -9.89 -21.25
N ASP A 221 20.41 -9.94 -22.58
CA ASP A 221 20.75 -8.75 -23.35
C ASP A 221 19.76 -7.62 -23.10
N SER A 222 18.46 -7.91 -23.09
CA SER A 222 17.46 -6.87 -22.90
C SER A 222 16.10 -7.52 -22.71
N THR A 223 15.13 -6.71 -22.34
CA THR A 223 13.74 -7.13 -22.20
C THR A 223 12.82 -6.03 -22.70
N GLN A 224 11.79 -6.41 -23.44
CA GLN A 224 10.86 -5.47 -24.04
C GLN A 224 9.44 -5.82 -23.61
N VAL A 225 8.68 -4.80 -23.24
CA VAL A 225 7.26 -4.94 -22.91
C VAL A 225 6.48 -3.99 -23.81
N SER A 226 5.46 -4.51 -24.48
CA SER A 226 4.71 -3.75 -25.46
C SER A 226 3.21 -3.93 -25.22
N LEU A 227 2.43 -2.95 -25.66
CA LEU A 227 0.98 -3.00 -25.59
C LEU A 227 0.39 -3.06 -26.99
N THR A 228 -0.77 -3.68 -27.10
CA THR A 228 -1.50 -3.65 -28.35
C THR A 228 -2.13 -2.26 -28.52
N PRO A 229 -2.28 -1.78 -29.76
CA PRO A 229 -2.92 -0.48 -29.97
C PRO A 229 -4.13 -0.20 -29.09
N ASP A 230 -5.07 -1.15 -29.02
CA ASP A 230 -6.22 -1.01 -28.12
C ASP A 230 -5.84 -1.15 -26.66
N LYS A 231 -4.61 -1.54 -26.36
CA LYS A 231 -4.10 -1.60 -24.98
C LYS A 231 -4.87 -2.58 -24.12
N LYS A 232 -5.37 -3.67 -24.70
CA LYS A 232 -5.91 -4.76 -23.92
C LYS A 232 -5.09 -6.04 -24.07
N GLY A 233 -3.92 -5.95 -24.69
CA GLY A 233 -3.00 -7.07 -24.74
C GLY A 233 -1.59 -6.61 -24.48
N ILE A 234 -0.78 -7.52 -23.94
CA ILE A 234 0.59 -7.23 -23.53
C ILE A 234 1.50 -8.28 -24.13
N TYR A 235 2.65 -7.85 -24.65
CA TYR A 235 3.65 -8.74 -25.19
C TYR A 235 4.95 -8.55 -24.43
N VAL A 236 5.61 -9.65 -24.09
CA VAL A 236 6.86 -9.63 -23.36
C VAL A 236 7.90 -10.39 -24.17
N THR A 237 9.07 -9.79 -24.35
CA THR A 237 10.18 -10.42 -25.06
C THR A 237 11.42 -10.33 -24.20
N VAL A 238 12.20 -11.41 -24.18
CA VAL A 238 13.45 -11.48 -23.43
C VAL A 238 14.54 -11.94 -24.38
N ASN A 239 15.53 -11.09 -24.61
CA ASN A 239 16.68 -11.42 -25.44
C ASN A 239 17.83 -11.84 -24.54
N ILE A 240 18.31 -13.07 -24.73
CA ILE A 240 19.30 -13.66 -23.84
C ILE A 240 20.47 -14.19 -24.66
N THR A 241 21.55 -14.51 -23.96
CA THR A 241 22.73 -15.13 -24.56
C THR A 241 23.15 -16.27 -23.65
N GLU A 242 22.96 -17.51 -24.12
CA GLU A 242 23.27 -18.66 -23.28
C GLU A 242 24.76 -18.72 -22.93
N GLY A 243 25.62 -18.46 -23.91
CA GLY A 243 27.03 -18.69 -23.70
C GLY A 243 27.38 -20.14 -23.95
N ASP A 244 28.01 -20.79 -22.97
CA ASP A 244 28.35 -22.20 -23.08
C ASP A 244 28.45 -22.78 -21.67
N GLN A 245 28.41 -24.11 -21.61
CA GLN A 245 28.41 -24.81 -20.34
C GLN A 245 29.83 -24.91 -19.76
N TYR A 246 29.92 -24.72 -18.45
CA TYR A 246 31.21 -24.71 -17.75
C TYR A 246 31.24 -25.78 -16.67
N LYS A 247 32.45 -26.20 -16.32
CA LYS A 247 32.69 -27.17 -15.26
C LYS A 247 33.56 -26.56 -14.18
N LEU A 248 33.43 -27.08 -12.96
CA LEU A 248 34.17 -26.57 -11.82
C LEU A 248 35.56 -27.19 -11.77
N SER A 249 36.58 -26.36 -11.61
CA SER A 249 37.95 -26.85 -11.48
C SER A 249 38.36 -27.04 -10.03
N GLY A 250 37.97 -26.13 -9.14
CA GLY A 250 38.31 -26.27 -7.74
C GLY A 250 37.82 -25.06 -6.97
N VAL A 251 37.68 -25.27 -5.66
CA VAL A 251 37.32 -24.20 -4.72
C VAL A 251 38.44 -24.08 -3.71
N GLU A 252 39.00 -22.88 -3.58
CA GLU A 252 40.08 -22.61 -2.64
C GLU A 252 39.66 -21.45 -1.75
N VAL A 253 39.69 -21.68 -0.44
CA VAL A 253 39.25 -20.70 0.54
C VAL A 253 40.48 -20.01 1.12
N SER A 254 40.37 -18.70 1.35
CA SER A 254 41.47 -17.92 1.88
C SER A 254 40.92 -16.89 2.86
N GLY A 255 41.82 -16.24 3.58
CA GLY A 255 41.47 -15.20 4.50
C GLY A 255 41.70 -15.61 5.95
N ASN A 256 40.96 -14.95 6.84
CA ASN A 256 41.05 -15.21 8.28
C ASN A 256 39.96 -16.21 8.63
N LEU A 257 40.32 -17.49 8.62
CA LEU A 257 39.38 -18.56 8.92
C LEU A 257 39.21 -18.80 10.41
N ALA A 258 40.00 -18.14 11.26
CA ALA A 258 39.86 -18.25 12.71
C ALA A 258 40.07 -19.68 13.20
N GLY A 259 40.92 -20.43 12.51
CA GLY A 259 41.24 -21.78 12.93
C GLY A 259 40.24 -22.85 12.54
N HIS A 260 39.19 -22.49 11.80
CA HIS A 260 38.18 -23.45 11.36
C HIS A 260 38.38 -23.87 9.91
N SER A 261 39.64 -23.97 9.46
CA SER A 261 39.89 -24.32 8.07
C SER A 261 39.42 -25.74 7.76
N ALA A 262 39.58 -26.67 8.71
CA ALA A 262 39.25 -28.06 8.43
C ALA A 262 37.77 -28.22 8.09
N GLU A 263 36.90 -27.58 8.87
CA GLU A 263 35.47 -27.72 8.62
C GLU A 263 35.04 -26.92 7.42
N ILE A 264 35.58 -25.71 7.24
CA ILE A 264 35.18 -24.90 6.09
C ILE A 264 35.57 -25.62 4.81
N GLU A 265 36.80 -26.16 4.76
CA GLU A 265 37.23 -26.92 3.60
C GLU A 265 36.39 -28.18 3.41
N GLN A 266 35.89 -28.77 4.49
CA GLN A 266 34.98 -29.90 4.31
C GLN A 266 33.63 -29.45 3.76
N LEU A 267 33.22 -28.21 4.04
CA LEU A 267 32.00 -27.68 3.44
C LEU A 267 32.16 -27.43 1.96
N THR A 268 33.34 -27.02 1.50
CA THR A 268 33.57 -26.72 0.09
C THR A 268 34.18 -27.94 -0.60
N LYS A 269 33.33 -28.94 -0.81
CA LYS A 269 33.70 -30.17 -1.50
C LYS A 269 32.95 -30.26 -2.82
N ILE A 270 33.67 -30.63 -3.87
CA ILE A 270 33.09 -30.75 -5.20
C ILE A 270 33.57 -32.05 -5.82
N GLU A 271 32.70 -32.71 -6.56
CA GLU A 271 33.10 -33.86 -7.36
C GLU A 271 33.94 -33.37 -8.53
N PRO A 272 35.16 -33.89 -8.71
CA PRO A 272 36.00 -33.39 -9.82
C PRO A 272 35.29 -33.41 -11.16
N GLY A 273 35.19 -32.24 -11.80
CA GLY A 273 34.57 -32.14 -13.10
C GLY A 273 33.08 -31.98 -13.11
N GLU A 274 32.47 -31.58 -12.00
CA GLU A 274 31.03 -31.38 -11.98
C GLU A 274 30.67 -30.06 -12.65
N LEU A 275 29.40 -29.96 -13.05
CA LEU A 275 28.91 -28.76 -13.70
C LEU A 275 28.82 -27.61 -12.71
N TYR A 276 29.10 -26.40 -13.20
CA TYR A 276 28.97 -25.22 -12.37
C TYR A 276 27.53 -25.06 -11.93
N ASN A 277 27.33 -24.46 -10.76
CA ASN A 277 26.00 -24.31 -10.21
C ASN A 277 25.98 -23.10 -9.27
N GLY A 278 25.20 -22.08 -9.63
CA GLY A 278 25.17 -20.86 -8.85
C GLY A 278 24.55 -21.07 -7.47
N THR A 279 23.43 -21.80 -7.41
CA THR A 279 22.77 -21.98 -6.13
C THR A 279 23.64 -22.80 -5.18
N LYS A 280 24.43 -23.73 -5.70
CA LYS A 280 25.35 -24.46 -4.84
C LYS A 280 26.39 -23.53 -4.24
N VAL A 281 26.89 -22.58 -5.03
CA VAL A 281 27.86 -21.62 -4.51
C VAL A 281 27.21 -20.75 -3.43
N THR A 282 25.98 -20.30 -3.67
CA THR A 282 25.30 -19.52 -2.66
C THR A 282 25.10 -20.34 -1.38
N LYS A 283 24.76 -21.62 -1.52
CA LYS A 283 24.59 -22.45 -0.34
C LYS A 283 25.90 -22.70 0.38
N MET A 284 27.01 -22.80 -0.35
CA MET A 284 28.31 -22.90 0.32
C MET A 284 28.61 -21.64 1.11
N GLU A 285 28.34 -20.47 0.53
CA GLU A 285 28.52 -19.23 1.26
C GLU A 285 27.68 -19.24 2.54
N ASP A 286 26.40 -19.60 2.42
CA ASP A 286 25.51 -19.58 3.57
C ASP A 286 25.95 -20.60 4.62
N ASP A 287 26.43 -21.77 4.19
CA ASP A 287 26.88 -22.78 5.13
C ASP A 287 28.13 -22.31 5.88
N ILE A 288 29.05 -21.65 5.18
CA ILE A 288 30.22 -21.11 5.85
C ILE A 288 29.81 -20.05 6.86
N LYS A 289 28.87 -19.17 6.48
CA LYS A 289 28.40 -18.16 7.42
C LYS A 289 27.76 -18.81 8.64
N LYS A 290 26.95 -19.85 8.43
CA LYS A 290 26.33 -20.54 9.57
C LYS A 290 27.36 -21.19 10.45
N LEU A 291 28.37 -21.84 9.87
CA LEU A 291 29.40 -22.49 10.66
C LEU A 291 30.17 -21.48 11.48
N LEU A 292 30.51 -20.34 10.90
CA LEU A 292 31.18 -19.29 11.66
C LEU A 292 30.28 -18.76 12.76
N GLY A 293 28.99 -18.61 12.48
CA GLY A 293 28.08 -18.12 13.49
C GLY A 293 27.96 -19.04 14.68
N ARG A 294 28.07 -20.35 14.46
CA ARG A 294 28.03 -21.29 15.59
C ARG A 294 29.08 -21.01 16.63
N TYR A 295 30.18 -20.36 16.26
CA TYR A 295 31.28 -20.11 17.17
C TYR A 295 31.35 -18.67 17.64
N GLY A 296 30.30 -17.89 17.43
CA GLY A 296 30.25 -16.51 17.90
C GLY A 296 30.62 -15.46 16.89
N TYR A 297 31.05 -15.84 15.69
CA TYR A 297 31.39 -14.87 14.65
C TYR A 297 30.10 -14.47 13.95
N ALA A 298 29.40 -13.51 14.56
CA ALA A 298 28.07 -13.15 14.10
C ALA A 298 28.10 -12.35 12.81
N TYR A 299 29.16 -11.60 12.57
CA TYR A 299 29.24 -10.68 11.43
C TYR A 299 30.52 -10.93 10.66
N PRO A 300 30.61 -12.06 9.96
CA PRO A 300 31.73 -12.30 9.05
C PRO A 300 31.39 -11.78 7.65
N ARG A 301 32.42 -11.66 6.83
CA ARG A 301 32.25 -11.30 5.42
C ARG A 301 32.76 -12.45 4.58
N VAL A 302 31.85 -13.06 3.82
CA VAL A 302 32.18 -14.18 2.95
C VAL A 302 31.74 -13.80 1.54
N GLN A 303 32.69 -13.68 0.63
CA GLN A 303 32.42 -13.27 -0.75
C GLN A 303 33.14 -14.22 -1.68
N SER A 304 32.41 -14.73 -2.67
CA SER A 304 32.95 -15.67 -3.64
C SER A 304 33.00 -15.02 -5.01
N MET A 305 34.11 -15.22 -5.71
CA MET A 305 34.25 -14.72 -7.07
C MET A 305 34.72 -15.88 -7.95
N PRO A 306 34.06 -16.13 -9.07
CA PRO A 306 34.51 -17.19 -9.96
C PRO A 306 35.55 -16.70 -10.96
N GLU A 307 36.71 -17.35 -10.98
CA GLU A 307 37.68 -17.13 -12.05
C GLU A 307 37.30 -18.04 -13.22
N ILE A 308 36.93 -17.44 -14.34
CA ILE A 308 36.45 -18.17 -15.50
C ILE A 308 37.59 -18.39 -16.48
N ASN A 309 37.57 -19.54 -17.15
CA ASN A 309 38.55 -19.90 -18.17
C ASN A 309 37.76 -20.26 -19.42
N ASP A 310 37.58 -19.28 -20.31
CA ASP A 310 36.79 -19.51 -21.51
C ASP A 310 37.47 -20.51 -22.44
N ALA A 311 38.79 -20.41 -22.59
CA ALA A 311 39.51 -21.33 -23.46
C ALA A 311 39.28 -22.78 -23.04
N ASP A 312 39.52 -23.08 -21.77
CA ASP A 312 39.24 -24.41 -21.26
C ASP A 312 37.75 -24.60 -20.92
N LYS A 313 37.02 -23.50 -20.76
CA LYS A 313 35.61 -23.55 -20.39
C LYS A 313 35.41 -24.23 -19.03
N THR A 314 36.18 -23.76 -18.05
CA THR A 314 36.07 -24.26 -16.69
C THR A 314 36.14 -23.08 -15.73
N VAL A 315 35.47 -23.21 -14.59
CA VAL A 315 35.35 -22.15 -13.61
C VAL A 315 35.96 -22.63 -12.30
N LYS A 316 36.80 -21.78 -11.71
CA LYS A 316 37.43 -22.06 -10.42
C LYS A 316 36.97 -21.00 -9.43
N LEU A 317 36.37 -21.45 -8.32
CA LEU A 317 35.81 -20.53 -7.35
C LEU A 317 36.87 -20.12 -6.34
N ARG A 318 37.03 -18.82 -6.14
CA ARG A 318 37.85 -18.27 -5.08
C ARG A 318 36.95 -17.67 -4.02
N VAL A 319 36.98 -18.24 -2.82
CA VAL A 319 36.13 -17.82 -1.71
C VAL A 319 37.01 -17.13 -0.68
N ASN A 320 36.74 -15.86 -0.42
CA ASN A 320 37.45 -15.09 0.59
C ASN A 320 36.57 -15.01 1.84
N VAL A 321 37.13 -15.45 2.96
CA VAL A 321 36.42 -15.49 4.25
C VAL A 321 37.18 -14.64 5.24
N ASP A 322 36.46 -13.76 5.93
CA ASP A 322 37.00 -13.00 7.07
C ASP A 322 36.01 -13.12 8.21
N ALA A 323 36.36 -13.91 9.23
CA ALA A 323 35.43 -14.17 10.32
C ALA A 323 35.13 -12.90 11.12
N GLY A 324 36.16 -12.11 11.43
CA GLY A 324 35.97 -10.93 12.23
C GLY A 324 36.11 -11.19 13.73
N ASN A 325 35.41 -10.39 14.53
CA ASN A 325 35.44 -10.54 15.98
C ASN A 325 34.44 -11.59 16.45
N ARG A 326 34.76 -12.23 17.57
CA ARG A 326 33.85 -13.16 18.23
C ARG A 326 32.92 -12.38 19.15
N PHE A 327 31.63 -12.44 18.88
CA PHE A 327 30.66 -11.59 19.55
C PHE A 327 30.14 -12.24 20.82
N TYR A 328 29.84 -11.40 21.81
CA TYR A 328 29.29 -11.83 23.08
C TYR A 328 27.91 -11.24 23.27
N VAL A 329 27.08 -11.94 24.01
CA VAL A 329 25.73 -11.46 24.32
C VAL A 329 25.80 -10.63 25.59
N ARG A 330 25.24 -9.42 25.53
CA ARG A 330 25.20 -8.53 26.68
C ARG A 330 23.88 -8.64 27.44
N LYS A 331 22.75 -8.66 26.74
CA LYS A 331 21.46 -8.83 27.38
C LYS A 331 20.54 -9.60 26.45
N ILE A 332 19.62 -10.35 27.04
CA ILE A 332 18.56 -11.03 26.31
C ILE A 332 17.25 -10.40 26.78
N ARG A 333 16.52 -9.81 25.86
CA ARG A 333 15.31 -9.06 26.18
C ARG A 333 14.11 -9.72 25.51
N PHE A 334 12.97 -9.65 26.19
CA PHE A 334 11.72 -10.22 25.69
C PHE A 334 10.68 -9.11 25.58
N GLU A 335 10.04 -9.02 24.42
CA GLU A 335 9.06 -7.99 24.14
C GLU A 335 7.74 -8.61 23.75
N GLY A 336 6.65 -8.02 24.21
CA GLY A 336 5.33 -8.51 23.90
C GLY A 336 4.73 -9.49 24.88
N ASN A 337 5.49 -9.91 25.90
CA ASN A 337 4.97 -10.83 26.90
C ASN A 337 4.20 -10.04 27.97
N ASP A 338 3.11 -9.43 27.53
CA ASP A 338 2.29 -8.64 28.45
C ASP A 338 1.63 -9.50 29.51
N THR A 339 1.29 -10.74 29.18
CA THR A 339 0.68 -11.66 30.14
C THR A 339 1.67 -12.66 30.71
N SER A 340 2.50 -13.27 29.87
CA SER A 340 3.41 -14.30 30.33
C SER A 340 4.47 -13.72 31.24
N LYS A 341 4.77 -14.43 32.32
CA LYS A 341 5.83 -14.02 33.21
C LYS A 341 7.17 -14.09 32.49
N ASP A 342 8.08 -13.20 32.87
CA ASP A 342 9.36 -13.13 32.17
C ASP A 342 10.14 -14.43 32.26
N ALA A 343 10.16 -15.05 33.44
CA ALA A 343 10.87 -16.31 33.61
C ALA A 343 10.31 -17.40 32.72
N VAL A 344 9.01 -17.36 32.44
CA VAL A 344 8.41 -18.37 31.57
C VAL A 344 9.09 -18.38 30.21
N LEU A 345 9.39 -17.21 29.67
CA LEU A 345 10.11 -17.13 28.41
C LEU A 345 11.60 -17.37 28.59
N ARG A 346 12.19 -16.89 29.69
CA ARG A 346 13.64 -16.94 29.84
C ARG A 346 14.13 -18.35 30.11
N ARG A 347 13.30 -19.21 30.70
CA ARG A 347 13.75 -20.55 31.02
C ARG A 347 13.80 -21.46 29.81
N GLU A 348 13.31 -21.01 28.66
CA GLU A 348 13.42 -21.76 27.42
C GLU A 348 14.67 -21.40 26.63
N MET A 349 15.51 -20.51 27.16
CA MET A 349 16.67 -20.03 26.42
C MET A 349 17.82 -21.01 26.56
N ARG A 350 18.45 -21.33 25.43
CA ARG A 350 19.70 -22.07 25.40
C ARG A 350 20.91 -21.17 25.34
N GLN A 351 20.73 -19.89 25.01
CA GLN A 351 21.81 -18.92 24.97
C GLN A 351 21.84 -18.17 26.30
N MET A 352 22.94 -18.31 27.02
CA MET A 352 23.11 -17.59 28.27
C MET A 352 23.36 -16.11 27.99
N GLU A 353 23.01 -15.28 28.98
CA GLU A 353 23.05 -13.83 28.75
C GLU A 353 24.49 -13.34 28.63
N GLY A 354 25.28 -13.51 29.68
CA GLY A 354 26.64 -13.03 29.65
C GLY A 354 27.64 -14.05 29.14
N ALA A 355 27.49 -14.50 27.91
CA ALA A 355 28.36 -15.54 27.36
C ALA A 355 28.52 -15.32 25.87
N TRP A 356 29.54 -15.97 25.31
CA TRP A 356 29.82 -15.82 23.89
C TRP A 356 28.68 -16.36 23.02
N LEU A 357 28.48 -15.69 21.90
CA LEU A 357 27.36 -15.91 21.00
C LEU A 357 27.56 -17.23 20.25
N GLY A 358 26.46 -17.91 19.93
CA GLY A 358 26.60 -19.00 18.96
C GLY A 358 25.55 -19.04 17.87
N SER A 359 24.46 -18.33 18.07
CA SER A 359 23.34 -18.28 17.12
C SER A 359 22.61 -19.62 16.97
N ASP A 360 23.33 -20.74 17.00
CA ASP A 360 22.61 -22.01 16.96
C ASP A 360 21.73 -22.11 18.19
N LEU A 361 22.27 -21.64 19.32
CA LEU A 361 21.55 -21.61 20.58
C LEU A 361 20.38 -20.63 20.52
N VAL A 362 20.57 -19.48 19.86
CA VAL A 362 19.48 -18.53 19.73
C VAL A 362 18.34 -19.14 18.93
N ASP A 363 18.65 -19.82 17.83
CA ASP A 363 17.60 -20.49 17.07
C ASP A 363 16.96 -21.61 17.88
N GLN A 364 17.76 -22.31 18.69
CA GLN A 364 17.18 -23.35 19.55
C GLN A 364 16.19 -22.75 20.54
N GLY A 365 16.55 -21.61 21.14
CA GLY A 365 15.62 -20.95 22.03
C GLY A 365 14.36 -20.50 21.33
N LYS A 366 14.51 -19.98 20.11
CA LYS A 366 13.34 -19.56 19.35
C LYS A 366 12.41 -20.73 19.08
N GLU A 367 12.96 -21.88 18.68
CA GLU A 367 12.10 -23.02 18.40
C GLU A 367 11.52 -23.61 19.67
N ARG A 368 12.24 -23.54 20.78
CA ARG A 368 11.67 -23.94 22.07
C ARG A 368 10.47 -23.08 22.40
N LEU A 369 10.59 -21.76 22.23
CA LEU A 369 9.47 -20.88 22.49
C LEU A 369 8.30 -21.19 21.58
N ASN A 370 8.58 -21.43 20.30
CA ASN A 370 7.51 -21.79 19.38
C ASN A 370 6.81 -23.07 19.80
N ARG A 371 7.60 -24.09 20.16
CA ARG A 371 7.04 -25.36 20.60
C ARG A 371 6.26 -25.23 21.88
N LEU A 372 6.52 -24.18 22.66
CA LEU A 372 5.80 -24.00 23.92
C LEU A 372 4.30 -23.89 23.69
N GLY A 373 3.90 -23.16 22.64
CA GLY A 373 2.51 -23.01 22.29
C GLY A 373 1.80 -21.84 22.93
N PHE A 374 2.49 -21.05 23.75
CA PHE A 374 1.86 -19.91 24.41
C PHE A 374 1.79 -18.68 23.54
N PHE A 375 2.53 -18.63 22.42
CA PHE A 375 2.67 -17.42 21.63
C PHE A 375 2.28 -17.70 20.19
N GLU A 376 1.55 -16.75 19.60
CA GLU A 376 1.14 -16.90 18.21
C GLU A 376 2.32 -16.73 17.27
N THR A 377 3.18 -15.75 17.54
CA THR A 377 4.34 -15.47 16.69
C THR A 377 5.55 -15.25 17.57
N VAL A 378 6.70 -15.75 17.12
CA VAL A 378 7.97 -15.55 17.81
C VAL A 378 9.01 -15.14 16.77
N ASP A 379 9.74 -14.08 17.06
CA ASP A 379 10.80 -13.60 16.18
C ASP A 379 12.01 -13.23 17.01
N THR A 380 13.18 -13.27 16.38
CA THR A 380 14.43 -12.96 17.04
C THR A 380 15.16 -11.86 16.28
N ASP A 381 15.88 -11.03 17.02
CA ASP A 381 16.63 -9.92 16.46
C ASP A 381 17.91 -9.76 17.24
N THR A 382 19.06 -9.93 16.58
CA THR A 382 20.36 -9.74 17.21
C THR A 382 20.85 -8.35 16.83
N GLN A 383 20.84 -7.44 17.79
CA GLN A 383 21.17 -6.04 17.56
C GLN A 383 22.55 -5.75 18.13
N ARG A 384 23.41 -5.17 17.30
CA ARG A 384 24.74 -4.80 17.77
C ARG A 384 24.64 -3.68 18.80
N VAL A 385 25.40 -3.80 19.87
CA VAL A 385 25.41 -2.76 20.91
C VAL A 385 26.12 -1.52 20.36
N PRO A 386 25.48 -0.35 20.37
CA PRO A 386 26.14 0.84 19.82
C PRO A 386 27.45 1.13 20.53
N GLY A 387 28.47 1.48 19.74
CA GLY A 387 29.76 1.81 20.30
C GLY A 387 30.51 0.64 20.90
N SER A 388 30.15 -0.58 20.54
CA SER A 388 30.81 -1.78 21.05
C SER A 388 31.14 -2.70 19.88
N PRO A 389 32.39 -3.12 19.72
CA PRO A 389 32.76 -3.97 18.58
C PRO A 389 32.57 -5.46 18.81
N ASP A 390 32.13 -5.88 19.99
CA ASP A 390 32.15 -7.30 20.36
C ASP A 390 30.90 -7.77 21.07
N GLN A 391 29.86 -6.95 21.16
CA GLN A 391 28.70 -7.30 21.96
C GLN A 391 27.42 -7.08 21.17
N VAL A 392 26.41 -7.88 21.50
CA VAL A 392 25.09 -7.81 20.87
C VAL A 392 24.03 -7.95 21.94
N ASP A 393 22.80 -7.58 21.58
CA ASP A 393 21.63 -7.81 22.40
C ASP A 393 20.65 -8.65 21.60
N VAL A 394 20.18 -9.74 22.18
CA VAL A 394 19.23 -10.63 21.52
C VAL A 394 17.85 -10.29 22.05
N VAL A 395 16.95 -9.91 21.14
CA VAL A 395 15.60 -9.49 21.50
C VAL A 395 14.62 -10.49 20.88
N TYR A 396 13.78 -11.10 21.71
CA TYR A 396 12.73 -11.98 21.26
C TYR A 396 11.39 -11.25 21.34
N LYS A 397 10.74 -11.08 20.20
CA LYS A 397 9.45 -10.39 20.13
C LYS A 397 8.37 -11.45 19.94
N VAL A 398 7.41 -11.48 20.86
CA VAL A 398 6.41 -12.53 20.88
C VAL A 398 5.04 -11.88 20.89
N LYS A 399 4.07 -12.58 20.33
CA LYS A 399 2.66 -12.20 20.39
C LYS A 399 1.91 -13.32 21.10
N GLU A 400 1.20 -12.99 22.17
CA GLU A 400 0.60 -13.99 23.02
C GLU A 400 -0.70 -14.51 22.43
N ARG A 401 -1.05 -15.74 22.77
CA ARG A 401 -2.22 -16.44 22.30
C ARG A 401 -3.25 -16.54 23.42
N ASN A 402 -4.41 -17.09 23.08
CA ASN A 402 -5.40 -17.50 24.06
C ASN A 402 -5.16 -18.98 24.32
N THR A 403 -4.43 -19.28 25.39
CA THR A 403 -4.09 -20.67 25.70
C THR A 403 -5.22 -21.41 26.40
N GLY A 404 -6.28 -20.71 26.78
CA GLY A 404 -7.38 -21.35 27.49
C GLY A 404 -8.45 -21.84 26.54
N SER A 405 -9.35 -22.67 27.08
CA SER A 405 -10.48 -23.17 26.33
C SER A 405 -11.61 -23.44 27.31
N PHE A 406 -12.84 -23.13 26.89
CA PHE A 406 -14.01 -23.25 27.73
C PHE A 406 -15.04 -24.15 27.06
N ASN A 407 -15.71 -24.97 27.87
CA ASN A 407 -16.79 -25.83 27.41
C ASN A 407 -17.98 -25.62 28.35
N PHE A 408 -19.16 -25.44 27.77
CA PHE A 408 -20.37 -25.22 28.55
C PHE A 408 -21.56 -25.80 27.81
N GLY A 409 -22.60 -26.14 28.58
CA GLY A 409 -23.82 -26.65 28.00
C GLY A 409 -24.81 -26.96 29.11
N ILE A 410 -26.06 -27.13 28.70
CA ILE A 410 -27.14 -27.51 29.60
C ILE A 410 -27.92 -28.65 28.95
N GLY A 411 -28.21 -29.68 29.72
CA GLY A 411 -28.86 -30.88 29.20
C GLY A 411 -30.37 -30.88 29.35
N TYR A 412 -30.89 -31.75 30.23
CA TYR A 412 -32.33 -31.85 30.39
C TYR A 412 -32.95 -30.55 30.88
N GLY A 413 -32.18 -29.68 31.51
CA GLY A 413 -32.70 -28.41 31.98
C GLY A 413 -33.38 -28.58 33.31
N THR A 414 -34.62 -28.10 33.42
CA THR A 414 -35.39 -28.17 34.65
C THR A 414 -36.41 -29.30 34.63
N GLU A 415 -36.34 -30.19 33.64
CA GLU A 415 -37.26 -31.32 33.59
C GLU A 415 -37.12 -32.19 34.83
N SER A 416 -35.90 -32.47 35.23
CA SER A 416 -35.61 -33.26 36.43
C SER A 416 -34.58 -32.48 37.26
N GLY A 417 -35.03 -31.80 38.30
CA GLY A 417 -34.11 -31.00 39.09
C GLY A 417 -33.44 -29.94 38.23
N VAL A 418 -32.12 -29.89 38.31
CA VAL A 418 -31.31 -28.98 37.51
C VAL A 418 -30.14 -29.75 36.93
N SER A 419 -29.59 -29.24 35.83
CA SER A 419 -28.50 -29.91 35.13
C SER A 419 -27.68 -28.87 34.39
N PHE A 420 -26.39 -29.16 34.26
CA PHE A 420 -25.47 -28.31 33.52
C PHE A 420 -24.15 -29.05 33.35
N GLN A 421 -23.30 -28.51 32.48
CA GLN A 421 -21.99 -29.09 32.21
C GLN A 421 -21.03 -27.96 31.94
N ALA A 422 -19.86 -28.01 32.59
CA ALA A 422 -18.89 -26.94 32.51
C ALA A 422 -17.48 -27.51 32.55
N GLY A 423 -16.54 -26.73 32.04
CA GLY A 423 -15.15 -27.11 32.08
C GLY A 423 -14.25 -26.03 31.54
N VAL A 424 -13.07 -25.88 32.15
CA VAL A 424 -12.07 -24.92 31.72
C VAL A 424 -10.70 -25.59 31.71
N GLN A 425 -9.87 -25.20 30.75
CA GLN A 425 -8.52 -25.73 30.63
C GLN A 425 -7.60 -24.62 30.20
N GLN A 426 -6.62 -24.30 31.04
CA GLN A 426 -5.64 -23.26 30.76
C GLN A 426 -4.26 -23.89 30.72
N ASP A 427 -3.45 -23.50 29.75
CA ASP A 427 -2.09 -23.99 29.66
C ASP A 427 -1.06 -23.02 30.23
N ASN A 428 -1.42 -21.76 30.39
CA ASN A 428 -0.54 -20.72 30.91
C ASN A 428 -1.26 -19.90 31.96
N TRP A 429 -1.87 -20.58 32.91
CA TRP A 429 -2.77 -19.92 33.86
C TRP A 429 -2.14 -18.65 34.42
N LEU A 430 -2.75 -17.52 34.11
CA LEU A 430 -2.31 -16.21 34.58
C LEU A 430 -0.85 -15.94 34.25
N GLY A 431 -0.38 -16.45 33.12
CA GLY A 431 0.97 -16.22 32.70
C GLY A 431 2.03 -16.81 33.61
N THR A 432 1.64 -17.70 34.51
CA THR A 432 2.58 -18.32 35.43
C THR A 432 3.19 -19.59 34.88
N GLY A 433 2.74 -20.07 33.73
CA GLY A 433 3.21 -21.31 33.17
C GLY A 433 2.51 -22.55 33.69
N TYR A 434 1.73 -22.42 34.76
CA TYR A 434 1.00 -23.55 35.29
C TYR A 434 -0.05 -24.01 34.29
N ALA A 435 -0.28 -25.32 34.25
CA ALA A 435 -1.34 -25.91 33.45
C ALA A 435 -2.44 -26.34 34.42
N VAL A 436 -3.58 -25.66 34.36
CA VAL A 436 -4.69 -25.88 35.27
C VAL A 436 -5.89 -26.33 34.46
N GLY A 437 -6.76 -27.12 35.10
CA GLY A 437 -7.95 -27.59 34.45
C GLY A 437 -9.01 -28.04 35.42
N ILE A 438 -10.24 -27.59 35.23
CA ILE A 438 -11.37 -27.98 36.06
C ILE A 438 -12.48 -28.47 35.14
N ASN A 439 -13.15 -29.54 35.54
CA ASN A 439 -14.28 -30.08 34.80
C ASN A 439 -15.36 -30.50 35.78
N GLY A 440 -16.60 -30.42 35.33
CA GLY A 440 -17.72 -30.82 36.16
C GLY A 440 -19.01 -31.00 35.39
N THR A 441 -19.89 -31.84 35.91
CA THR A 441 -21.23 -32.02 35.34
C THR A 441 -22.17 -32.35 36.48
N LYS A 442 -23.40 -31.85 36.38
CA LYS A 442 -24.42 -32.10 37.39
C LYS A 442 -25.73 -32.50 36.73
N ASN A 443 -26.36 -33.54 37.27
CA ASN A 443 -27.66 -34.00 36.82
C ASN A 443 -28.35 -34.67 38.00
N ASP A 444 -29.57 -35.11 37.78
CA ASP A 444 -30.25 -35.97 38.74
C ASP A 444 -29.78 -37.42 38.62
N TYR A 445 -29.07 -37.75 37.55
CA TYR A 445 -28.57 -39.10 37.31
C TYR A 445 -27.06 -39.22 37.39
N GLN A 446 -26.34 -38.11 37.61
CA GLN A 446 -24.89 -38.18 37.61
C GLN A 446 -24.31 -36.92 38.24
N THR A 447 -23.15 -37.08 38.89
CA THR A 447 -22.33 -35.99 39.37
C THR A 447 -20.89 -36.30 39.01
N TYR A 448 -20.13 -35.27 38.63
CA TYR A 448 -18.76 -35.47 38.19
C TYR A 448 -17.96 -34.21 38.49
N ALA A 449 -16.75 -34.40 39.01
CA ALA A 449 -15.83 -33.31 39.27
C ALA A 449 -14.41 -33.77 39.01
N GLU A 450 -13.58 -32.86 38.51
CA GLU A 450 -12.21 -33.21 38.16
C GLU A 450 -11.36 -31.95 38.21
N LEU A 451 -10.20 -32.05 38.85
CA LEU A 451 -9.26 -30.94 38.96
C LEU A 451 -7.88 -31.43 38.56
N SER A 452 -7.12 -30.58 37.90
CA SER A 452 -5.76 -30.92 37.48
C SER A 452 -4.89 -29.68 37.50
N VAL A 453 -3.74 -29.78 38.15
CA VAL A 453 -2.78 -28.67 38.24
C VAL A 453 -1.39 -29.23 38.01
N THR A 454 -0.66 -28.64 37.08
CA THR A 454 0.69 -29.10 36.73
C THR A 454 1.62 -27.92 36.66
N ASN A 455 2.76 -28.02 37.35
CA ASN A 455 3.83 -27.05 37.21
C ASN A 455 4.86 -27.61 36.25
N PRO A 456 5.02 -27.05 35.04
CA PRO A 456 5.99 -27.63 34.11
C PRO A 456 7.41 -27.52 34.58
N TYR A 457 7.75 -26.49 35.35
CA TYR A 457 9.10 -26.31 35.89
C TYR A 457 9.00 -26.30 37.40
N PHE A 458 8.96 -27.49 38.00
CA PHE A 458 9.10 -27.61 39.44
C PHE A 458 10.55 -27.49 39.87
N THR A 459 11.48 -27.70 38.95
CA THR A 459 12.89 -27.46 39.16
C THR A 459 13.42 -26.75 37.92
N VAL A 460 14.46 -25.93 38.11
CA VAL A 460 14.91 -25.08 37.01
C VAL A 460 15.26 -25.91 35.78
N ASP A 461 15.74 -27.14 35.98
CA ASP A 461 16.14 -27.97 34.85
C ASP A 461 14.97 -28.41 33.99
N GLY A 462 13.74 -28.30 34.49
CA GLY A 462 12.56 -28.71 33.74
C GLY A 462 11.75 -29.80 34.39
N VAL A 463 12.11 -30.27 35.58
CA VAL A 463 11.33 -31.31 36.24
C VAL A 463 9.94 -30.76 36.57
N SER A 464 8.92 -31.46 36.12
CA SER A 464 7.54 -31.04 36.29
C SER A 464 6.86 -31.89 37.36
N LEU A 465 5.96 -31.27 38.10
CA LEU A 465 5.18 -31.95 39.14
C LEU A 465 3.72 -31.65 38.91
N GLY A 466 2.89 -32.69 38.87
CA GLY A 466 1.49 -32.52 38.57
C GLY A 466 0.63 -33.36 39.50
N GLY A 467 -0.60 -32.92 39.66
CA GLY A 467 -1.56 -33.62 40.51
C GLY A 467 -2.94 -33.57 39.90
N ARG A 468 -3.74 -34.57 40.24
CA ARG A 468 -5.07 -34.70 39.65
C ARG A 468 -6.01 -35.31 40.68
N LEU A 469 -7.20 -34.74 40.77
CA LEU A 469 -8.28 -35.26 41.60
C LEU A 469 -9.51 -35.42 40.74
N PHE A 470 -10.28 -36.47 40.99
CA PHE A 470 -11.51 -36.70 40.24
C PHE A 470 -12.53 -37.39 41.11
N TYR A 471 -13.81 -37.15 40.80
CA TYR A 471 -14.93 -37.72 41.52
C TYR A 471 -16.03 -37.96 40.49
N ASN A 472 -16.68 -39.11 40.60
CA ASN A 472 -17.73 -39.48 39.66
C ASN A 472 -18.80 -40.29 40.39
N ASP A 473 -20.06 -40.05 40.02
CA ASP A 473 -21.17 -40.71 40.69
C ASP A 473 -22.31 -40.88 39.70
N PHE A 474 -23.06 -41.97 39.88
CA PHE A 474 -24.26 -42.24 39.09
C PHE A 474 -25.49 -42.48 39.94
N GLN A 475 -25.37 -42.45 41.27
CA GLN A 475 -26.51 -42.71 42.13
C GLN A 475 -27.52 -41.59 41.99
N ALA A 476 -28.80 -41.95 41.95
CA ALA A 476 -29.86 -40.97 41.87
C ALA A 476 -30.11 -40.35 43.25
N ASP A 477 -30.66 -39.15 43.24
CA ASP A 477 -30.93 -38.44 44.48
C ASP A 477 -31.99 -39.17 45.28
N ASP A 478 -31.73 -39.33 46.58
CA ASP A 478 -32.63 -39.94 47.55
C ASP A 478 -32.74 -41.45 47.35
N ALA A 479 -32.06 -42.02 46.35
CA ALA A 479 -32.05 -43.46 46.11
C ALA A 479 -33.48 -43.98 45.96
N ASP A 480 -34.14 -43.51 44.91
CA ASP A 480 -35.52 -43.90 44.65
C ASP A 480 -35.64 -45.41 44.47
N LEU A 481 -34.73 -46.02 43.71
CA LEU A 481 -34.74 -47.45 43.51
C LEU A 481 -33.34 -47.96 43.24
N SER A 482 -33.16 -49.27 43.43
CA SER A 482 -31.84 -49.89 43.33
C SER A 482 -31.56 -50.12 41.85
N ASP A 483 -31.14 -49.05 41.19
CA ASP A 483 -30.71 -49.07 39.80
C ASP A 483 -29.19 -49.12 39.71
N TYR A 484 -28.69 -49.25 38.48
CA TYR A 484 -27.26 -49.33 38.27
C TYR A 484 -26.59 -48.10 38.85
N THR A 485 -25.52 -48.33 39.61
CA THR A 485 -24.79 -47.25 40.26
C THR A 485 -23.30 -47.51 40.11
N ASN A 486 -22.54 -46.43 39.93
CA ASN A 486 -21.10 -46.53 39.74
C ASN A 486 -20.51 -45.27 40.35
N LYS A 487 -19.93 -45.40 41.54
CA LYS A 487 -19.32 -44.30 42.25
C LYS A 487 -17.83 -44.55 42.36
N SER A 488 -17.03 -43.59 41.93
CA SER A 488 -15.58 -43.71 41.97
C SER A 488 -14.96 -42.37 42.31
N TYR A 489 -13.72 -42.44 42.79
CA TYR A 489 -12.90 -41.26 43.02
C TYR A 489 -11.46 -41.72 43.06
N GLY A 490 -10.55 -40.76 43.06
CA GLY A 490 -9.15 -41.10 43.12
C GLY A 490 -8.28 -39.88 42.97
N THR A 491 -6.98 -40.11 43.16
CA THR A 491 -5.98 -39.07 43.07
C THR A 491 -4.81 -39.62 42.25
N ASP A 492 -4.02 -38.71 41.71
CA ASP A 492 -2.89 -39.10 40.87
C ASP A 492 -1.84 -38.02 40.93
N VAL A 493 -0.62 -38.40 41.30
CA VAL A 493 0.51 -37.50 41.40
C VAL A 493 1.58 -37.99 40.43
N THR A 494 2.09 -37.09 39.60
CA THR A 494 3.02 -37.45 38.55
C THR A 494 4.21 -36.50 38.57
N LEU A 495 5.37 -37.05 38.24
CA LEU A 495 6.62 -36.28 38.16
C LEU A 495 7.29 -36.60 36.84
N GLY A 496 7.65 -35.57 36.08
CA GLY A 496 8.30 -35.77 34.81
C GLY A 496 9.65 -35.05 34.74
N PHE A 497 10.54 -35.53 33.88
CA PHE A 497 11.86 -34.95 33.76
C PHE A 497 12.41 -35.17 32.36
N PRO A 498 13.14 -34.21 31.80
CA PRO A 498 13.70 -34.41 30.46
C PRO A 498 14.96 -35.25 30.48
N ILE A 499 15.22 -35.89 29.35
CA ILE A 499 16.46 -36.63 29.16
C ILE A 499 17.23 -36.19 27.92
N ASN A 500 16.59 -35.52 26.98
CA ASN A 500 17.25 -34.92 25.82
C ASN A 500 16.65 -33.54 25.63
N GLU A 501 16.97 -32.91 24.50
CA GLU A 501 16.29 -31.69 24.13
C GLU A 501 14.86 -31.95 23.68
N TYR A 502 14.51 -33.20 23.39
CA TYR A 502 13.19 -33.51 22.85
C TYR A 502 12.48 -34.65 23.54
N ASN A 503 13.13 -35.36 24.46
CA ASN A 503 12.54 -36.52 25.12
C ASN A 503 12.40 -36.25 26.61
N SER A 504 11.32 -36.78 27.19
CA SER A 504 11.10 -36.67 28.62
C SER A 504 10.39 -37.92 29.10
N LEU A 505 10.58 -38.24 30.37
CA LEU A 505 9.98 -39.40 31.00
C LEU A 505 9.10 -38.94 32.16
N ARG A 506 8.14 -39.79 32.51
CA ARG A 506 7.20 -39.46 33.58
C ARG A 506 7.01 -40.70 34.45
N ALA A 507 6.94 -40.47 35.75
CA ALA A 507 6.66 -41.54 36.70
C ALA A 507 5.79 -40.96 37.80
N GLY A 508 4.86 -41.76 38.30
CA GLY A 508 3.94 -41.26 39.31
C GLY A 508 3.17 -42.39 39.94
N LEU A 509 2.34 -42.02 40.91
CA LEU A 509 1.52 -42.95 41.66
C LEU A 509 0.09 -42.49 41.60
N GLY A 510 -0.84 -43.42 41.45
CA GLY A 510 -2.24 -43.11 41.42
C GLY A 510 -3.04 -44.06 42.28
N TYR A 511 -4.15 -43.54 42.79
CA TYR A 511 -5.11 -44.32 43.57
C TYR A 511 -6.50 -44.08 43.03
N VAL A 512 -7.27 -45.14 42.88
CA VAL A 512 -8.63 -45.05 42.39
C VAL A 512 -9.49 -46.03 43.18
N HIS A 513 -10.61 -45.56 43.70
CA HIS A 513 -11.62 -46.39 44.33
C HIS A 513 -12.86 -46.46 43.45
N ASN A 514 -13.35 -47.67 43.21
CA ASN A 514 -14.55 -47.87 42.41
C ASN A 514 -15.55 -48.70 43.19
N SER A 515 -16.83 -48.41 43.00
CA SER A 515 -17.88 -49.17 43.68
C SER A 515 -19.08 -49.18 42.75
N LEU A 516 -19.34 -50.33 42.14
CA LEU A 516 -20.48 -50.56 41.29
C LEU A 516 -21.49 -51.42 42.02
N SER A 517 -22.77 -51.22 41.70
CA SER A 517 -23.82 -52.01 42.31
C SER A 517 -25.03 -52.01 41.39
N ASN A 518 -25.84 -53.05 41.54
CA ASN A 518 -27.04 -53.23 40.73
C ASN A 518 -26.70 -53.20 39.24
N MET A 519 -25.69 -53.97 38.86
CA MET A 519 -25.27 -54.06 37.47
C MET A 519 -26.18 -55.00 36.71
N GLN A 520 -26.38 -54.70 35.43
CA GLN A 520 -27.15 -55.57 34.56
C GLN A 520 -26.28 -56.73 34.10
N PRO A 521 -26.69 -57.98 34.31
CA PRO A 521 -25.83 -59.10 33.93
C PRO A 521 -25.58 -59.13 32.43
N GLN A 522 -24.31 -59.17 32.06
CA GLN A 522 -23.91 -59.23 30.66
C GLN A 522 -22.63 -60.04 30.57
N VAL A 523 -22.35 -60.53 29.36
CA VAL A 523 -21.33 -61.55 29.19
C VAL A 523 -19.97 -61.05 29.65
N ALA A 524 -19.56 -59.88 29.17
CA ALA A 524 -18.21 -59.40 29.44
C ALA A 524 -18.04 -59.04 30.91
N MET A 525 -18.98 -58.29 31.47
CA MET A 525 -18.85 -57.88 32.86
C MET A 525 -18.88 -59.09 33.80
N TRP A 526 -19.77 -60.06 33.53
CA TRP A 526 -19.81 -61.23 34.37
C TRP A 526 -18.57 -62.09 34.22
N ARG A 527 -18.01 -62.17 33.00
CA ARG A 527 -16.75 -62.86 32.82
C ARG A 527 -15.64 -62.23 33.66
N TYR A 528 -15.55 -60.89 33.62
CA TYR A 528 -14.55 -60.21 34.43
C TYR A 528 -14.79 -60.46 35.91
N LEU A 529 -16.05 -60.40 36.36
CA LEU A 529 -16.33 -60.62 37.77
C LEU A 529 -15.98 -62.03 38.20
N TYR A 530 -16.25 -63.02 37.36
CA TYR A 530 -15.83 -64.38 37.67
C TYR A 530 -14.31 -64.47 37.76
N SER A 531 -13.59 -63.80 36.85
CA SER A 531 -12.14 -63.77 36.96
C SER A 531 -11.71 -63.15 38.29
N MET A 532 -12.46 -62.18 38.79
CA MET A 532 -12.16 -61.58 40.09
C MET A 532 -12.48 -62.52 41.25
N GLY A 533 -13.16 -63.63 40.99
CA GLY A 533 -13.60 -64.53 42.03
C GLY A 533 -15.03 -64.33 42.49
N GLU A 534 -15.65 -63.24 42.09
CA GLU A 534 -17.05 -63.01 42.43
C GLU A 534 -17.95 -64.00 41.69
N HIS A 535 -19.08 -64.32 42.30
CA HIS A 535 -20.07 -65.22 41.71
C HIS A 535 -21.45 -64.57 41.80
N PRO A 536 -21.64 -63.46 41.09
CA PRO A 536 -22.95 -62.80 41.11
C PRO A 536 -24.00 -63.61 40.39
N SER A 537 -25.25 -63.39 40.79
CA SER A 537 -26.37 -64.05 40.14
C SER A 537 -26.57 -63.48 38.75
N THR A 538 -27.30 -64.23 37.92
CA THR A 538 -27.57 -63.85 36.54
C THR A 538 -29.03 -63.56 36.26
N SER A 539 -29.95 -64.06 37.08
CA SER A 539 -31.38 -63.90 36.85
C SER A 539 -31.96 -62.66 37.51
N ASP A 540 -31.17 -61.92 38.29
CA ASP A 540 -31.67 -60.73 38.97
C ASP A 540 -30.59 -59.66 38.96
N GLN A 541 -31.02 -58.41 39.15
CA GLN A 541 -30.17 -57.25 38.99
C GLN A 541 -29.56 -56.75 40.28
N ASP A 542 -29.76 -57.46 41.40
CA ASP A 542 -29.23 -57.02 42.69
C ASP A 542 -27.83 -57.61 42.88
N ASN A 543 -26.83 -56.73 42.93
CA ASN A 543 -25.45 -57.15 43.15
C ASN A 543 -24.63 -55.93 43.53
N SER A 544 -23.42 -56.18 44.02
CA SER A 544 -22.54 -55.12 44.46
C SER A 544 -21.09 -55.55 44.25
N PHE A 545 -20.20 -54.55 44.19
CA PHE A 545 -18.79 -54.83 43.97
C PHE A 545 -17.94 -53.60 44.27
N LYS A 546 -16.90 -53.76 45.08
CA LYS A 546 -16.08 -52.65 45.53
C LYS A 546 -14.61 -53.02 45.38
N THR A 547 -13.78 -52.06 44.94
CA THR A 547 -12.38 -52.32 44.69
C THR A 547 -11.56 -51.06 44.92
N ASP A 548 -10.51 -51.18 45.73
CA ASP A 548 -9.49 -50.14 45.85
C ASP A 548 -8.25 -50.55 45.06
N ASP A 549 -7.64 -49.58 44.36
CA ASP A 549 -6.57 -49.86 43.43
C ASP A 549 -5.48 -48.82 43.58
N PHE A 550 -4.24 -49.28 43.70
CA PHE A 550 -3.05 -48.43 43.66
C PHE A 550 -2.25 -48.80 42.43
N THR A 551 -1.85 -47.79 41.67
CA THR A 551 -1.18 -48.00 40.40
C THR A 551 0.07 -47.15 40.31
N PHE A 552 1.07 -47.68 39.62
CA PHE A 552 2.27 -46.94 39.24
C PHE A 552 2.14 -46.52 37.78
N ASN A 553 2.19 -45.22 37.52
CA ASN A 553 2.04 -44.68 36.18
C ASN A 553 3.39 -44.28 35.62
N TYR A 554 3.59 -44.55 34.32
CA TYR A 554 4.81 -44.23 33.63
C TYR A 554 4.47 -43.69 32.27
N GLY A 555 5.43 -42.99 31.66
CA GLY A 555 5.20 -42.42 30.35
C GLY A 555 6.48 -41.88 29.76
N TRP A 556 6.42 -41.63 28.46
CA TRP A 556 7.54 -41.07 27.73
C TRP A 556 6.99 -40.25 26.57
N THR A 557 7.45 -39.02 26.43
CA THR A 557 7.00 -38.13 25.38
C THR A 557 8.18 -37.65 24.56
N TYR A 558 8.11 -37.82 23.26
CA TYR A 558 9.03 -37.23 22.32
C TYR A 558 8.29 -36.14 21.56
N ASN A 559 8.84 -34.93 21.56
CA ASN A 559 8.18 -33.80 20.94
C ASN A 559 9.20 -32.97 20.18
N LYS A 560 9.01 -32.88 18.87
CA LYS A 560 9.83 -32.02 18.01
C LYS A 560 8.95 -31.29 17.02
N LEU A 561 7.76 -30.91 17.46
CA LEU A 561 6.81 -30.25 16.58
C LEU A 561 7.28 -28.85 16.23
N ASP A 562 6.78 -28.35 15.10
CA ASP A 562 7.09 -26.99 14.69
C ASP A 562 6.53 -25.98 15.67
N ARG A 563 5.30 -26.20 16.13
CA ARG A 563 4.62 -25.27 17.03
C ARG A 563 3.80 -26.05 18.03
N GLY A 564 3.30 -25.35 19.04
CA GLY A 564 2.36 -25.92 19.98
C GLY A 564 0.93 -25.88 19.55
N TYR A 565 0.64 -25.24 18.43
CA TYR A 565 -0.70 -25.17 17.88
C TYR A 565 -0.60 -25.08 16.37
N PHE A 566 -1.46 -25.82 15.68
CA PHE A 566 -1.41 -25.92 14.22
C PHE A 566 0.02 -26.16 13.74
N PRO A 567 0.64 -27.27 14.17
CA PRO A 567 2.01 -27.53 13.72
C PRO A 567 2.05 -27.75 12.22
N THR A 568 3.18 -27.39 11.61
CA THR A 568 3.41 -27.61 10.19
C THR A 568 4.57 -28.54 9.91
N ASP A 569 5.29 -28.99 10.93
CA ASP A 569 6.41 -29.90 10.73
C ASP A 569 6.71 -30.58 12.05
N GLY A 570 7.46 -31.67 11.97
CA GLY A 570 7.88 -32.39 13.15
C GLY A 570 6.92 -33.51 13.52
N SER A 571 7.37 -34.33 14.47
CA SER A 571 6.62 -35.48 14.92
C SER A 571 6.55 -35.49 16.44
N ARG A 572 5.41 -35.93 16.97
CA ARG A 572 5.21 -36.04 18.40
C ARG A 572 4.71 -37.44 18.74
N VAL A 573 5.36 -38.07 19.72
CA VAL A 573 4.99 -39.40 20.17
C VAL A 573 4.83 -39.35 21.68
N ASN A 574 3.78 -39.97 22.20
CA ASN A 574 3.46 -39.94 23.62
C ASN A 574 3.02 -41.34 24.04
N LEU A 575 3.81 -41.99 24.89
CA LEU A 575 3.47 -43.29 25.43
C LEU A 575 3.08 -43.14 26.90
N THR A 576 1.95 -43.74 27.27
CA THR A 576 1.48 -43.72 28.64
C THR A 576 1.13 -45.14 29.06
N GLY A 577 1.18 -45.39 30.36
CA GLY A 577 0.85 -46.70 30.87
C GLY A 577 0.71 -46.69 32.37
N LYS A 578 0.10 -47.75 32.88
CA LYS A 578 -0.09 -47.91 34.32
C LYS A 578 -0.07 -49.39 34.64
N VAL A 579 0.45 -49.73 35.81
CA VAL A 579 0.49 -51.11 36.29
C VAL A 579 0.13 -51.12 37.77
N THR A 580 -0.78 -52.00 38.15
CA THR A 580 -1.25 -52.04 39.53
C THR A 580 -0.12 -52.46 40.46
N ILE A 581 -0.01 -51.77 41.59
CA ILE A 581 0.96 -52.12 42.63
C ILE A 581 0.43 -53.32 43.39
N PRO A 582 1.25 -54.33 43.70
CA PRO A 582 0.74 -55.48 44.46
C PRO A 582 0.15 -55.02 45.78
N GLY A 583 -1.12 -55.36 45.99
CA GLY A 583 -1.86 -54.90 47.14
C GLY A 583 -3.23 -54.38 46.74
N SER A 584 -3.41 -54.16 45.44
CA SER A 584 -4.69 -53.67 44.94
C SER A 584 -5.72 -54.78 44.95
N ASP A 585 -7.00 -54.39 44.94
CA ASP A 585 -8.07 -55.36 44.86
C ASP A 585 -8.13 -56.05 43.50
N ASN A 586 -7.54 -55.44 42.46
CA ASN A 586 -7.48 -56.08 41.16
C ASN A 586 -6.16 -55.71 40.50
N GLU A 587 -5.66 -56.62 39.66
CA GLU A 587 -4.34 -56.51 39.06
C GLU A 587 -4.45 -56.48 37.55
N TYR A 588 -3.71 -55.58 36.92
CA TYR A 588 -3.71 -55.46 35.48
C TYR A 588 -2.61 -54.48 35.07
N TYR A 589 -2.40 -54.38 33.77
CA TYR A 589 -1.52 -53.36 33.20
C TYR A 589 -2.19 -52.79 31.96
N LYS A 590 -1.84 -51.55 31.64
CA LYS A 590 -2.44 -50.83 30.53
C LYS A 590 -1.38 -49.90 29.94
N VAL A 591 -1.44 -49.73 28.62
CA VAL A 591 -0.47 -48.90 27.92
C VAL A 591 -1.16 -48.29 26.71
N THR A 592 -0.81 -47.05 26.41
CA THR A 592 -1.35 -46.33 25.27
C THR A 592 -0.22 -45.60 24.55
N LEU A 593 -0.42 -45.38 23.25
CA LEU A 593 0.62 -44.78 22.42
C LEU A 593 -0.03 -43.91 21.36
N ASP A 594 0.22 -42.61 21.42
CA ASP A 594 -0.27 -41.66 20.45
C ASP A 594 0.88 -41.18 19.58
N THR A 595 0.57 -40.92 18.31
CA THR A 595 1.56 -40.47 17.36
C THR A 595 0.94 -39.44 16.44
N ALA A 596 1.72 -38.42 16.07
CA ALA A 596 1.24 -37.39 15.17
C ALA A 596 2.44 -36.84 14.40
N THR A 597 2.46 -37.07 13.10
CA THR A 597 3.56 -36.63 12.24
C THR A 597 3.05 -35.65 11.21
N TYR A 598 3.81 -34.58 11.00
CA TYR A 598 3.49 -33.57 10.01
C TYR A 598 4.61 -33.52 8.98
N VAL A 599 4.24 -33.52 7.70
CA VAL A 599 5.20 -33.43 6.61
C VAL A 599 4.76 -32.28 5.71
N PRO A 600 5.54 -31.20 5.60
CA PRO A 600 5.14 -30.12 4.69
C PRO A 600 5.46 -30.45 3.24
N ILE A 601 4.61 -29.92 2.36
CA ILE A 601 4.79 -30.10 0.93
C ILE A 601 5.15 -28.80 0.22
N ASP A 602 4.85 -27.65 0.81
CA ASP A 602 5.17 -26.35 0.25
C ASP A 602 6.26 -25.68 1.06
N ASP A 603 7.11 -24.91 0.38
CA ASP A 603 8.16 -24.18 1.07
C ASP A 603 7.58 -23.23 2.11
N ASP A 604 6.36 -22.74 1.90
CA ASP A 604 5.68 -21.89 2.86
C ASP A 604 4.92 -22.69 3.92
N HIS A 605 4.96 -24.01 3.84
CA HIS A 605 4.30 -24.88 4.80
C HIS A 605 2.79 -24.70 4.80
N LYS A 606 2.22 -24.20 3.70
CA LYS A 606 0.78 -24.03 3.62
C LYS A 606 0.07 -25.36 3.44
N TRP A 607 0.64 -26.24 2.62
CA TRP A 607 0.07 -27.56 2.36
C TRP A 607 0.85 -28.59 3.15
N VAL A 608 0.15 -29.36 3.99
CA VAL A 608 0.78 -30.28 4.91
C VAL A 608 0.06 -31.62 4.81
N VAL A 609 0.76 -32.68 5.20
CA VAL A 609 0.19 -34.02 5.32
C VAL A 609 0.41 -34.48 6.74
N LEU A 610 -0.67 -34.86 7.42
CA LEU A 610 -0.64 -35.23 8.82
C LEU A 610 -0.98 -36.70 8.95
N GLY A 611 -0.09 -37.47 9.54
CA GLY A 611 -0.35 -38.86 9.86
C GLY A 611 -0.51 -39.06 11.35
N ARG A 612 -1.70 -39.41 11.80
CA ARG A 612 -2.00 -39.56 13.21
C ARG A 612 -2.32 -41.02 13.51
N THR A 613 -1.96 -41.46 14.71
CA THR A 613 -2.13 -42.86 15.08
C THR A 613 -2.32 -42.95 16.58
N ARG A 614 -2.98 -44.03 17.00
CA ARG A 614 -3.20 -44.30 18.42
C ARG A 614 -3.33 -45.80 18.61
N TRP A 615 -2.65 -46.32 19.63
CA TRP A 615 -2.68 -47.73 19.97
C TRP A 615 -2.94 -47.89 21.46
N GLY A 616 -3.52 -49.02 21.83
CA GLY A 616 -3.80 -49.29 23.23
C GLY A 616 -3.97 -50.76 23.52
N TYR A 617 -3.35 -51.25 24.59
CA TYR A 617 -3.49 -52.64 24.97
C TYR A 617 -3.44 -52.76 26.49
N GLY A 618 -4.29 -53.63 27.03
CA GLY A 618 -4.29 -53.89 28.46
C GLY A 618 -4.74 -55.31 28.72
N ASP A 619 -4.36 -55.84 29.88
CA ASP A 619 -4.69 -57.20 30.24
C ASP A 619 -4.41 -57.40 31.72
N GLY A 620 -4.93 -58.51 32.25
CA GLY A 620 -4.67 -58.86 33.62
C GLY A 620 -3.32 -59.52 33.79
N LEU A 621 -2.88 -59.63 35.04
CA LEU A 621 -1.58 -60.21 35.34
C LEU A 621 -1.69 -61.65 35.82
N GLY A 622 -2.46 -61.89 36.88
CA GLY A 622 -2.66 -63.25 37.35
C GLY A 622 -3.84 -63.91 36.67
N GLY A 623 -4.73 -64.48 37.45
CA GLY A 623 -5.98 -64.98 36.94
C GLY A 623 -7.04 -63.93 36.74
N LYS A 624 -6.70 -62.68 37.01
CA LYS A 624 -7.65 -61.58 36.94
C LYS A 624 -7.81 -61.15 35.48
N GLU A 625 -8.55 -60.07 35.26
CA GLU A 625 -8.73 -59.48 33.95
C GLU A 625 -8.80 -57.97 34.11
N MET A 626 -8.54 -57.27 33.01
CA MET A 626 -8.58 -55.82 33.05
C MET A 626 -10.00 -55.35 33.39
N PRO A 627 -10.16 -54.46 34.37
CA PRO A 627 -11.51 -54.03 34.73
C PRO A 627 -12.21 -53.40 33.54
N PHE A 628 -13.51 -53.64 33.43
CA PHE A 628 -14.27 -53.15 32.29
C PHE A 628 -14.41 -51.63 32.30
N TYR A 629 -14.07 -50.95 33.39
CA TYR A 629 -14.10 -49.50 33.40
C TYR A 629 -12.78 -48.88 32.95
N GLU A 630 -11.78 -49.69 32.64
CA GLU A 630 -10.55 -49.20 32.02
C GLU A 630 -10.51 -49.50 30.53
N ASN A 631 -11.61 -49.93 29.96
CA ASN A 631 -11.63 -50.37 28.57
C ASN A 631 -11.36 -49.19 27.64
N PHE A 632 -10.93 -49.52 26.43
CA PHE A 632 -10.69 -48.53 25.39
C PHE A 632 -11.97 -48.31 24.57
N TYR A 633 -12.18 -47.07 24.15
CA TYR A 633 -13.32 -46.71 23.32
C TYR A 633 -12.81 -45.95 22.11
N ALA A 634 -13.51 -46.11 20.99
CA ALA A 634 -13.14 -45.43 19.76
C ALA A 634 -14.40 -44.88 19.12
N GLY A 635 -14.21 -43.90 18.24
CA GLY A 635 -15.33 -43.24 17.60
C GLY A 635 -15.60 -41.89 18.23
N GLY A 636 -15.89 -40.89 17.39
CA GLY A 636 -16.12 -39.54 17.85
C GLY A 636 -15.18 -38.58 17.16
N SER A 637 -15.28 -37.32 17.58
CA SER A 637 -14.47 -36.26 16.99
C SER A 637 -12.99 -36.40 17.33
N SER A 638 -12.62 -37.26 18.27
CA SER A 638 -11.25 -37.37 18.73
C SER A 638 -10.48 -38.50 18.06
N THR A 639 -11.14 -39.63 17.78
CA THR A 639 -10.47 -40.80 17.24
C THR A 639 -10.91 -41.12 15.81
N VAL A 640 -12.20 -41.30 15.58
CA VAL A 640 -12.73 -41.65 14.27
C VAL A 640 -13.96 -40.81 14.02
N ARG A 641 -13.78 -39.70 13.29
CA ARG A 641 -14.90 -38.82 13.00
C ARG A 641 -15.90 -39.51 12.08
N GLY A 642 -17.17 -39.19 12.28
CA GLY A 642 -18.25 -39.82 11.56
C GLY A 642 -18.99 -40.88 12.35
N PHE A 643 -18.49 -41.27 13.51
CA PHE A 643 -19.14 -42.24 14.37
C PHE A 643 -19.52 -41.58 15.68
N GLN A 644 -20.59 -42.09 16.29
CA GLN A 644 -21.00 -41.58 17.59
C GLN A 644 -19.93 -41.89 18.63
N SER A 645 -19.80 -41.00 19.61
CA SER A 645 -18.73 -41.12 20.58
C SER A 645 -18.77 -42.47 21.28
N ASN A 646 -17.62 -43.12 21.37
CA ASN A 646 -17.48 -44.38 22.10
C ASN A 646 -18.47 -45.44 21.60
N THR A 647 -18.65 -45.51 20.29
CA THR A 647 -19.58 -46.47 19.70
C THR A 647 -18.89 -47.63 19.01
N ILE A 648 -17.66 -47.46 18.52
CA ILE A 648 -16.94 -48.54 17.88
C ILE A 648 -16.51 -49.56 18.92
N GLY A 649 -16.51 -50.83 18.54
CA GLY A 649 -16.04 -51.88 19.40
C GLY A 649 -17.09 -52.91 19.74
N PRO A 650 -16.77 -53.80 20.68
CA PRO A 650 -17.73 -54.82 21.07
C PRO A 650 -18.99 -54.22 21.67
N LYS A 651 -20.10 -54.91 21.48
CA LYS A 651 -21.39 -54.50 22.02
C LYS A 651 -21.79 -55.44 23.15
N ALA A 652 -22.57 -54.92 24.07
CA ALA A 652 -22.95 -55.69 25.25
C ALA A 652 -23.88 -56.83 24.88
N VAL A 653 -23.73 -57.95 25.56
CA VAL A 653 -24.62 -59.11 25.44
C VAL A 653 -25.19 -59.38 26.82
N TYR A 654 -26.53 -59.39 26.91
CA TYR A 654 -27.23 -59.45 28.18
C TYR A 654 -27.83 -60.83 28.40
N PHE A 655 -27.67 -61.35 29.62
CA PHE A 655 -28.39 -62.54 30.01
C PHE A 655 -29.85 -62.19 30.37
N PRO A 656 -30.78 -63.11 30.14
CA PRO A 656 -32.15 -62.88 30.60
C PRO A 656 -32.17 -62.63 32.10
N HIS A 657 -32.98 -61.66 32.53
CA HIS A 657 -33.05 -61.30 33.93
C HIS A 657 -34.24 -60.37 34.14
N GLN A 658 -34.56 -60.13 35.41
CA GLN A 658 -35.63 -59.22 35.78
C GLN A 658 -35.03 -57.92 36.29
N ALA A 659 -35.55 -56.80 35.79
CA ALA A 659 -35.03 -55.50 36.18
C ALA A 659 -35.54 -55.10 37.56
N SER A 660 -34.81 -54.19 38.20
CA SER A 660 -35.22 -53.69 39.51
C SER A 660 -36.47 -52.82 39.42
N ASN A 661 -36.83 -52.38 38.22
CA ASN A 661 -38.03 -51.59 38.00
C ASN A 661 -38.73 -52.10 36.75
N TYR A 662 -40.03 -51.83 36.67
CA TYR A 662 -40.85 -52.28 35.55
C TYR A 662 -41.80 -51.14 35.20
N ASP A 663 -41.40 -50.33 34.24
CA ASP A 663 -42.24 -49.26 33.73
C ASP A 663 -43.14 -49.78 32.62
N PRO A 664 -44.28 -49.12 32.37
CA PRO A 664 -45.18 -49.57 31.31
C PRO A 664 -44.75 -49.15 29.91
N ASP A 665 -43.62 -48.46 29.78
CA ASP A 665 -43.17 -47.96 28.49
C ASP A 665 -42.38 -48.98 27.70
N TYR A 666 -42.12 -50.16 28.26
CA TYR A 666 -41.34 -51.20 27.59
C TYR A 666 -39.93 -50.73 27.25
N ASP A 667 -39.43 -49.73 27.96
CA ASP A 667 -38.10 -49.17 27.68
C ASP A 667 -37.06 -49.90 28.53
N TYR A 668 -36.81 -51.15 28.16
CA TYR A 668 -35.84 -51.98 28.85
C TYR A 668 -35.06 -52.80 27.83
N GLU A 669 -33.89 -53.26 28.25
CA GLU A 669 -33.00 -53.99 27.36
C GLU A 669 -33.70 -55.23 26.80
N CYS A 670 -33.14 -55.76 25.72
CA CYS A 670 -33.78 -56.88 25.03
C CYS A 670 -33.89 -58.09 25.96
N ALA A 671 -32.94 -58.27 26.86
CA ALA A 671 -32.89 -59.44 27.72
C ALA A 671 -33.82 -59.32 28.93
N THR A 672 -34.77 -58.39 28.92
CA THR A 672 -35.71 -58.30 30.02
C THR A 672 -36.51 -59.59 30.13
N GLN A 673 -36.71 -60.05 31.37
CA GLN A 673 -37.35 -61.34 31.58
C GLN A 673 -38.79 -61.35 31.08
N ASP A 674 -39.44 -60.19 31.03
CA ASP A 674 -40.85 -60.16 30.65
C ASP A 674 -41.06 -60.66 29.23
N GLY A 675 -40.22 -60.22 28.30
CA GLY A 675 -40.41 -60.53 26.90
C GLY A 675 -39.35 -61.42 26.30
N ALA A 676 -38.24 -61.63 27.03
CA ALA A 676 -37.12 -62.40 26.52
C ALA A 676 -36.75 -63.50 27.52
N LYS A 677 -36.26 -64.61 26.98
CA LYS A 677 -35.79 -65.73 27.79
C LYS A 677 -34.48 -66.31 27.27
N ASP A 678 -33.83 -65.66 26.30
CA ASP A 678 -32.58 -66.12 25.73
C ASP A 678 -31.61 -64.96 25.61
N LEU A 679 -30.32 -65.30 25.60
CA LEU A 679 -29.29 -64.29 25.46
C LEU A 679 -29.51 -63.49 24.18
N CYS A 680 -29.43 -62.16 24.29
CA CYS A 680 -29.63 -61.29 23.16
C CYS A 680 -28.62 -60.15 23.17
N LYS A 681 -28.25 -59.71 21.97
CA LYS A 681 -27.27 -58.66 21.79
C LYS A 681 -27.92 -57.29 21.95
N SER A 682 -27.11 -56.24 21.77
CA SER A 682 -27.60 -54.87 21.87
C SER A 682 -26.65 -53.97 21.10
N ASP A 683 -26.97 -52.69 21.06
CA ASP A 683 -26.14 -51.67 20.43
C ASP A 683 -25.31 -50.90 21.44
N ASP A 684 -25.32 -51.33 22.71
CA ASP A 684 -24.61 -50.63 23.75
C ASP A 684 -23.12 -50.96 23.65
N ALA A 685 -22.32 -49.97 23.28
CA ALA A 685 -20.88 -50.18 23.19
C ALA A 685 -20.28 -50.32 24.57
N VAL A 686 -19.40 -51.31 24.75
CA VAL A 686 -18.74 -51.55 26.02
C VAL A 686 -17.24 -51.38 25.94
N GLY A 687 -16.68 -51.19 24.75
CA GLY A 687 -15.24 -51.04 24.61
C GLY A 687 -14.51 -52.36 24.70
N GLY A 688 -13.20 -52.28 24.49
CA GLY A 688 -12.36 -53.46 24.53
C GLY A 688 -11.01 -53.14 25.12
N ASN A 689 -10.29 -54.20 25.47
CA ASN A 689 -8.97 -54.04 26.06
C ASN A 689 -7.86 -53.89 25.03
N ALA A 690 -8.17 -53.93 23.74
CA ALA A 690 -7.21 -53.65 22.69
C ALA A 690 -7.83 -52.66 21.72
N MET A 691 -7.03 -51.69 21.28
CA MET A 691 -7.55 -50.62 20.44
C MET A 691 -6.46 -50.16 19.50
N ALA A 692 -6.84 -49.86 18.25
CA ALA A 692 -5.89 -49.37 17.27
C ALA A 692 -6.62 -48.43 16.33
N VAL A 693 -6.12 -47.20 16.20
CA VAL A 693 -6.75 -46.17 15.39
C VAL A 693 -5.66 -45.49 14.57
N ALA A 694 -6.03 -45.06 13.37
CA ALA A 694 -5.11 -44.34 12.50
C ALA A 694 -5.88 -43.31 11.71
N SER A 695 -5.16 -42.32 11.18
CA SER A 695 -5.80 -41.25 10.45
C SER A 695 -4.76 -40.57 9.57
N LEU A 696 -5.15 -40.23 8.35
CA LEU A 696 -4.30 -39.49 7.42
C LEU A 696 -5.06 -38.25 6.97
N GLU A 697 -4.48 -37.09 7.19
CA GLU A 697 -5.10 -35.82 6.85
C GLU A 697 -4.24 -35.03 5.90
N PHE A 698 -4.90 -34.30 4.99
CA PHE A 698 -4.24 -33.40 4.06
C PHE A 698 -4.73 -31.99 4.39
N ILE A 699 -3.84 -31.16 4.91
CA ILE A 699 -4.18 -29.82 5.37
C ILE A 699 -3.91 -28.81 4.27
N THR A 700 -4.93 -28.01 3.96
CA THR A 700 -4.89 -27.08 2.84
C THR A 700 -5.18 -25.66 3.34
N PRO A 701 -4.68 -24.64 2.65
CA PRO A 701 -5.02 -23.27 3.03
C PRO A 701 -6.52 -22.99 2.89
N THR A 702 -7.04 -22.19 3.80
CA THR A 702 -8.44 -21.81 3.75
C THR A 702 -8.67 -20.85 2.58
N PRO A 703 -9.62 -21.13 1.69
CA PRO A 703 -9.69 -20.38 0.43
C PRO A 703 -10.24 -18.97 0.56
N PHE A 704 -11.10 -18.71 1.55
CA PHE A 704 -11.85 -17.47 1.66
C PHE A 704 -11.50 -16.69 2.92
N ILE A 705 -10.22 -16.60 3.25
CA ILE A 705 -9.77 -15.75 4.35
C ILE A 705 -8.39 -15.22 4.01
N SER A 706 -8.14 -13.97 4.39
CA SER A 706 -6.85 -13.36 4.15
C SER A 706 -5.83 -13.84 5.18
N ASP A 707 -4.57 -13.50 4.93
CA ASP A 707 -3.49 -13.92 5.82
C ASP A 707 -3.68 -13.42 7.24
N LYS A 708 -4.42 -12.34 7.44
CA LYS A 708 -4.64 -11.84 8.80
C LYS A 708 -5.32 -12.87 9.69
N TYR A 709 -6.01 -13.84 9.10
CA TYR A 709 -6.62 -14.94 9.85
C TYR A 709 -6.02 -16.30 9.51
N ALA A 710 -4.92 -16.34 8.75
CA ALA A 710 -4.36 -17.63 8.35
C ALA A 710 -3.97 -18.46 9.56
N ASN A 711 -3.34 -17.83 10.56
CA ASN A 711 -2.96 -18.54 11.77
C ASN A 711 -4.15 -18.96 12.61
N SER A 712 -5.35 -18.48 12.31
CA SER A 712 -6.51 -18.73 13.16
C SER A 712 -7.41 -19.84 12.65
N VAL A 713 -7.30 -20.25 11.39
CA VAL A 713 -8.19 -21.23 10.79
C VAL A 713 -7.35 -22.27 10.06
N ARG A 714 -7.75 -23.54 10.20
CA ARG A 714 -7.09 -24.65 9.52
C ARG A 714 -8.13 -25.57 8.92
N THR A 715 -7.99 -25.86 7.63
CA THR A 715 -8.90 -26.73 6.90
C THR A 715 -8.14 -27.97 6.43
N SER A 716 -8.79 -29.13 6.53
CA SER A 716 -8.13 -30.38 6.17
C SER A 716 -9.17 -31.37 5.67
N PHE A 717 -8.67 -32.35 4.89
CA PHE A 717 -9.46 -33.48 4.43
C PHE A 717 -8.83 -34.75 4.99
N PHE A 718 -9.63 -35.57 5.65
CA PHE A 718 -9.13 -36.66 6.46
C PHE A 718 -9.73 -37.99 6.05
N TRP A 719 -8.94 -39.05 6.22
CA TRP A 719 -9.39 -40.43 6.10
C TRP A 719 -8.99 -41.15 7.37
N ASP A 720 -9.98 -41.67 8.11
CA ASP A 720 -9.76 -42.27 9.41
C ASP A 720 -10.09 -43.75 9.38
N MET A 721 -9.29 -44.53 10.11
CA MET A 721 -9.53 -45.96 10.32
C MET A 721 -9.45 -46.23 11.81
N GLY A 722 -10.20 -47.23 12.26
CA GLY A 722 -10.20 -47.55 13.68
C GLY A 722 -10.88 -48.87 14.00
N THR A 723 -10.36 -49.58 15.00
CA THR A 723 -10.95 -50.84 15.40
C THR A 723 -10.70 -51.05 16.88
N VAL A 724 -11.62 -51.74 17.53
CA VAL A 724 -11.51 -52.10 18.94
C VAL A 724 -12.01 -53.54 19.09
N TRP A 725 -11.31 -54.33 19.90
CA TRP A 725 -11.71 -55.72 20.08
C TRP A 725 -11.36 -56.17 21.48
N ASP A 726 -12.05 -57.21 21.92
CA ASP A 726 -11.86 -57.80 23.25
C ASP A 726 -11.13 -59.12 23.07
N THR A 727 -9.87 -59.17 23.52
CA THR A 727 -9.03 -60.34 23.25
C THR A 727 -9.49 -61.58 23.98
N ASN A 728 -10.21 -61.44 25.09
CA ASN A 728 -10.61 -62.57 25.90
C ASN A 728 -12.00 -63.08 25.56
N TRP A 729 -12.63 -62.53 24.53
CA TRP A 729 -13.96 -63.00 24.15
C TRP A 729 -13.91 -64.47 23.78
N ASP A 730 -14.65 -65.29 24.53
CA ASP A 730 -14.62 -66.74 24.33
C ASP A 730 -15.43 -67.09 23.10
N SER A 731 -14.77 -67.11 21.94
CA SER A 731 -15.47 -67.38 20.69
C SER A 731 -15.94 -68.82 20.61
N SER A 732 -15.35 -69.73 21.40
CA SER A 732 -15.81 -71.10 21.40
C SER A 732 -17.27 -71.19 21.81
N GLN A 733 -17.64 -70.46 22.87
CA GLN A 733 -19.03 -70.28 23.23
C GLN A 733 -19.59 -69.10 22.44
N TYR A 734 -20.89 -68.85 22.61
CA TYR A 734 -21.52 -67.70 21.99
C TYR A 734 -21.27 -67.68 20.49
N SER A 735 -21.37 -68.87 19.88
CA SER A 735 -21.14 -68.99 18.44
C SER A 735 -22.23 -68.31 17.62
N GLY A 736 -23.36 -67.98 18.23
CA GLY A 736 -24.43 -67.31 17.53
C GLY A 736 -24.34 -65.81 17.54
N TYR A 737 -23.25 -65.24 18.02
CA TYR A 737 -23.06 -63.80 18.13
C TYR A 737 -21.74 -63.42 17.49
N PRO A 738 -21.57 -62.14 17.15
CA PRO A 738 -20.35 -61.73 16.44
C PRO A 738 -19.11 -62.04 17.25
N ASP A 739 -18.04 -62.40 16.55
CA ASP A 739 -16.76 -62.69 17.18
C ASP A 739 -16.08 -61.36 17.49
N TYR A 740 -16.26 -60.88 18.72
CA TYR A 740 -15.71 -59.59 19.12
C TYR A 740 -14.20 -59.62 19.29
N SER A 741 -13.58 -60.80 19.29
CA SER A 741 -12.12 -60.88 19.41
C SER A 741 -11.42 -60.66 18.08
N ASP A 742 -12.15 -60.59 16.98
CA ASP A 742 -11.52 -60.42 15.68
C ASP A 742 -11.15 -58.96 15.47
N PRO A 743 -9.88 -58.63 15.23
CA PRO A 743 -9.52 -57.23 14.96
C PRO A 743 -9.77 -56.78 13.53
N SER A 744 -10.18 -57.68 12.63
CA SER A 744 -10.28 -57.33 11.23
C SER A 744 -11.42 -56.38 10.93
N ASN A 745 -12.38 -56.23 11.83
CA ASN A 745 -13.54 -55.37 11.61
C ASN A 745 -13.09 -53.93 11.80
N ILE A 746 -12.53 -53.36 10.74
CA ILE A 746 -11.95 -52.02 10.75
C ILE A 746 -12.98 -51.05 10.20
N ARG A 747 -13.38 -50.09 11.01
CA ARG A 747 -14.25 -49.01 10.56
C ARG A 747 -13.43 -47.94 9.87
N MET A 748 -14.04 -47.31 8.86
CA MET A 748 -13.36 -46.24 8.12
C MET A 748 -14.32 -45.08 7.89
N SER A 749 -13.76 -43.89 7.74
CA SER A 749 -14.53 -42.69 7.47
C SER A 749 -13.68 -41.73 6.65
N ALA A 750 -14.36 -40.83 5.94
CA ALA A 750 -13.68 -39.82 5.16
C ALA A 750 -14.55 -38.57 5.10
N GLY A 751 -13.92 -37.42 5.13
CA GLY A 751 -14.68 -36.18 5.11
C GLY A 751 -13.78 -34.97 5.22
N ILE A 752 -14.37 -33.87 5.68
CA ILE A 752 -13.71 -32.57 5.72
C ILE A 752 -13.87 -32.01 7.12
N ALA A 753 -12.81 -31.38 7.63
CA ALA A 753 -12.81 -30.81 8.97
C ALA A 753 -12.30 -29.38 8.93
N LEU A 754 -12.84 -28.56 9.83
CA LEU A 754 -12.48 -27.16 9.95
C LEU A 754 -12.22 -26.86 11.42
N GLN A 755 -11.12 -26.16 11.70
CA GLN A 755 -10.74 -25.79 13.05
C GLN A 755 -10.53 -24.28 13.13
N TRP A 756 -11.09 -23.66 14.16
CA TRP A 756 -11.03 -22.23 14.35
C TRP A 756 -10.62 -21.93 15.79
N MET A 757 -9.63 -21.04 15.97
CA MET A 757 -9.18 -20.64 17.30
C MET A 757 -10.07 -19.50 17.78
N SER A 758 -11.25 -19.87 18.24
CA SER A 758 -12.25 -18.91 18.68
C SER A 758 -11.90 -18.36 20.05
N PRO A 759 -12.57 -17.28 20.47
CA PRO A 759 -12.29 -16.73 21.81
C PRO A 759 -12.53 -17.74 22.92
N LEU A 760 -13.36 -18.75 22.70
CA LEU A 760 -13.59 -19.80 23.69
C LEU A 760 -12.67 -20.99 23.49
N GLY A 761 -11.54 -20.79 22.84
CA GLY A 761 -10.60 -21.86 22.60
C GLY A 761 -10.76 -22.43 21.21
N PRO A 762 -10.21 -23.62 20.99
CA PRO A 762 -10.38 -24.28 19.69
C PRO A 762 -11.80 -24.78 19.48
N LEU A 763 -12.28 -24.60 18.25
CA LEU A 763 -13.55 -25.15 17.81
C LEU A 763 -13.29 -26.01 16.57
N VAL A 764 -13.82 -27.21 16.56
CA VAL A 764 -13.63 -28.16 15.47
C VAL A 764 -14.98 -28.56 14.92
N PHE A 765 -15.18 -28.31 13.62
CA PHE A 765 -16.33 -28.80 12.90
C PHE A 765 -15.86 -29.81 11.86
N SER A 766 -16.68 -30.82 11.60
CA SER A 766 -16.30 -31.82 10.62
C SER A 766 -17.57 -32.49 10.07
N TYR A 767 -17.51 -32.83 8.79
CA TYR A 767 -18.52 -33.67 8.16
C TYR A 767 -17.82 -34.90 7.61
N ALA A 768 -18.24 -36.08 8.05
CA ALA A 768 -17.60 -37.33 7.68
C ALA A 768 -18.65 -38.34 7.26
N GLN A 769 -18.40 -39.03 6.15
CA GLN A 769 -19.21 -40.16 5.73
C GLN A 769 -18.55 -41.44 6.21
N PRO A 770 -19.17 -42.22 7.08
CA PRO A 770 -18.59 -43.53 7.44
C PRO A 770 -18.91 -44.62 6.43
N PHE A 771 -18.13 -44.66 5.35
CA PHE A 771 -18.41 -45.58 4.26
C PHE A 771 -18.16 -47.04 4.63
N LYS A 772 -17.53 -47.31 5.76
CA LYS A 772 -17.35 -48.68 6.25
C LYS A 772 -17.79 -48.73 7.69
N LYS A 773 -18.76 -49.58 7.99
CA LYS A 773 -19.23 -49.76 9.36
C LYS A 773 -19.89 -51.12 9.46
N TYR A 774 -20.09 -51.56 10.70
CA TYR A 774 -20.64 -52.88 10.98
C TYR A 774 -21.91 -52.73 11.82
N ASP A 775 -22.72 -53.77 11.82
CA ASP A 775 -24.02 -53.71 12.47
C ASP A 775 -23.86 -53.30 13.92
N GLY A 776 -24.70 -52.36 14.35
CA GLY A 776 -24.67 -51.84 15.70
C GLY A 776 -23.94 -50.53 15.85
N ASP A 777 -23.15 -50.13 14.86
CA ASP A 777 -22.41 -48.88 14.95
C ASP A 777 -23.34 -47.70 14.66
N LYS A 778 -23.29 -46.70 15.52
CA LYS A 778 -24.11 -45.50 15.37
C LYS A 778 -23.33 -44.46 14.58
N ALA A 779 -23.94 -43.94 13.52
CA ALA A 779 -23.28 -42.98 12.65
C ALA A 779 -23.65 -41.57 13.05
N GLU A 780 -22.70 -40.65 12.86
CA GLU A 780 -22.91 -39.23 13.16
C GLU A 780 -22.07 -38.43 12.18
N GLN A 781 -22.68 -38.02 11.07
CA GLN A 781 -21.92 -37.43 9.97
C GLN A 781 -21.34 -36.07 10.37
N PHE A 782 -22.17 -35.20 10.92
CA PHE A 782 -21.74 -33.86 11.30
C PHE A 782 -21.47 -33.81 12.80
N GLN A 783 -20.28 -33.35 13.17
CA GLN A 783 -19.85 -33.35 14.56
C GLN A 783 -19.21 -32.02 14.90
N PHE A 784 -19.43 -31.58 16.14
CA PHE A 784 -18.93 -30.31 16.64
C PHE A 784 -18.30 -30.54 18.00
N ASN A 785 -17.14 -29.93 18.23
CA ASN A 785 -16.39 -30.19 19.45
C ASN A 785 -15.67 -28.92 19.88
N ILE A 786 -15.38 -28.84 21.18
CA ILE A 786 -14.67 -27.71 21.77
C ILE A 786 -13.48 -28.24 22.56
N GLY A 787 -12.33 -27.63 22.38
CA GLY A 787 -11.13 -28.00 23.09
C GLY A 787 -10.16 -28.76 22.20
N LYS A 788 -8.97 -28.99 22.75
CA LYS A 788 -7.93 -29.70 22.02
C LYS A 788 -8.40 -31.12 21.69
N THR A 789 -8.52 -31.40 20.39
CA THR A 789 -8.94 -32.72 19.92
C THR A 789 -7.72 -33.61 19.77
N TRP A 790 -7.84 -34.83 20.28
CA TRP A 790 -6.71 -35.78 20.36
C TRP A 790 -5.43 -35.09 20.81
N LEU B 3 -11.97 -15.89 -12.10
CA LEU B 3 -12.96 -15.96 -10.98
C LEU B 3 -14.35 -15.59 -11.47
N PHE B 4 -14.56 -14.31 -11.76
CA PHE B 4 -15.83 -13.79 -12.24
C PHE B 4 -15.64 -13.26 -13.65
N ASN B 5 -16.46 -13.74 -14.59
CA ASN B 5 -16.40 -13.33 -15.98
C ASN B 5 -17.43 -12.27 -16.33
N SER B 6 -18.17 -11.77 -15.34
CA SER B 6 -19.25 -10.80 -15.57
C SER B 6 -18.99 -9.48 -14.87
N GLU B 7 -17.73 -9.20 -14.54
CA GLU B 7 -17.37 -8.03 -13.76
C GLU B 7 -16.54 -7.01 -14.53
N GLU B 8 -16.06 -7.34 -15.73
CA GLU B 8 -15.15 -6.47 -16.48
C GLU B 8 -15.65 -6.34 -17.91
N ASP B 9 -16.01 -5.12 -18.29
CA ASP B 9 -16.38 -4.81 -19.67
C ASP B 9 -16.55 -3.31 -19.80
N VAL B 10 -16.11 -2.76 -20.93
CA VAL B 10 -16.25 -1.34 -21.23
C VAL B 10 -17.00 -1.22 -22.55
N VAL B 11 -18.08 -0.45 -22.54
CA VAL B 11 -18.94 -0.28 -23.71
C VAL B 11 -18.54 1.00 -24.42
N LYS B 12 -17.62 0.89 -25.36
CA LYS B 12 -17.14 2.04 -26.12
C LYS B 12 -16.99 1.67 -27.60
N MET B 13 -17.97 0.98 -28.17
CA MET B 13 -17.94 0.60 -29.57
C MET B 13 -19.11 1.20 -30.32
N SER B 14 -18.83 1.83 -31.46
CA SER B 14 -19.88 2.41 -32.28
C SER B 14 -20.70 1.31 -32.94
N PRO B 15 -21.97 1.57 -33.25
CA PRO B 15 -22.78 0.56 -33.93
C PRO B 15 -22.57 0.60 -35.44
N LEU B 16 -23.09 -0.43 -36.09
CA LEU B 16 -22.92 -0.58 -37.54
C LEU B 16 -23.74 0.48 -38.27
N PRO B 17 -23.12 1.37 -39.05
CA PRO B 17 -23.90 2.40 -39.73
C PRO B 17 -24.75 1.80 -40.84
N THR B 18 -25.84 2.50 -41.15
CA THR B 18 -26.73 2.12 -42.25
C THR B 18 -26.35 2.96 -43.46
N VAL B 19 -26.19 2.29 -44.61
CA VAL B 19 -25.72 2.95 -45.82
C VAL B 19 -26.50 2.44 -47.01
N GLU B 20 -26.63 3.29 -48.03
CA GLU B 20 -27.22 2.92 -49.31
C GLU B 20 -26.08 2.74 -50.31
N ASN B 21 -25.79 1.49 -50.65
CA ASN B 21 -24.62 1.19 -51.47
C ASN B 21 -24.92 1.52 -52.93
N GLN B 22 -24.10 2.40 -53.52
CA GLN B 22 -24.26 2.76 -54.92
C GLN B 22 -23.93 1.61 -55.86
N PHE B 23 -23.28 0.56 -55.37
CA PHE B 23 -22.95 -0.61 -56.17
C PHE B 23 -23.06 -1.84 -55.28
N THR B 24 -22.84 -3.01 -55.88
CA THR B 24 -22.93 -4.28 -55.14
C THR B 24 -21.56 -4.89 -54.97
N PRO B 25 -20.93 -4.78 -53.80
CA PRO B 25 -19.64 -5.45 -53.60
C PRO B 25 -19.78 -6.95 -53.78
N THR B 26 -18.73 -7.56 -54.34
CA THR B 26 -18.74 -8.98 -54.64
C THR B 26 -17.41 -9.60 -54.23
N THR B 27 -17.45 -10.90 -53.92
CA THR B 27 -16.27 -11.67 -53.56
C THR B 27 -15.92 -12.55 -54.75
N ALA B 28 -14.84 -12.19 -55.47
CA ALA B 28 -14.44 -12.96 -56.63
C ALA B 28 -14.07 -14.38 -56.26
N TRP B 29 -13.29 -14.55 -55.19
CA TRP B 29 -12.88 -15.87 -54.74
C TRP B 29 -12.36 -15.76 -53.32
N SER B 30 -12.23 -16.92 -52.66
CA SER B 30 -11.73 -16.98 -51.30
C SER B 30 -10.99 -18.30 -51.11
N THR B 31 -9.92 -18.26 -50.32
CA THR B 31 -9.10 -19.44 -50.08
C THR B 31 -8.56 -19.41 -48.66
N SER B 32 -8.62 -20.55 -47.99
CA SER B 32 -8.13 -20.67 -46.63
C SER B 32 -6.62 -20.83 -46.62
N VAL B 33 -5.96 -20.13 -45.71
CA VAL B 33 -4.50 -20.19 -45.56
C VAL B 33 -4.22 -20.47 -44.09
N GLY B 34 -4.09 -21.75 -43.74
CA GLY B 34 -3.71 -22.14 -42.40
C GLY B 34 -4.66 -21.63 -41.35
N SER B 35 -4.12 -21.50 -40.13
CA SER B 35 -4.90 -20.98 -39.02
C SER B 35 -5.04 -19.46 -39.10
N GLY B 36 -4.08 -18.79 -39.72
CA GLY B 36 -4.14 -17.34 -39.86
C GLY B 36 -3.42 -16.62 -38.73
N ILE B 37 -3.57 -15.30 -38.75
CA ILE B 37 -2.93 -14.46 -37.75
C ILE B 37 -3.41 -14.84 -36.35
N GLY B 38 -4.69 -15.16 -36.21
CA GLY B 38 -5.25 -15.45 -34.91
C GLY B 38 -5.51 -14.18 -34.13
N ASN B 39 -5.65 -14.36 -32.81
CA ASN B 39 -5.89 -13.22 -31.93
C ASN B 39 -4.65 -12.34 -31.76
N PHE B 40 -3.46 -12.87 -32.06
CA PHE B 40 -2.24 -12.10 -31.87
C PHE B 40 -2.20 -10.91 -32.84
N TYR B 41 -1.63 -9.81 -32.36
CA TYR B 41 -1.42 -8.64 -33.20
C TYR B 41 -0.18 -8.86 -34.06
N SER B 42 -0.37 -8.86 -35.38
CA SER B 42 0.71 -9.18 -36.31
C SER B 42 0.57 -8.31 -37.55
N ASN B 43 1.61 -8.32 -38.37
CA ASN B 43 1.66 -7.57 -39.61
C ASN B 43 1.42 -8.43 -40.84
N LEU B 44 1.15 -9.72 -40.67
CA LEU B 44 1.03 -10.61 -41.81
C LEU B 44 -0.10 -10.19 -42.74
N HIS B 45 0.17 -10.18 -44.03
CA HIS B 45 -0.85 -9.87 -45.01
C HIS B 45 -0.41 -10.42 -46.37
N PRO B 46 -1.33 -10.59 -47.30
CA PRO B 46 -0.95 -11.12 -48.62
C PRO B 46 -0.02 -10.19 -49.36
N ALA B 47 0.50 -10.69 -50.48
CA ALA B 47 1.36 -9.92 -51.36
C ALA B 47 1.01 -10.25 -52.80
N LEU B 48 0.84 -9.21 -53.63
CA LEU B 48 0.47 -9.39 -55.03
C LEU B 48 1.70 -9.14 -55.90
N ALA B 49 2.00 -10.11 -56.77
CA ALA B 49 3.14 -9.99 -57.67
C ALA B 49 2.89 -10.80 -58.92
N ASP B 50 2.88 -10.13 -60.08
CA ASP B 50 2.73 -10.79 -61.37
C ASP B 50 1.54 -11.75 -61.37
N ASN B 51 0.38 -11.23 -60.98
CA ASN B 51 -0.84 -12.03 -60.88
C ASN B 51 -0.60 -13.34 -60.13
N VAL B 52 0.08 -13.23 -59.00
CA VAL B 52 0.24 -14.33 -58.06
C VAL B 52 0.06 -13.77 -56.66
N VAL B 53 -0.67 -14.49 -55.82
CA VAL B 53 -0.99 -14.05 -54.46
C VAL B 53 -0.24 -14.94 -53.49
N TYR B 54 0.65 -14.33 -52.71
CA TYR B 54 1.43 -15.03 -51.69
C TYR B 54 0.87 -14.70 -50.30
N ALA B 55 0.57 -15.73 -49.53
CA ALA B 55 -0.03 -15.60 -48.21
C ALA B 55 0.72 -16.50 -47.25
N ALA B 56 0.60 -16.21 -45.96
CA ALA B 56 1.35 -16.94 -44.94
C ALA B 56 0.52 -17.09 -43.68
N ASP B 57 1.08 -17.81 -42.71
CA ASP B 57 0.40 -18.13 -41.47
C ASP B 57 1.36 -17.94 -40.29
N ARG B 58 0.76 -17.74 -39.12
CA ARG B 58 1.51 -17.52 -37.88
C ARG B 58 2.49 -18.66 -37.59
N ALA B 59 2.04 -19.91 -37.64
CA ALA B 59 3.03 -20.99 -37.64
C ALA B 59 3.84 -21.05 -38.92
N GLY B 60 3.36 -20.43 -39.99
CA GLY B 60 3.82 -20.67 -41.33
C GLY B 60 3.18 -21.73 -42.20
N LEU B 61 2.34 -21.27 -43.11
CA LEU B 61 1.86 -22.03 -44.25
C LEU B 61 2.03 -21.06 -45.42
N VAL B 62 3.23 -20.96 -45.97
CA VAL B 62 3.38 -20.11 -47.13
C VAL B 62 2.66 -20.75 -48.31
N LYS B 63 1.75 -19.99 -48.92
CA LYS B 63 0.92 -20.47 -50.00
C LYS B 63 0.92 -19.46 -51.13
N ALA B 64 0.95 -19.95 -52.37
CA ALA B 64 0.83 -19.09 -53.53
C ALA B 64 -0.50 -19.39 -54.22
N LEU B 65 -1.30 -18.36 -54.46
CA LEU B 65 -2.62 -18.54 -55.05
C LEU B 65 -2.76 -17.69 -56.30
N ASN B 66 -3.52 -18.19 -57.27
CA ASN B 66 -3.81 -17.39 -58.45
C ASN B 66 -4.67 -16.20 -58.06
N ALA B 67 -4.35 -15.04 -58.62
CA ALA B 67 -5.15 -13.85 -58.34
C ALA B 67 -6.53 -13.96 -58.97
N ASP B 68 -6.59 -14.54 -60.17
CA ASP B 68 -7.84 -14.66 -60.92
C ASP B 68 -8.86 -15.57 -60.25
N ASP B 69 -8.45 -16.76 -59.77
CA ASP B 69 -9.42 -17.64 -59.14
C ASP B 69 -8.95 -18.27 -57.83
N GLY B 70 -8.05 -17.62 -57.11
CA GLY B 70 -7.45 -18.22 -55.94
C GLY B 70 -6.96 -19.65 -55.99
N LYS B 71 -6.70 -20.20 -57.17
CA LYS B 71 -6.13 -21.54 -57.26
C LYS B 71 -4.65 -21.47 -56.93
N GLU B 72 -4.16 -22.47 -56.20
CA GLU B 72 -2.77 -22.44 -55.75
C GLU B 72 -1.83 -23.12 -56.74
N ILE B 73 -0.59 -22.63 -56.76
CA ILE B 73 0.44 -23.18 -57.62
C ILE B 73 1.55 -23.88 -56.85
N TRP B 74 1.77 -23.53 -55.58
CA TRP B 74 2.73 -24.24 -54.74
C TRP B 74 2.52 -23.85 -53.28
N SER B 75 2.76 -24.80 -52.39
CA SER B 75 2.60 -24.58 -50.96
C SER B 75 3.79 -25.20 -50.23
N VAL B 76 4.12 -24.64 -49.07
CA VAL B 76 5.22 -25.11 -48.24
C VAL B 76 4.94 -24.73 -46.80
N SER B 77 5.58 -25.44 -45.88
CA SER B 77 5.51 -25.15 -44.45
C SER B 77 6.92 -24.94 -43.92
N LEU B 78 7.13 -23.86 -43.18
CA LEU B 78 8.42 -23.54 -42.61
C LEU B 78 8.52 -23.92 -41.14
N ALA B 79 7.58 -24.72 -40.64
CA ALA B 79 7.53 -25.07 -39.22
C ALA B 79 8.30 -26.37 -39.08
N GLU B 80 9.56 -26.28 -38.66
CA GLU B 80 10.38 -27.44 -38.34
C GLU B 80 10.29 -28.47 -39.47
N LYS B 81 10.79 -28.06 -40.64
CA LYS B 81 10.80 -28.96 -41.78
C LYS B 81 11.63 -30.20 -41.49
N ASP B 82 12.74 -30.05 -40.78
CA ASP B 82 13.62 -31.16 -40.45
C ASP B 82 13.38 -31.69 -39.04
N GLY B 83 12.41 -31.12 -38.33
CA GLY B 83 12.07 -31.59 -37.00
C GLY B 83 13.21 -31.40 -36.01
N TRP B 84 13.82 -30.21 -36.01
CA TRP B 84 14.89 -29.96 -35.05
C TRP B 84 14.39 -30.06 -33.62
N PHE B 85 13.19 -29.54 -33.36
CA PHE B 85 12.51 -29.75 -32.08
C PHE B 85 11.02 -29.87 -32.35
N SER B 86 10.48 -31.08 -32.20
CA SER B 86 9.07 -31.36 -32.41
C SER B 86 8.58 -30.63 -33.66
N LYS B 87 7.44 -29.94 -33.57
CA LYS B 87 6.95 -29.05 -34.62
C LYS B 87 6.62 -27.71 -33.97
N GLU B 88 7.63 -26.87 -33.79
CA GLU B 88 7.43 -25.56 -33.20
C GLU B 88 6.87 -24.59 -34.25
N PRO B 89 5.98 -23.68 -33.87
CA PRO B 89 5.55 -22.64 -34.81
C PRO B 89 6.72 -21.74 -35.21
N ALA B 90 6.69 -21.31 -36.47
CA ALA B 90 7.66 -20.33 -36.95
C ALA B 90 7.37 -18.93 -36.42
N LEU B 91 6.16 -18.70 -35.90
CA LEU B 91 5.77 -17.40 -35.38
C LEU B 91 5.98 -16.30 -36.42
N LEU B 92 5.59 -16.57 -37.66
CA LEU B 92 5.74 -15.61 -38.74
C LEU B 92 4.94 -14.35 -38.40
N SER B 93 5.59 -13.18 -38.53
CA SER B 93 4.85 -11.94 -38.34
C SER B 93 5.43 -10.76 -39.11
N GLY B 94 6.01 -11.00 -40.28
CA GLY B 94 6.77 -9.98 -40.97
C GLY B 94 5.98 -9.48 -42.17
N GLY B 95 4.92 -10.19 -42.49
CA GLY B 95 4.16 -10.09 -43.72
C GLY B 95 4.94 -10.51 -44.93
N VAL B 96 4.24 -11.04 -45.92
CA VAL B 96 4.88 -11.46 -47.16
C VAL B 96 5.37 -10.26 -47.96
N THR B 97 6.64 -10.30 -48.35
CA THR B 97 7.20 -9.30 -49.24
C THR B 97 7.57 -10.03 -50.53
N VAL B 98 7.39 -9.40 -51.67
CA VAL B 98 7.69 -10.04 -52.95
C VAL B 98 8.56 -9.12 -53.79
N SER B 99 9.69 -9.63 -54.27
CA SER B 99 10.54 -8.84 -55.14
C SER B 99 11.61 -9.75 -55.74
N GLY B 100 11.85 -9.57 -57.03
CA GLY B 100 12.94 -10.28 -57.70
C GLY B 100 12.85 -11.80 -57.61
N GLY B 101 11.64 -12.35 -57.66
CA GLY B 101 11.51 -13.79 -57.56
C GLY B 101 11.69 -14.34 -56.17
N HIS B 102 11.80 -13.49 -55.15
CA HIS B 102 12.00 -13.92 -53.77
C HIS B 102 10.81 -13.49 -52.93
N VAL B 103 10.50 -14.30 -51.93
CA VAL B 103 9.41 -14.05 -51.01
C VAL B 103 10.02 -13.95 -49.61
N TYR B 104 10.12 -12.73 -49.09
CA TYR B 104 10.75 -12.49 -47.80
C TYR B 104 9.69 -12.43 -46.71
N ILE B 105 9.96 -13.11 -45.59
CA ILE B 105 9.05 -13.15 -44.47
C ILE B 105 9.87 -13.04 -43.20
N GLY B 106 9.36 -12.30 -42.22
CA GLY B 106 9.98 -12.22 -40.91
C GLY B 106 9.43 -13.27 -39.98
N SER B 107 10.00 -13.30 -38.78
CA SER B 107 9.56 -14.26 -37.76
C SER B 107 9.90 -13.71 -36.39
N GLU B 108 9.06 -14.04 -35.42
CA GLU B 108 9.29 -13.59 -34.06
C GLU B 108 10.36 -14.42 -33.35
N LYS B 109 10.86 -15.49 -33.98
CA LYS B 109 12.03 -16.19 -33.48
C LYS B 109 13.33 -15.55 -33.95
N ALA B 110 13.27 -14.32 -34.46
CA ALA B 110 14.45 -13.61 -34.93
C ALA B 110 15.03 -14.28 -36.17
N GLN B 111 14.17 -14.72 -37.06
CA GLN B 111 14.57 -15.35 -38.32
C GLN B 111 13.92 -14.62 -39.47
N VAL B 112 14.62 -14.56 -40.60
CA VAL B 112 14.11 -13.97 -41.83
C VAL B 112 14.28 -15.00 -42.93
N TYR B 113 13.15 -15.38 -43.56
CA TYR B 113 13.15 -16.36 -44.62
C TYR B 113 13.01 -15.65 -45.96
N ALA B 114 13.58 -16.25 -47.00
CA ALA B 114 13.66 -15.64 -48.33
C ALA B 114 13.22 -16.66 -49.37
N LEU B 115 12.05 -17.23 -49.17
CA LEU B 115 11.57 -18.30 -50.02
C LEU B 115 11.64 -17.92 -51.49
N ASN B 116 11.65 -18.94 -52.33
CA ASN B 116 11.69 -18.77 -53.78
C ASN B 116 10.29 -18.66 -54.37
N THR B 117 10.24 -18.07 -55.56
CA THR B 117 8.99 -17.81 -56.26
C THR B 117 8.55 -19.03 -57.05
N SER B 118 9.49 -19.66 -57.74
CA SER B 118 9.18 -20.80 -58.60
C SER B 118 8.48 -21.92 -57.83
N ASP B 119 8.99 -22.29 -56.65
CA ASP B 119 8.27 -23.31 -55.87
C ASP B 119 8.28 -23.14 -54.36
N GLY B 120 9.06 -22.24 -53.78
CA GLY B 120 9.06 -22.06 -52.33
C GLY B 120 10.33 -22.53 -51.65
N THR B 121 11.32 -23.00 -52.38
CA THR B 121 12.57 -23.47 -51.78
C THR B 121 13.23 -22.33 -51.02
N VAL B 122 13.63 -22.60 -49.78
CA VAL B 122 14.19 -21.56 -48.92
C VAL B 122 15.60 -21.28 -49.41
N ALA B 123 15.75 -20.22 -50.20
CA ALA B 123 17.04 -19.83 -50.71
C ALA B 123 18.03 -19.49 -49.59
N TRP B 124 17.58 -18.75 -48.58
CA TRP B 124 18.43 -18.53 -47.42
C TRP B 124 17.58 -18.12 -46.23
N GLN B 125 18.14 -18.37 -45.04
CA GLN B 125 17.52 -18.00 -43.79
C GLN B 125 18.58 -17.38 -42.89
N THR B 126 18.32 -16.17 -42.41
CA THR B 126 19.30 -15.39 -41.67
C THR B 126 18.78 -15.08 -40.28
N LYS B 127 19.65 -15.24 -39.29
CA LYS B 127 19.35 -14.84 -37.93
C LYS B 127 19.56 -13.34 -37.78
N VAL B 128 18.64 -12.66 -37.11
CA VAL B 128 18.70 -11.22 -36.95
C VAL B 128 18.73 -10.84 -35.48
N ALA B 129 18.83 -9.54 -35.19
CA ALA B 129 19.01 -9.08 -33.83
C ALA B 129 17.83 -9.35 -32.92
N GLY B 130 16.66 -9.64 -33.48
CA GLY B 130 15.49 -9.86 -32.65
C GLY B 130 14.26 -10.14 -33.48
N GLU B 131 13.12 -10.09 -32.83
CA GLU B 131 11.86 -10.39 -33.48
C GLU B 131 11.66 -9.47 -34.68
N ALA B 132 11.61 -10.05 -35.88
CA ALA B 132 11.45 -9.27 -37.11
C ALA B 132 9.98 -8.92 -37.29
N LEU B 133 9.52 -7.95 -36.49
CA LEU B 133 8.12 -7.53 -36.54
C LEU B 133 7.83 -6.67 -37.77
N SER B 134 8.81 -5.93 -38.27
CA SER B 134 8.55 -5.00 -39.36
C SER B 134 8.34 -5.73 -40.67
N ARG B 135 7.66 -5.07 -41.58
CA ARG B 135 7.51 -5.59 -42.92
C ARG B 135 8.83 -5.43 -43.68
N PRO B 136 9.39 -6.50 -44.24
CA PRO B 136 10.64 -6.34 -45.00
C PRO B 136 10.48 -5.37 -46.15
N VAL B 137 11.52 -4.57 -46.38
CA VAL B 137 11.53 -3.58 -47.44
C VAL B 137 12.72 -3.89 -48.35
N VAL B 138 12.42 -4.17 -49.61
CA VAL B 138 13.44 -4.56 -50.58
C VAL B 138 13.77 -3.35 -51.44
N SER B 139 15.05 -2.99 -51.50
CA SER B 139 15.47 -1.86 -52.30
C SER B 139 16.99 -1.84 -52.41
N ASP B 140 17.49 -1.46 -53.58
CA ASP B 140 18.92 -1.31 -53.81
C ASP B 140 19.69 -2.59 -53.49
N GLY B 141 19.07 -3.74 -53.76
CA GLY B 141 19.73 -4.99 -53.50
C GLY B 141 19.79 -5.38 -52.03
N LEU B 142 19.08 -4.65 -51.17
CA LEU B 142 19.10 -4.90 -49.73
C LEU B 142 17.69 -5.16 -49.23
N VAL B 143 17.60 -5.91 -48.14
CA VAL B 143 16.34 -6.23 -47.47
C VAL B 143 16.42 -5.63 -46.08
N LEU B 144 15.65 -4.58 -45.83
CA LEU B 144 15.69 -3.88 -44.56
C LEU B 144 14.68 -4.48 -43.59
N ILE B 145 15.14 -4.73 -42.37
CA ILE B 145 14.32 -5.26 -41.30
C ILE B 145 14.45 -4.34 -40.09
N HIS B 146 13.40 -4.27 -39.29
CA HIS B 146 13.39 -3.45 -38.08
C HIS B 146 12.89 -4.34 -36.94
N THR B 147 13.81 -4.81 -36.12
CA THR B 147 13.50 -5.79 -35.09
C THR B 147 12.79 -5.13 -33.91
N SER B 148 12.16 -5.96 -33.09
CA SER B 148 11.37 -5.45 -31.98
C SER B 148 12.23 -4.84 -30.89
N ASN B 149 13.51 -5.18 -30.82
CA ASN B 149 14.40 -4.64 -29.81
C ASN B 149 15.09 -3.36 -30.27
N GLY B 150 14.58 -2.72 -31.32
CA GLY B 150 15.13 -1.47 -31.78
C GLY B 150 16.46 -1.62 -32.48
N GLN B 151 16.47 -2.29 -33.63
CA GLN B 151 17.68 -2.44 -34.41
C GLN B 151 17.29 -2.58 -35.87
N LEU B 152 17.78 -1.67 -36.70
CA LEU B 152 17.52 -1.71 -38.14
C LEU B 152 18.67 -2.44 -38.82
N GLN B 153 18.35 -3.56 -39.47
CA GLN B 153 19.33 -4.38 -40.14
C GLN B 153 19.03 -4.40 -41.63
N ALA B 154 20.08 -4.55 -42.44
CA ALA B 154 19.97 -4.56 -43.89
C ALA B 154 20.60 -5.85 -44.41
N LEU B 155 19.81 -6.91 -44.49
CA LEU B 155 20.30 -8.17 -45.00
C LEU B 155 20.60 -8.07 -46.49
N ASN B 156 21.62 -8.79 -46.92
CA ASN B 156 21.95 -8.85 -48.33
C ASN B 156 20.90 -9.66 -49.08
N GLU B 157 20.46 -9.15 -50.22
CA GLU B 157 19.38 -9.81 -50.96
C GLU B 157 19.83 -11.17 -51.48
N ALA B 158 21.05 -11.26 -52.02
CA ALA B 158 21.46 -12.48 -52.70
C ALA B 158 21.64 -13.64 -51.72
N ASP B 159 22.37 -13.43 -50.64
CA ASP B 159 22.73 -14.52 -49.73
C ASP B 159 22.26 -14.32 -48.29
N GLY B 160 21.64 -13.18 -47.97
CA GLY B 160 21.12 -12.98 -46.64
C GLY B 160 22.14 -12.52 -45.62
N ALA B 161 23.37 -12.22 -46.04
CA ALA B 161 24.37 -11.73 -45.10
C ALA B 161 24.02 -10.33 -44.63
N VAL B 162 24.18 -10.08 -43.34
CA VAL B 162 23.86 -8.78 -42.76
C VAL B 162 24.87 -7.77 -43.30
N LYS B 163 24.41 -6.83 -44.11
CA LYS B 163 25.32 -5.83 -44.69
C LYS B 163 25.76 -4.82 -43.63
N TRP B 164 24.82 -4.32 -42.83
CA TRP B 164 25.14 -3.38 -41.77
C TRP B 164 24.01 -3.42 -40.75
N THR B 165 24.16 -2.61 -39.69
CA THR B 165 23.17 -2.56 -38.62
C THR B 165 23.19 -1.17 -37.99
N VAL B 166 22.03 -0.76 -37.50
CA VAL B 166 21.88 0.54 -36.86
C VAL B 166 21.03 0.37 -35.60
N ASN B 167 21.42 1.05 -34.54
CA ASN B 167 20.71 0.97 -33.27
C ASN B 167 19.76 2.15 -33.12
N LEU B 168 18.59 1.88 -32.56
CA LEU B 168 17.59 2.91 -32.28
C LEU B 168 17.16 2.77 -30.84
N ASP B 169 16.96 3.91 -30.17
CA ASP B 169 16.60 3.87 -28.76
C ASP B 169 15.25 3.21 -28.57
N MET B 170 15.12 2.45 -27.48
CA MET B 170 13.90 1.74 -27.15
C MET B 170 13.38 2.22 -25.80
N PRO B 171 12.15 2.70 -25.71
CA PRO B 171 11.61 3.11 -24.40
C PRO B 171 11.22 1.89 -23.56
N SER B 172 10.92 2.18 -22.29
CA SER B 172 10.51 1.13 -21.37
C SER B 172 9.20 0.47 -21.78
N LEU B 173 8.35 1.20 -22.50
CA LEU B 173 7.09 0.65 -22.97
C LEU B 173 6.78 1.25 -24.33
N SER B 174 6.15 0.44 -25.18
CA SER B 174 5.84 0.86 -26.54
C SER B 174 4.67 0.04 -27.04
N LEU B 175 4.27 0.30 -28.28
CA LEU B 175 3.18 -0.42 -28.92
C LEU B 175 3.76 -1.53 -29.79
N ARG B 176 3.10 -2.69 -29.77
CA ARG B 176 3.56 -3.82 -30.56
C ARG B 176 3.57 -3.46 -32.04
N GLY B 177 4.66 -3.79 -32.71
CA GLY B 177 4.84 -3.47 -34.11
C GLY B 177 6.05 -2.60 -34.35
N GLU B 178 6.50 -2.52 -35.60
CA GLU B 178 7.68 -1.75 -35.96
C GLU B 178 7.44 -1.04 -37.28
N SER B 179 8.21 0.02 -37.51
CA SER B 179 8.05 0.83 -38.69
C SER B 179 8.87 0.26 -39.84
N ALA B 180 8.30 0.25 -41.03
CA ALA B 180 8.99 -0.23 -42.22
C ALA B 180 9.68 0.95 -42.90
N PRO B 181 10.99 0.89 -43.13
CA PRO B 181 11.68 2.01 -43.78
C PRO B 181 11.10 2.31 -45.16
N THR B 182 11.58 3.41 -45.73
CA THR B 182 11.19 3.86 -47.06
C THR B 182 12.41 4.02 -47.94
N THR B 183 12.22 3.82 -49.25
CA THR B 183 13.36 3.82 -50.16
C THR B 183 13.95 5.21 -50.31
N ALA B 184 13.11 6.22 -50.53
CA ALA B 184 13.58 7.61 -50.70
C ALA B 184 14.60 7.65 -51.83
N PHE B 185 15.69 8.40 -51.70
CA PHE B 185 16.75 8.48 -52.70
C PHE B 185 18.06 8.04 -52.04
N GLY B 186 18.40 6.77 -52.20
CA GLY B 186 19.62 6.26 -51.60
C GLY B 186 19.67 6.39 -50.11
N ALA B 187 18.52 6.53 -49.46
CA ALA B 187 18.42 6.69 -48.02
C ALA B 187 17.33 5.76 -47.50
N ALA B 188 17.15 5.76 -46.19
CA ALA B 188 16.12 4.95 -45.55
C ALA B 188 15.51 5.78 -44.42
N VAL B 189 14.24 6.13 -44.57
CA VAL B 189 13.52 6.91 -43.56
C VAL B 189 12.68 5.93 -42.76
N VAL B 190 12.92 5.88 -41.45
CA VAL B 190 12.31 4.89 -40.58
C VAL B 190 11.75 5.61 -39.36
N GLY B 191 10.80 4.96 -38.70
CA GLY B 191 10.26 5.44 -37.46
C GLY B 191 11.01 4.88 -36.28
N GLY B 192 10.37 4.91 -35.12
CA GLY B 192 10.96 4.37 -33.92
C GLY B 192 9.99 4.39 -32.75
N ASP B 193 10.18 3.49 -31.80
CA ASP B 193 9.32 3.46 -30.63
C ASP B 193 9.54 4.66 -29.72
N ASN B 194 10.68 5.34 -29.84
CA ASN B 194 10.96 6.53 -29.05
C ASN B 194 10.32 7.79 -29.63
N GLY B 195 9.69 7.69 -30.79
CA GLY B 195 9.04 8.82 -31.41
C GLY B 195 9.90 9.67 -32.33
N ARG B 196 11.18 9.32 -32.47
CA ARG B 196 12.10 10.10 -33.30
C ARG B 196 12.18 9.45 -34.68
N VAL B 197 11.75 10.17 -35.71
CA VAL B 197 11.96 9.72 -37.07
C VAL B 197 13.42 9.91 -37.44
N SER B 198 13.98 8.95 -38.17
CA SER B 198 15.39 8.94 -38.51
C SER B 198 15.56 8.66 -40.00
N ALA B 199 16.66 9.13 -40.56
CA ALA B 199 17.04 8.84 -41.93
C ALA B 199 18.46 8.33 -41.96
N VAL B 200 18.65 7.17 -42.58
CA VAL B 200 19.94 6.50 -42.64
C VAL B 200 20.27 6.20 -44.09
N LEU B 201 21.53 6.46 -44.47
CA LEU B 201 21.97 6.21 -45.83
C LEU B 201 21.94 4.72 -46.14
N MET B 202 21.76 4.40 -47.42
CA MET B 202 21.59 3.00 -47.80
C MET B 202 22.91 2.25 -47.75
N GLU B 203 24.03 2.95 -47.92
CA GLU B 203 25.31 2.26 -48.01
C GLU B 203 25.63 1.58 -46.69
N GLN B 204 25.70 2.36 -45.62
CA GLN B 204 26.07 1.89 -44.30
C GLN B 204 25.09 2.54 -43.32
N GLY B 205 25.39 2.45 -42.04
CA GLY B 205 24.52 3.02 -41.03
C GLY B 205 24.82 4.44 -40.61
N GLN B 206 25.49 5.23 -41.46
CA GLN B 206 25.77 6.62 -41.08
C GLN B 206 24.46 7.40 -40.95
N MET B 207 24.11 7.77 -39.72
CA MET B 207 22.88 8.51 -39.48
C MET B 207 22.94 9.84 -40.22
N ILE B 208 21.86 10.20 -40.91
CA ILE B 208 21.81 11.47 -41.62
C ILE B 208 21.11 12.53 -40.78
N TRP B 209 19.94 12.23 -40.25
CA TRP B 209 19.26 13.20 -39.40
C TRP B 209 18.23 12.46 -38.55
N GLN B 210 17.81 13.11 -37.47
CA GLN B 210 16.78 12.57 -36.60
C GLN B 210 15.99 13.73 -36.03
N GLN B 211 14.67 13.55 -35.89
CA GLN B 211 13.81 14.65 -35.48
C GLN B 211 12.62 14.09 -34.73
N ARG B 212 12.30 14.69 -33.59
CA ARG B 212 11.21 14.22 -32.76
C ARG B 212 9.86 14.57 -33.37
N ILE B 213 8.90 13.66 -33.25
CA ILE B 213 7.59 13.86 -33.86
C ILE B 213 6.46 13.87 -32.83
N SER B 214 6.70 13.39 -31.61
CA SER B 214 5.64 13.23 -30.62
C SER B 214 5.67 14.39 -29.64
N GLN B 215 4.48 14.83 -29.22
CA GLN B 215 4.40 15.81 -28.14
C GLN B 215 4.88 15.22 -26.82
N ALA B 216 4.37 14.04 -26.48
CA ALA B 216 4.83 13.28 -25.30
C ALA B 216 4.96 14.20 -24.09
N THR B 217 3.87 14.89 -23.77
CA THR B 217 3.77 15.75 -22.60
C THR B 217 3.04 15.07 -21.45
N GLY B 218 3.15 13.75 -21.35
CA GLY B 218 2.40 13.01 -20.36
C GLY B 218 3.05 12.98 -18.99
N SER B 219 2.39 12.28 -18.08
CA SER B 219 2.85 12.12 -16.71
C SER B 219 3.56 10.79 -16.49
N THR B 220 2.94 9.69 -16.93
CA THR B 220 3.49 8.36 -16.76
C THR B 220 3.74 7.72 -18.12
N GLU B 221 4.27 6.50 -18.10
CA GLU B 221 4.70 5.85 -19.34
C GLU B 221 3.55 5.75 -20.33
N ILE B 222 2.35 5.39 -19.86
CA ILE B 222 1.23 5.17 -20.75
C ILE B 222 0.82 6.46 -21.46
N ASP B 223 1.16 7.61 -20.90
CA ASP B 223 0.88 8.88 -21.55
C ASP B 223 2.03 9.35 -22.44
N ARG B 224 3.16 8.64 -22.45
CA ARG B 224 4.30 8.98 -23.30
C ARG B 224 4.47 7.99 -24.43
N LEU B 225 3.40 7.32 -24.86
CA LEU B 225 3.51 6.35 -25.94
C LEU B 225 3.67 7.08 -27.27
N SER B 226 4.92 7.32 -27.66
CA SER B 226 5.24 8.11 -28.84
C SER B 226 5.63 7.24 -30.03
N ASP B 227 5.19 5.99 -30.06
CA ASP B 227 5.64 5.06 -31.09
C ASP B 227 5.26 5.56 -32.47
N VAL B 228 6.23 5.51 -33.39
CA VAL B 228 5.97 5.77 -34.80
C VAL B 228 6.01 4.40 -35.48
N ASP B 229 4.85 3.77 -35.56
CA ASP B 229 4.72 2.43 -36.13
C ASP B 229 4.20 2.45 -37.56
N THR B 230 4.09 3.63 -38.17
CA THR B 230 3.64 3.74 -39.55
C THR B 230 4.83 3.76 -40.50
N THR B 231 4.52 3.74 -41.79
CA THR B 231 5.55 3.82 -42.82
C THR B 231 5.68 5.25 -43.30
N PRO B 232 6.81 5.93 -43.06
CA PRO B 232 6.97 7.29 -43.58
C PRO B 232 6.83 7.31 -45.10
N VAL B 233 6.18 8.35 -45.60
CA VAL B 233 5.85 8.47 -47.03
C VAL B 233 6.63 9.64 -47.59
N VAL B 234 7.43 9.38 -48.61
CA VAL B 234 8.27 10.40 -49.25
C VAL B 234 7.59 10.87 -50.51
N VAL B 235 7.38 12.18 -50.64
CA VAL B 235 6.79 12.77 -51.83
C VAL B 235 7.49 14.09 -52.11
N ASN B 236 8.08 14.21 -53.30
CA ASN B 236 8.68 15.46 -53.75
C ASN B 236 9.63 16.05 -52.71
N GLY B 237 10.37 15.19 -52.02
CA GLY B 237 11.36 15.63 -51.07
C GLY B 237 10.85 16.01 -49.70
N VAL B 238 9.61 15.66 -49.36
CA VAL B 238 9.07 15.89 -48.02
C VAL B 238 8.63 14.56 -47.45
N VAL B 239 8.93 14.35 -46.17
CA VAL B 239 8.64 13.11 -45.47
C VAL B 239 7.43 13.33 -44.58
N PHE B 240 6.41 12.49 -44.73
CA PHE B 240 5.22 12.53 -43.91
C PHE B 240 5.30 11.40 -42.87
N ALA B 241 5.14 11.75 -41.61
CA ALA B 241 5.23 10.80 -40.51
C ALA B 241 4.05 11.02 -39.58
N LEU B 242 3.70 9.97 -38.84
CA LEU B 242 2.53 10.00 -37.98
C LEU B 242 2.81 9.13 -36.78
N ALA B 243 2.67 9.70 -35.58
CA ALA B 243 2.99 9.01 -34.35
C ALA B 243 1.72 8.77 -33.54
N TYR B 244 1.78 7.73 -32.70
CA TYR B 244 0.67 7.47 -31.79
C TYR B 244 0.66 8.50 -30.67
N ASN B 245 -0.51 9.08 -30.42
CA ASN B 245 -0.64 10.18 -29.47
C ASN B 245 0.38 11.27 -29.78
N GLY B 246 0.58 11.51 -31.07
CA GLY B 246 1.57 12.47 -31.52
C GLY B 246 1.04 13.31 -32.65
N ASN B 247 1.94 13.91 -33.43
CA ASN B 247 1.55 14.83 -34.48
C ASN B 247 1.79 14.24 -35.86
N LEU B 248 0.84 14.49 -36.76
CA LEU B 248 1.05 14.22 -38.18
C LEU B 248 1.87 15.38 -38.75
N THR B 249 3.12 15.11 -39.08
CA THR B 249 4.08 16.15 -39.42
C THR B 249 4.68 15.89 -40.80
N ALA B 250 5.17 16.96 -41.41
CA ALA B 250 5.91 16.88 -42.66
C ALA B 250 7.30 17.43 -42.43
N LEU B 251 8.31 16.73 -42.96
CA LEU B 251 9.70 17.08 -42.73
C LEU B 251 10.46 17.12 -44.04
N ASP B 252 11.51 17.93 -44.07
CA ASP B 252 12.41 17.93 -45.21
C ASP B 252 13.13 16.60 -45.29
N LEU B 253 13.24 16.05 -46.50
CA LEU B 253 13.86 14.74 -46.65
C LEU B 253 15.30 14.74 -46.18
N ARG B 254 16.05 15.79 -46.50
CA ARG B 254 17.47 15.85 -46.15
C ARG B 254 17.77 16.71 -44.93
N SER B 255 17.16 17.88 -44.80
CA SER B 255 17.43 18.73 -43.65
C SER B 255 16.78 18.17 -42.38
N GLY B 256 15.57 17.65 -42.49
CA GLY B 256 14.89 17.09 -41.34
C GLY B 256 14.07 18.05 -40.49
N GLN B 257 14.01 19.33 -40.83
CA GLN B 257 13.22 20.27 -40.05
C GLN B 257 11.75 20.18 -40.42
N ILE B 258 10.89 20.26 -39.40
CA ILE B 258 9.46 20.10 -39.62
C ILE B 258 8.91 21.30 -40.38
N MET B 259 7.89 21.04 -41.20
CA MET B 259 7.20 22.09 -41.93
C MET B 259 5.89 22.49 -41.28
N TRP B 260 5.12 21.54 -40.74
CA TRP B 260 3.87 21.84 -40.08
C TRP B 260 3.50 20.65 -39.19
N LYS B 261 2.64 20.84 -38.19
CA LYS B 261 2.31 19.77 -37.21
C LYS B 261 0.83 19.83 -36.87
N ARG B 262 0.21 18.70 -36.51
CA ARG B 262 -1.24 18.65 -36.20
C ARG B 262 -1.49 17.55 -35.16
N GLU B 263 -2.23 17.83 -34.10
CA GLU B 263 -2.58 16.81 -33.08
C GLU B 263 -3.43 15.72 -33.73
N LEU B 264 -2.80 14.73 -34.37
CA LEU B 264 -3.52 13.59 -34.99
C LEU B 264 -2.58 12.40 -34.81
N GLY B 265 -3.03 11.29 -34.23
CA GLY B 265 -2.21 10.12 -33.96
C GLY B 265 -2.85 8.86 -34.51
N SER B 266 -2.00 7.91 -34.86
CA SER B 266 -2.46 6.63 -35.39
C SER B 266 -1.25 5.70 -35.50
N VAL B 267 -1.55 4.40 -35.58
CA VAL B 267 -0.55 3.39 -35.87
C VAL B 267 -0.85 2.65 -37.16
N ASN B 268 -1.81 3.13 -37.95
CA ASN B 268 -2.16 2.54 -39.23
C ASN B 268 -1.57 3.40 -40.35
N ASP B 269 -1.08 2.73 -41.38
CA ASP B 269 -0.49 3.45 -42.50
C ASP B 269 -1.52 4.36 -43.14
N PHE B 270 -1.08 5.57 -43.51
CA PHE B 270 -1.94 6.52 -44.20
C PHE B 270 -1.63 6.50 -45.69
N ILE B 271 -2.38 7.29 -46.44
CA ILE B 271 -2.25 7.36 -47.89
C ILE B 271 -2.03 8.81 -48.29
N VAL B 272 -1.07 9.02 -49.18
CA VAL B 272 -0.81 10.33 -49.77
C VAL B 272 -1.12 10.21 -51.24
N ASP B 273 -2.17 10.90 -51.69
CA ASP B 273 -2.63 10.82 -53.07
C ASP B 273 -2.90 12.23 -53.56
N GLY B 274 -2.23 12.63 -54.63
CA GLY B 274 -2.42 13.97 -55.16
C GLY B 274 -2.12 15.00 -54.09
N ASN B 275 -3.06 15.93 -53.91
CA ASN B 275 -2.96 16.97 -52.89
C ASN B 275 -3.78 16.63 -51.65
N ARG B 276 -3.94 15.35 -51.34
CA ARG B 276 -4.77 14.91 -50.23
C ARG B 276 -4.06 13.83 -49.44
N ILE B 277 -4.40 13.72 -48.16
CA ILE B 277 -3.85 12.71 -47.27
C ILE B 277 -5.03 12.02 -46.60
N TYR B 278 -5.22 10.74 -46.89
CA TYR B 278 -6.26 9.96 -46.24
C TYR B 278 -5.67 9.26 -45.03
N LEU B 279 -6.34 9.38 -43.89
CA LEU B 279 -5.79 8.94 -42.61
C LEU B 279 -6.86 8.23 -41.81
N VAL B 280 -6.42 7.33 -40.94
CA VAL B 280 -7.29 6.69 -39.95
C VAL B 280 -6.65 6.88 -38.59
N ASP B 281 -7.33 7.60 -37.71
CA ASP B 281 -6.74 7.95 -36.42
C ASP B 281 -6.83 6.77 -35.46
N GLN B 282 -6.21 6.94 -34.30
CA GLN B 282 -6.18 5.87 -33.31
C GLN B 282 -7.56 5.51 -32.80
N ASN B 283 -8.56 6.38 -33.00
CA ASN B 283 -9.91 6.13 -32.55
C ASN B 283 -10.80 5.58 -33.66
N ASP B 284 -10.23 5.21 -34.80
CA ASP B 284 -10.99 4.70 -35.94
C ASP B 284 -11.85 5.79 -36.56
N ARG B 285 -11.26 6.98 -36.71
CA ARG B 285 -11.93 8.12 -37.31
C ARG B 285 -11.30 8.37 -38.67
N VAL B 286 -12.03 8.05 -39.73
CA VAL B 286 -11.54 8.26 -41.09
C VAL B 286 -11.59 9.73 -41.42
N MET B 287 -10.49 10.28 -41.93
CA MET B 287 -10.37 11.70 -42.18
C MET B 287 -9.63 11.90 -43.49
N ALA B 288 -9.82 13.08 -44.08
CA ALA B 288 -9.08 13.48 -45.27
C ALA B 288 -8.53 14.88 -45.07
N LEU B 289 -7.23 15.03 -45.29
CA LEU B 289 -6.52 16.29 -45.19
C LEU B 289 -5.91 16.65 -46.53
N THR B 290 -5.20 17.76 -46.56
CA THR B 290 -4.45 18.20 -47.73
C THR B 290 -2.97 18.06 -47.42
N ILE B 291 -2.14 18.10 -48.45
CA ILE B 291 -0.73 17.81 -48.25
C ILE B 291 0.04 19.07 -47.90
N ASP B 292 -0.29 20.20 -48.52
CA ASP B 292 0.48 21.41 -48.26
C ASP B 292 0.37 21.80 -46.80
N GLY B 293 -0.85 21.76 -46.25
CA GLY B 293 -1.05 22.01 -44.84
C GLY B 293 -2.20 21.21 -44.26
N GLY B 294 -2.08 20.91 -42.97
CA GLY B 294 -3.05 20.14 -42.22
C GLY B 294 -4.31 20.95 -42.00
N VAL B 295 -5.42 20.62 -42.66
CA VAL B 295 -6.66 21.35 -42.38
C VAL B 295 -7.90 20.47 -42.34
N THR B 296 -7.73 19.15 -42.30
CA THR B 296 -8.85 18.22 -42.32
C THR B 296 -9.91 18.61 -43.33
N LEU B 297 -9.78 18.13 -44.56
CA LEU B 297 -10.73 18.51 -45.61
C LEU B 297 -12.14 17.99 -45.31
N TRP B 298 -12.23 16.76 -44.80
CA TRP B 298 -13.46 16.25 -44.19
C TRP B 298 -13.14 15.17 -43.17
N THR B 299 -14.12 14.86 -42.33
CA THR B 299 -13.99 13.85 -41.29
C THR B 299 -15.21 12.97 -41.23
N GLN B 300 -15.01 11.72 -40.82
CA GLN B 300 -16.07 10.75 -40.61
C GLN B 300 -15.85 10.04 -39.28
N SER B 301 -16.92 9.84 -38.52
CA SER B 301 -16.85 9.24 -37.19
C SER B 301 -17.84 8.10 -36.99
N ASP B 302 -18.55 7.68 -38.04
CA ASP B 302 -19.55 6.63 -37.87
C ASP B 302 -18.95 5.29 -37.47
N LEU B 303 -17.66 5.07 -37.75
CA LEU B 303 -16.99 3.82 -37.41
C LEU B 303 -16.11 3.95 -36.17
N LEU B 304 -16.28 5.03 -35.41
CA LEU B 304 -15.37 5.31 -34.30
C LEU B 304 -15.35 4.14 -33.31
N HIS B 305 -14.14 3.82 -32.86
CA HIS B 305 -13.85 2.75 -31.91
C HIS B 305 -14.18 1.36 -32.42
N ARG B 306 -14.54 1.23 -33.70
CA ARG B 306 -14.56 -0.07 -34.36
C ARG B 306 -13.17 -0.29 -34.96
N LEU B 307 -12.38 -1.15 -34.33
CA LEU B 307 -10.98 -1.26 -34.70
C LEU B 307 -10.82 -1.54 -36.19
N LEU B 308 -10.28 -0.57 -36.91
CA LEU B 308 -10.19 -0.61 -38.37
C LEU B 308 -8.78 -0.96 -38.82
N THR B 309 -8.69 -1.47 -40.04
CA THR B 309 -7.41 -1.69 -40.70
C THR B 309 -6.99 -0.41 -41.41
N SER B 310 -5.77 -0.41 -41.92
CA SER B 310 -5.29 0.74 -42.67
C SER B 310 -6.06 0.87 -43.97
N PRO B 311 -6.32 2.10 -44.43
CA PRO B 311 -7.10 2.29 -45.65
C PRO B 311 -6.30 1.93 -46.90
N VAL B 312 -7.04 1.65 -47.97
CA VAL B 312 -6.46 1.42 -49.28
C VAL B 312 -7.32 2.11 -50.32
N LEU B 313 -6.67 2.77 -51.28
CA LEU B 313 -7.37 3.43 -52.37
C LEU B 313 -7.67 2.41 -53.47
N TYR B 314 -8.95 2.22 -53.77
CA TYR B 314 -9.36 1.21 -54.74
C TYR B 314 -10.50 1.75 -55.59
N ASN B 315 -10.33 1.69 -56.90
CA ASN B 315 -11.37 2.10 -57.85
C ASN B 315 -11.87 3.51 -57.54
N GLY B 316 -10.95 4.36 -57.11
CA GLY B 316 -11.28 5.75 -56.86
C GLY B 316 -11.96 6.02 -55.54
N ASN B 317 -12.10 5.02 -54.68
CA ASN B 317 -12.72 5.19 -53.37
C ASN B 317 -11.87 4.50 -52.32
N LEU B 318 -12.02 4.97 -51.08
CA LEU B 318 -11.26 4.44 -49.96
C LEU B 318 -11.98 3.22 -49.38
N VAL B 319 -11.20 2.23 -48.98
CA VAL B 319 -11.74 0.97 -48.44
C VAL B 319 -11.05 0.66 -47.12
N VAL B 320 -11.84 0.27 -46.12
CA VAL B 320 -11.32 -0.07 -44.80
C VAL B 320 -12.08 -1.28 -44.27
N GLY B 321 -11.34 -2.20 -43.66
CA GLY B 321 -11.96 -3.30 -42.94
C GLY B 321 -12.14 -2.97 -41.47
N ASP B 322 -12.93 -3.80 -40.79
CA ASP B 322 -13.23 -3.60 -39.39
C ASP B 322 -13.02 -4.90 -38.62
N SER B 323 -13.15 -4.80 -37.29
CA SER B 323 -12.90 -5.92 -36.42
C SER B 323 -14.02 -6.95 -36.45
N GLU B 324 -15.16 -6.63 -37.07
CA GLU B 324 -16.27 -7.57 -37.17
C GLU B 324 -16.38 -8.20 -38.56
N GLY B 325 -15.46 -7.90 -39.46
CA GLY B 325 -15.46 -8.52 -40.77
C GLY B 325 -16.20 -7.77 -41.84
N TYR B 326 -16.59 -6.52 -41.58
CA TYR B 326 -17.33 -5.71 -42.55
C TYR B 326 -16.36 -4.79 -43.27
N LEU B 327 -16.46 -4.76 -44.59
CA LEU B 327 -15.69 -3.86 -45.43
C LEU B 327 -16.54 -2.63 -45.74
N HIS B 328 -15.95 -1.46 -45.58
CA HIS B 328 -16.66 -0.19 -45.76
C HIS B 328 -15.98 0.60 -46.87
N TRP B 329 -16.78 1.12 -47.78
CA TRP B 329 -16.30 2.00 -48.84
C TRP B 329 -16.65 3.44 -48.50
N ILE B 330 -15.71 4.34 -48.73
CA ILE B 330 -15.86 5.75 -48.40
C ILE B 330 -15.50 6.59 -49.61
N ASN B 331 -16.32 7.58 -49.90
CA ASN B 331 -16.02 8.50 -50.98
C ASN B 331 -14.83 9.38 -50.60
N VAL B 332 -13.96 9.63 -51.59
CA VAL B 332 -12.79 10.46 -51.34
C VAL B 332 -13.21 11.91 -51.13
N GLU B 333 -14.20 12.39 -51.88
CA GLU B 333 -14.60 13.78 -51.80
C GLU B 333 -15.26 14.11 -50.48
N ASP B 334 -15.98 13.15 -49.89
CA ASP B 334 -16.68 13.39 -48.63
C ASP B 334 -16.83 12.08 -47.88
N GLY B 335 -17.12 12.19 -46.58
CA GLY B 335 -17.13 11.03 -45.72
C GLY B 335 -18.28 10.08 -45.92
N ARG B 336 -19.23 10.41 -46.79
CA ARG B 336 -20.39 9.55 -47.00
C ARG B 336 -19.93 8.16 -47.42
N PHE B 337 -20.55 7.14 -46.81
CA PHE B 337 -20.25 5.77 -47.18
C PHE B 337 -20.80 5.48 -48.57
N VAL B 338 -19.98 4.87 -49.42
CA VAL B 338 -20.42 4.50 -50.76
C VAL B 338 -21.03 3.09 -50.78
N ALA B 339 -20.63 2.21 -49.87
CA ALA B 339 -21.15 0.85 -49.82
C ALA B 339 -20.61 0.17 -48.57
N GLN B 340 -21.17 -1.00 -48.29
CA GLN B 340 -20.78 -1.78 -47.12
C GLN B 340 -21.07 -3.24 -47.41
N GLN B 341 -20.24 -4.13 -46.86
CA GLN B 341 -20.36 -5.55 -47.14
C GLN B 341 -19.91 -6.36 -45.93
N LYS B 342 -20.45 -7.56 -45.81
CA LYS B 342 -20.00 -8.56 -44.86
C LYS B 342 -19.17 -9.59 -45.61
N VAL B 343 -17.94 -9.83 -45.14
CA VAL B 343 -16.98 -10.69 -45.82
C VAL B 343 -16.62 -11.91 -44.99
N ASP B 344 -16.35 -11.71 -43.69
CA ASP B 344 -15.92 -12.80 -42.83
C ASP B 344 -16.49 -12.61 -41.43
N SER B 345 -16.67 -13.72 -40.72
CA SER B 345 -17.10 -13.66 -39.33
C SER B 345 -15.96 -13.25 -38.41
N SER B 346 -14.75 -13.71 -38.70
CA SER B 346 -13.58 -13.27 -37.95
C SER B 346 -13.17 -11.88 -38.39
N GLY B 347 -12.60 -11.13 -37.45
CA GLY B 347 -12.30 -9.74 -37.72
C GLY B 347 -11.18 -9.55 -38.74
N PHE B 348 -11.11 -8.34 -39.26
CA PHE B 348 -10.03 -7.91 -40.13
C PHE B 348 -9.09 -7.02 -39.33
N GLN B 349 -7.82 -7.39 -39.28
CA GLN B 349 -6.82 -6.65 -38.53
C GLN B 349 -5.71 -6.10 -39.40
N THR B 350 -5.17 -6.92 -40.29
CA THR B 350 -3.99 -6.55 -41.06
C THR B 350 -4.40 -5.79 -42.33
N GLU B 351 -3.44 -5.03 -42.86
CA GLU B 351 -3.76 -4.08 -43.91
C GLU B 351 -4.27 -4.79 -45.15
N PRO B 352 -5.23 -4.22 -45.87
CA PRO B 352 -5.60 -4.76 -47.18
C PRO B 352 -4.55 -4.42 -48.24
N VAL B 353 -4.64 -5.13 -49.36
CA VAL B 353 -3.74 -4.94 -50.48
C VAL B 353 -4.57 -4.52 -51.69
N ALA B 354 -4.15 -3.44 -52.35
CA ALA B 354 -4.83 -2.92 -53.53
C ALA B 354 -3.79 -2.66 -54.60
N ALA B 355 -3.73 -3.53 -55.61
CA ALA B 355 -2.73 -3.41 -56.65
C ALA B 355 -3.23 -4.10 -57.92
N ASP B 356 -2.78 -3.58 -59.05
CA ASP B 356 -3.12 -4.17 -60.36
C ASP B 356 -4.62 -4.31 -60.52
N GLY B 357 -5.36 -3.32 -60.05
CA GLY B 357 -6.81 -3.37 -60.15
C GLY B 357 -7.42 -4.55 -59.42
N LYS B 358 -6.89 -4.89 -58.25
CA LYS B 358 -7.38 -6.02 -57.48
C LYS B 358 -7.21 -5.71 -56.01
N LEU B 359 -8.22 -6.04 -55.22
CA LEU B 359 -8.22 -5.79 -53.78
C LEU B 359 -8.25 -7.12 -53.06
N LEU B 360 -7.31 -7.32 -52.14
CA LEU B 360 -7.22 -8.53 -51.35
C LEU B 360 -7.16 -8.17 -49.88
N ILE B 361 -7.67 -9.08 -49.05
CA ILE B 361 -7.61 -8.92 -47.61
C ILE B 361 -7.43 -10.30 -46.99
N GLN B 362 -7.01 -10.32 -45.73
CA GLN B 362 -6.86 -11.56 -44.99
C GLN B 362 -7.51 -11.38 -43.63
N ALA B 363 -8.37 -12.31 -43.25
CA ALA B 363 -9.04 -12.24 -41.97
C ALA B 363 -8.15 -12.82 -40.87
N LYS B 364 -8.57 -12.60 -39.63
CA LYS B 364 -7.81 -13.12 -38.50
C LYS B 364 -7.71 -14.64 -38.54
N ASP B 365 -8.65 -15.31 -39.19
CA ASP B 365 -8.65 -16.75 -39.30
C ASP B 365 -7.80 -17.27 -40.45
N GLY B 366 -7.23 -16.38 -41.26
CA GLY B 366 -6.32 -16.78 -42.31
C GLY B 366 -6.95 -16.91 -43.69
N THR B 367 -8.22 -16.58 -43.83
CA THR B 367 -8.89 -16.69 -45.13
C THR B 367 -8.57 -15.48 -45.98
N VAL B 368 -7.98 -15.71 -47.15
CA VAL B 368 -7.71 -14.66 -48.10
C VAL B 368 -8.94 -14.44 -48.97
N TYR B 369 -9.40 -13.20 -49.04
CA TYR B 369 -10.59 -12.85 -49.80
C TYR B 369 -10.22 -11.86 -50.90
N SER B 370 -10.84 -12.03 -52.07
CA SER B 370 -10.70 -11.09 -53.18
C SER B 370 -12.04 -10.39 -53.39
N ILE B 371 -12.01 -9.06 -53.46
CA ILE B 371 -13.21 -8.24 -53.58
C ILE B 371 -13.19 -7.56 -54.93
N THR B 372 -14.31 -7.64 -55.65
CA THR B 372 -14.42 -7.10 -56.99
C THR B 372 -15.73 -6.33 -57.14
N ARG B 373 -15.74 -5.41 -58.10
CA ARG B 373 -16.92 -4.60 -58.41
C ARG B 373 -17.28 -3.68 -57.26
N CYS C 1 -21.85 -2.51 32.17
CA CYS C 1 -23.24 -2.54 32.67
C CYS C 1 -23.42 -1.58 33.85
N SER C 2 -23.05 -2.04 35.04
CA SER C 2 -23.16 -1.20 36.23
C SER C 2 -22.20 -0.02 36.12
N SER C 3 -22.62 1.13 36.64
CA SER C 3 -21.81 2.33 36.55
C SER C 3 -22.10 3.24 37.74
N ASP C 4 -21.18 4.16 38.00
CA ASP C 4 -21.27 5.11 39.09
C ASP C 4 -21.15 6.52 38.53
N SER C 5 -21.70 7.49 39.26
CA SER C 5 -21.66 8.87 38.77
C SER C 5 -20.23 9.41 38.68
N ARG C 6 -19.33 8.87 39.49
CA ARG C 6 -17.96 9.37 39.54
C ARG C 6 -17.00 8.69 38.58
N TYR C 7 -17.45 7.78 37.71
CA TYR C 7 -16.54 7.27 36.69
C TYR C 7 -15.97 8.40 35.85
N LYS C 8 -16.70 9.51 35.72
CA LYS C 8 -16.14 10.68 35.08
C LYS C 8 -15.18 11.40 36.03
N ARG C 9 -14.38 12.28 35.46
CA ARG C 9 -13.38 13.05 36.20
C ARG C 9 -12.67 12.18 37.23
N GLN C 10 -12.09 11.09 36.75
CA GLN C 10 -11.36 10.18 37.62
C GLN C 10 -10.29 9.47 36.82
N VAL C 11 -9.29 8.96 37.52
CA VAL C 11 -8.14 8.34 36.88
C VAL C 11 -8.53 6.90 36.54
N SER C 12 -8.22 6.46 35.33
CA SER C 12 -8.50 5.09 34.93
C SER C 12 -7.52 4.13 35.59
N GLY C 13 -7.51 4.08 36.92
CA GLY C 13 -6.60 3.19 37.60
C GLY C 13 -7.04 2.89 39.03
N ASP C 14 -6.23 2.07 39.68
CA ASP C 14 -6.47 1.59 41.04
C ASP C 14 -5.93 2.54 42.12
N GLU C 15 -5.15 3.54 41.76
CA GLU C 15 -4.57 4.47 42.74
C GLU C 15 -3.64 3.77 43.73
N ALA C 16 -3.12 2.62 43.35
CA ALA C 16 -2.22 1.87 44.22
C ALA C 16 -0.83 2.49 44.27
N TYR C 17 -0.44 3.24 43.23
CA TYR C 17 0.89 3.82 43.19
C TYR C 17 1.15 4.80 44.33
N LEU C 18 0.12 5.32 44.97
CA LEU C 18 0.33 6.20 46.12
C LEU C 18 0.93 5.46 47.31
N GLU C 19 0.87 4.13 47.33
CA GLU C 19 1.41 3.34 48.42
C GLU C 19 2.83 2.87 48.16
N ALA C 20 3.44 3.28 47.06
CA ALA C 20 4.79 2.85 46.75
C ALA C 20 5.77 3.36 47.81
N ALA C 21 6.75 2.53 48.14
CA ALA C 21 7.71 2.89 49.17
C ALA C 21 8.58 4.05 48.70
N PRO C 22 8.95 4.96 49.60
CA PRO C 22 9.82 6.08 49.20
C PRO C 22 11.22 5.60 48.86
N LEU C 23 11.88 6.37 48.00
CA LEU C 23 13.23 6.05 47.58
C LEU C 23 14.23 6.58 48.60
N ALA C 24 15.25 5.76 48.90
CA ALA C 24 16.30 6.11 49.83
C ALA C 24 17.65 5.82 49.18
N GLU C 25 18.64 6.66 49.48
CA GLU C 25 19.95 6.53 48.88
C GLU C 25 20.77 5.47 49.61
N LEU C 26 21.84 5.02 48.94
CA LEU C 26 22.76 4.03 49.50
C LEU C 26 24.02 4.74 49.96
N HIS C 27 24.50 4.37 51.15
CA HIS C 27 25.73 4.95 51.67
C HIS C 27 26.93 4.20 51.12
N ALA C 28 27.95 4.95 50.69
CA ALA C 28 29.16 4.37 50.16
C ALA C 28 30.13 4.07 51.29
N PRO C 29 30.51 2.82 51.52
CA PRO C 29 31.44 2.52 52.62
C PRO C 29 32.78 3.22 52.42
N ALA C 30 33.57 3.21 53.48
CA ALA C 30 34.89 3.82 53.44
C ALA C 30 35.82 3.00 52.56
N GLY C 31 36.70 3.69 51.83
CA GLY C 31 37.67 3.02 51.00
C GLY C 31 37.15 2.55 49.65
N MET C 32 35.98 3.00 49.24
CA MET C 32 35.43 2.59 47.95
C MET C 32 34.33 3.58 47.59
N ILE C 33 33.81 3.44 46.36
CA ILE C 33 32.75 4.29 45.87
C ILE C 33 31.69 3.39 45.26
N LEU C 34 30.48 3.89 45.21
CA LEU C 34 29.43 3.18 44.51
C LEU C 34 29.49 3.50 43.01
N PRO C 35 29.01 2.60 42.16
CA PRO C 35 29.10 2.85 40.73
C PRO C 35 28.40 4.15 40.35
N VAL C 36 28.99 4.85 39.39
CA VAL C 36 28.45 6.15 38.98
C VAL C 36 27.08 5.95 38.36
N THR C 37 26.09 6.69 38.86
CA THR C 37 24.73 6.57 38.35
C THR C 37 24.63 7.14 36.94
N SER C 38 23.74 6.54 36.14
CA SER C 38 23.57 7.00 34.78
C SER C 38 22.78 8.30 34.71
N GLY C 39 21.91 8.55 35.68
CA GLY C 39 21.08 9.73 35.66
C GLY C 39 19.94 9.66 34.69
N ASP C 40 19.72 8.50 34.06
CA ASP C 40 18.62 8.35 33.11
C ASP C 40 17.28 8.28 33.82
N TYR C 41 17.26 7.70 35.03
CA TYR C 41 16.03 7.52 35.79
C TYR C 41 16.02 8.39 37.04
N ALA C 42 16.62 9.57 36.97
CA ALA C 42 16.62 10.50 38.10
C ALA C 42 15.28 11.21 38.17
N ILE C 43 14.79 11.38 39.40
CA ILE C 43 13.50 12.01 39.65
C ILE C 43 13.79 13.36 40.31
N PRO C 44 13.58 14.49 39.62
CA PRO C 44 13.89 15.78 40.22
C PRO C 44 13.00 16.06 41.43
N VAL C 45 13.56 16.79 42.38
CA VAL C 45 12.86 17.10 43.63
C VAL C 45 12.06 18.38 43.40
N THR C 46 10.78 18.21 43.09
CA THR C 46 9.86 19.33 42.94
C THR C 46 9.06 19.49 44.23
N ASN C 47 9.03 20.71 44.75
CA ASN C 47 8.38 21.00 46.02
C ASN C 47 6.91 21.38 45.85
N GLY C 48 6.38 21.33 44.62
CA GLY C 48 5.01 21.73 44.42
C GLY C 48 4.04 20.81 45.13
N SER C 49 2.89 21.38 45.49
CA SER C 49 1.80 20.65 46.11
C SER C 49 0.59 20.66 45.19
N GLY C 50 -0.07 19.52 45.06
CA GLY C 50 -1.22 19.42 44.18
C GLY C 50 -2.00 18.17 44.47
N ALA C 51 -3.12 18.04 43.78
CA ALA C 51 -3.97 16.87 43.97
C ALA C 51 -3.30 15.63 43.42
N VAL C 52 -3.56 14.49 44.06
CA VAL C 52 -3.00 13.21 43.66
C VAL C 52 -4.11 12.18 43.63
N GLY C 53 -3.91 11.15 42.81
CA GLY C 53 -4.87 10.06 42.76
C GLY C 53 -6.24 10.53 42.31
N LYS C 54 -7.27 10.06 43.01
CA LYS C 54 -8.64 10.37 42.63
C LYS C 54 -8.97 11.84 42.78
N ALA C 55 -8.19 12.58 43.58
CA ALA C 55 -8.48 13.99 43.81
C ALA C 55 -8.05 14.88 42.67
N LEU C 56 -7.37 14.34 41.66
CA LEU C 56 -6.89 15.11 40.53
C LEU C 56 -7.92 15.07 39.41
N ASP C 57 -8.34 16.24 38.96
CA ASP C 57 -9.31 16.35 37.89
C ASP C 57 -8.60 16.33 36.55
N ILE C 58 -8.84 15.27 35.77
CA ILE C 58 -8.16 15.08 34.49
C ILE C 58 -9.03 15.53 33.32
N ARG C 59 -10.14 16.21 33.59
CA ARG C 59 -10.96 16.70 32.51
C ARG C 59 -10.16 17.73 31.70
N PRO C 60 -10.29 17.72 30.38
CA PRO C 60 -9.42 18.57 29.57
C PRO C 60 -9.60 20.02 29.94
N PRO C 61 -8.54 20.82 29.89
CA PRO C 61 -8.65 22.23 30.28
C PRO C 61 -9.54 22.97 29.29
N ALA C 62 -10.63 23.55 29.81
CA ALA C 62 -11.59 24.24 28.97
C ALA C 62 -10.94 25.47 28.37
N GLN C 63 -10.76 25.45 27.06
CA GLN C 63 -10.18 26.57 26.34
C GLN C 63 -11.27 27.44 25.74
N PRO C 64 -11.12 28.77 25.75
CA PRO C 64 -12.16 29.62 25.16
C PRO C 64 -12.40 29.25 23.70
N LEU C 65 -13.67 29.24 23.32
CA LEU C 65 -14.01 28.81 21.97
C LEU C 65 -13.67 29.89 20.95
N ALA C 66 -13.91 31.15 21.29
CA ALA C 66 -13.70 32.26 20.37
C ALA C 66 -14.57 32.07 19.13
N LEU C 67 -15.88 31.96 19.37
CA LEU C 67 -16.81 31.70 18.28
C LEU C 67 -16.88 32.89 17.34
N VAL C 68 -17.28 34.05 17.87
CA VAL C 68 -17.27 35.27 17.09
C VAL C 68 -15.86 35.53 16.57
N SER C 69 -15.77 36.04 15.34
CA SER C 69 -14.50 36.21 14.64
C SER C 69 -13.47 36.86 15.54
N GLY C 70 -12.39 36.14 15.83
CA GLY C 70 -11.35 36.66 16.70
C GLY C 70 -10.17 35.72 16.74
N ALA C 71 -9.14 36.15 17.48
CA ALA C 71 -7.89 35.40 17.57
C ALA C 71 -7.19 35.79 18.86
N ARG C 72 -6.20 34.97 19.24
CA ARG C 72 -5.36 35.24 20.40
C ARG C 72 -6.20 35.34 21.67
N THR C 73 -7.22 34.49 21.73
CA THR C 73 -8.01 34.26 22.92
C THR C 73 -7.15 33.55 23.97
N GLN C 74 -7.42 33.85 25.24
CA GLN C 74 -6.59 33.35 26.31
C GLN C 74 -7.45 33.17 27.56
N PHE C 75 -6.93 32.36 28.48
CA PHE C 75 -7.51 32.15 29.80
C PHE C 75 -6.44 32.35 30.88
N THR C 76 -6.62 33.39 31.68
CA THR C 76 -5.70 33.71 32.75
C THR C 76 -6.09 32.89 33.99
N GLY C 77 -5.33 33.05 35.06
CA GLY C 77 -5.68 32.52 36.37
C GLY C 77 -7.15 32.59 36.72
N ASP C 78 -7.65 33.79 37.02
CA ASP C 78 -9.05 33.97 37.38
C ASP C 78 -9.84 34.79 36.37
N THR C 79 -9.24 35.15 35.24
CA THR C 79 -9.88 36.03 34.27
C THR C 79 -9.67 35.43 32.89
N ALA C 80 -10.51 35.85 31.95
CA ALA C 80 -10.43 35.40 30.57
C ALA C 80 -10.64 36.57 29.63
N SER C 81 -9.90 36.58 28.53
CA SER C 81 -9.93 37.66 27.56
C SER C 81 -10.09 37.08 26.17
N LEU C 82 -10.92 37.74 25.36
CA LEU C 82 -11.15 37.36 23.97
C LEU C 82 -10.95 38.61 23.13
N LEU C 83 -10.17 38.47 22.05
CA LEU C 83 -9.95 39.57 21.12
C LEU C 83 -10.82 39.37 19.89
N VAL C 84 -11.54 40.42 19.51
CA VAL C 84 -12.45 40.39 18.39
C VAL C 84 -11.92 41.29 17.26
N GLU C 85 -12.55 41.17 16.10
CA GLU C 85 -12.13 41.86 14.89
C GLU C 85 -13.40 42.17 14.09
N ASN C 86 -13.23 42.56 12.83
CA ASN C 86 -14.36 42.78 11.93
C ASN C 86 -15.13 44.07 12.24
N GLY C 87 -14.45 45.10 12.76
CA GLY C 87 -15.10 46.40 12.84
C GLY C 87 -16.29 46.44 13.78
N ARG C 88 -16.11 45.99 15.02
CA ARG C 88 -17.20 46.05 15.98
C ARG C 88 -17.37 47.46 16.53
N GLY C 89 -16.28 48.07 16.98
CA GLY C 89 -16.31 49.43 17.48
C GLY C 89 -17.02 49.54 18.82
N ASN C 90 -17.45 50.76 19.14
CA ASN C 90 -18.16 50.99 20.40
C ASN C 90 -19.39 50.10 20.52
N THR C 91 -20.01 49.77 19.39
CA THR C 91 -21.17 48.89 19.37
C THR C 91 -20.92 47.54 20.04
N LEU C 92 -19.66 47.19 20.31
CA LEU C 92 -19.40 45.94 21.02
C LEU C 92 -20.03 45.95 22.41
N TRP C 93 -19.90 47.06 23.14
CA TRP C 93 -20.42 47.09 24.50
C TRP C 93 -21.93 46.90 24.55
N PRO C 94 -22.73 47.60 23.74
CA PRO C 94 -24.17 47.28 23.74
C PRO C 94 -24.42 45.81 23.50
N GLN C 95 -23.85 45.21 22.46
CA GLN C 95 -24.10 43.79 22.20
C GLN C 95 -23.79 42.95 23.42
N VAL C 96 -22.58 43.11 23.99
CA VAL C 96 -22.22 42.36 25.19
C VAL C 96 -23.31 42.49 26.25
N VAL C 97 -23.72 43.73 26.54
CA VAL C 97 -24.75 43.97 27.55
C VAL C 97 -26.02 43.20 27.19
N SER C 98 -26.48 43.34 25.95
CA SER C 98 -27.68 42.64 25.50
C SER C 98 -27.54 41.13 25.67
N VAL C 99 -26.38 40.58 25.33
CA VAL C 99 -26.12 39.15 25.49
C VAL C 99 -26.33 38.74 26.95
N LEU C 100 -25.71 39.48 27.86
CA LEU C 100 -25.85 39.15 29.28
C LEU C 100 -27.26 39.44 29.80
N GLN C 101 -28.02 40.30 29.11
CA GLN C 101 -29.43 40.49 29.43
C GLN C 101 -30.28 39.33 28.92
N ALA C 102 -29.85 38.68 27.83
CA ALA C 102 -30.57 37.52 27.31
C ALA C 102 -30.50 36.35 28.29
N LYS C 103 -29.44 36.28 29.08
CA LYS C 103 -29.29 35.24 30.08
C LYS C 103 -29.98 35.58 31.39
N ASN C 104 -30.66 36.73 31.45
CA ASN C 104 -31.39 37.17 32.65
C ASN C 104 -30.56 36.99 33.93
N TYR C 105 -29.24 37.14 33.81
CA TYR C 105 -28.38 37.08 34.97
C TYR C 105 -28.62 38.28 35.87
N THR C 106 -28.38 38.10 37.17
CA THR C 106 -28.60 39.15 38.16
C THR C 106 -27.44 40.13 38.09
N ILE C 107 -27.55 41.10 37.19
CA ILE C 107 -26.54 42.14 37.04
C ILE C 107 -26.72 43.16 38.17
N THR C 108 -25.69 43.33 38.99
CA THR C 108 -25.74 44.23 40.13
C THR C 108 -25.14 45.60 39.83
N GLN C 109 -24.08 45.66 39.04
CA GLN C 109 -23.41 46.90 38.69
C GLN C 109 -23.44 47.08 37.18
N ARG C 110 -23.75 48.31 36.76
CA ARG C 110 -23.84 48.64 35.33
C ARG C 110 -23.24 50.04 35.15
N ASP C 111 -21.94 50.08 34.84
CA ASP C 111 -21.23 51.32 34.59
C ASP C 111 -20.96 51.41 33.09
N ASP C 112 -21.91 51.98 32.36
CA ASP C 112 -21.73 52.12 30.91
C ASP C 112 -20.60 53.06 30.56
N ALA C 113 -20.34 54.06 31.42
CA ALA C 113 -19.25 54.99 31.16
C ALA C 113 -17.91 54.27 31.08
N GLY C 114 -17.65 53.35 32.01
CA GLY C 114 -16.45 52.55 31.98
C GLY C 114 -16.57 51.24 31.23
N GLN C 115 -17.72 50.97 30.63
CA GLN C 115 -17.96 49.70 29.91
C GLN C 115 -17.67 48.51 30.81
N THR C 116 -18.28 48.52 32.00
CA THR C 116 -18.08 47.48 32.99
C THR C 116 -19.43 47.08 33.58
N LEU C 117 -19.48 45.85 34.08
CA LEU C 117 -20.67 45.36 34.77
C LEU C 117 -20.26 44.21 35.68
N THR C 118 -21.14 43.90 36.64
CA THR C 118 -20.89 42.87 37.64
C THR C 118 -22.23 42.26 38.06
N THR C 119 -22.24 40.94 38.23
CA THR C 119 -23.45 40.23 38.60
C THR C 119 -23.28 39.66 40.01
N ASP C 120 -24.40 39.22 40.59
CA ASP C 120 -24.36 38.56 41.90
C ASP C 120 -23.97 37.09 41.86
N TRP C 121 -24.77 36.25 41.19
CA TRP C 121 -24.50 34.82 41.14
C TRP C 121 -25.20 34.16 39.99
N VAL C 122 -24.51 33.22 39.34
CA VAL C 122 -25.14 32.41 38.31
C VAL C 122 -24.79 30.96 38.65
N GLN C 123 -25.65 30.03 38.27
CA GLN C 123 -25.45 28.63 38.56
C GLN C 123 -25.27 27.87 37.25
N TRP C 124 -24.64 26.70 37.31
CA TRP C 124 -24.46 25.90 36.11
C TRP C 124 -25.09 24.55 36.34
N ASN C 125 -25.95 24.13 35.41
CA ASN C 125 -26.61 22.82 35.51
C ASN C 125 -25.77 21.82 34.72
N ARG C 126 -24.66 21.40 35.31
CA ARG C 126 -23.78 20.46 34.62
C ARG C 126 -24.08 19.03 35.05
N LEU C 127 -24.21 18.14 34.08
CA LEU C 127 -24.36 16.72 34.34
C LEU C 127 -23.04 16.08 34.74
N ASP C 128 -21.93 16.81 34.57
CA ASP C 128 -20.61 16.24 34.78
C ASP C 128 -20.20 16.27 36.25
N GLU C 129 -20.70 17.24 37.01
CA GLU C 129 -20.29 17.43 38.40
C GLU C 129 -21.25 16.70 39.33
N ASP C 130 -20.70 16.15 40.42
CA ASP C 130 -21.54 15.61 41.48
C ASP C 130 -22.17 16.72 42.31
N GLU C 131 -21.53 17.89 42.38
CA GLU C 131 -22.09 19.06 43.03
C GLU C 131 -21.94 20.25 42.09
N GLN C 132 -23.00 21.03 41.96
CA GLN C 132 -23.03 22.10 40.97
C GLN C 132 -22.29 23.32 41.50
N TYR C 133 -21.41 23.88 40.68
CA TYR C 133 -20.68 25.09 41.02
C TYR C 133 -21.56 26.32 40.84
N ARG C 134 -21.07 27.44 41.37
CA ARG C 134 -21.65 28.75 41.08
C ARG C 134 -20.57 29.79 41.30
N GLY C 135 -20.64 30.87 40.53
CA GLY C 135 -19.60 31.88 40.57
C GLY C 135 -20.16 33.27 40.31
N ARG C 136 -19.40 34.26 40.78
CA ARG C 136 -19.72 35.67 40.59
C ARG C 136 -18.75 36.24 39.58
N TYR C 137 -19.26 36.99 38.60
CA TYR C 137 -18.49 37.36 37.43
C TYR C 137 -18.57 38.87 37.20
N GLN C 138 -17.53 39.41 36.59
CA GLN C 138 -17.49 40.80 36.16
C GLN C 138 -17.03 40.82 34.72
N ILE C 139 -17.77 41.52 33.87
CA ILE C 139 -17.50 41.57 32.44
C ILE C 139 -17.24 43.01 32.05
N SER C 140 -16.44 43.20 31.01
CA SER C 140 -16.11 44.55 30.56
C SER C 140 -15.66 44.50 29.11
N VAL C 141 -15.66 45.67 28.48
CA VAL C 141 -15.18 45.88 27.12
C VAL C 141 -14.28 47.11 27.11
N LYS C 142 -13.09 46.97 26.53
CA LYS C 142 -12.10 48.03 26.51
C LYS C 142 -11.50 48.14 25.12
N PRO C 143 -11.07 49.34 24.73
CA PRO C 143 -10.43 49.50 23.41
C PRO C 143 -9.02 48.94 23.34
N GLN C 144 -8.70 48.40 22.18
CA GLN C 144 -7.39 47.85 21.87
C GLN C 144 -7.09 48.21 20.42
N GLY C 145 -6.08 49.05 20.20
CA GLY C 145 -5.67 49.37 18.85
C GLY C 145 -6.85 49.85 18.02
N TYR C 146 -7.29 49.02 17.08
CA TYR C 146 -8.33 49.41 16.14
C TYR C 146 -9.74 49.16 16.67
N GLN C 147 -9.90 48.20 17.58
CA GLN C 147 -11.24 47.74 17.97
C GLN C 147 -11.27 47.44 19.46
N GLN C 148 -12.48 47.23 19.96
CA GLN C 148 -12.75 46.83 21.33
C GLN C 148 -12.56 45.33 21.53
N ALA C 149 -12.41 44.93 22.79
CA ALA C 149 -12.19 43.54 23.18
C ALA C 149 -12.91 43.28 24.49
N VAL C 150 -13.48 42.08 24.62
CA VAL C 150 -14.25 41.70 25.81
C VAL C 150 -13.37 40.90 26.76
N THR C 151 -13.66 41.05 28.05
CA THR C 151 -12.94 40.37 29.12
C THR C 151 -13.96 39.94 30.18
N VAL C 152 -13.83 38.71 30.66
CA VAL C 152 -14.70 38.17 31.69
C VAL C 152 -13.85 37.59 32.81
N LYS C 153 -14.16 37.96 34.05
CA LYS C 153 -13.39 37.60 35.22
C LYS C 153 -14.33 37.09 36.31
N LEU C 154 -13.81 36.20 37.15
CA LEU C 154 -14.58 35.61 38.25
C LEU C 154 -14.13 36.21 39.57
N LEU C 155 -15.10 36.67 40.36
CA LEU C 155 -14.78 37.13 41.71
C LEU C 155 -14.52 35.97 42.66
N ASN C 156 -15.25 34.87 42.52
CA ASN C 156 -15.03 33.69 43.34
C ASN C 156 -15.95 32.56 42.87
N LEU C 157 -15.59 31.34 43.23
CA LEU C 157 -16.39 30.16 42.97
C LEU C 157 -16.78 29.49 44.29
N GLU C 158 -17.95 28.88 44.31
CA GLU C 158 -18.52 28.33 45.54
C GLU C 158 -19.07 26.95 45.27
N GLN C 159 -18.87 26.04 46.22
CA GLN C 159 -19.48 24.71 46.20
C GLN C 159 -20.13 24.42 47.53
N ALA C 160 -21.39 24.00 47.50
CA ALA C 160 -22.10 23.59 48.72
C ALA C 160 -22.03 24.65 49.80
N GLY C 161 -22.01 25.92 49.40
CA GLY C 161 -22.01 27.01 50.34
C GLY C 161 -20.65 27.40 50.88
N LYS C 162 -19.57 26.85 50.32
CA LYS C 162 -18.22 27.18 50.76
C LYS C 162 -17.38 27.55 49.55
N PRO C 163 -16.41 28.43 49.72
CA PRO C 163 -15.62 28.90 48.56
C PRO C 163 -14.64 27.85 48.08
N VAL C 164 -14.24 28.01 46.82
CA VAL C 164 -13.23 27.16 46.19
C VAL C 164 -12.39 28.03 45.28
N ALA C 165 -11.09 27.74 45.23
CA ALA C 165 -10.15 28.54 44.45
C ALA C 165 -9.20 27.65 43.65
N ASP C 166 -9.65 26.45 43.28
CA ASP C 166 -8.83 25.57 42.47
C ASP C 166 -8.61 26.18 41.09
N ALA C 167 -7.38 26.07 40.61
CA ALA C 167 -7.04 26.66 39.32
C ALA C 167 -7.86 26.05 38.19
N ALA C 168 -8.01 24.72 38.19
CA ALA C 168 -8.77 24.07 37.14
C ALA C 168 -10.23 24.50 37.13
N SER C 169 -10.85 24.58 38.30
CA SER C 169 -12.25 25.02 38.36
C SER C 169 -12.40 26.45 37.88
N MET C 170 -11.49 27.33 38.30
CA MET C 170 -11.53 28.72 37.87
C MET C 170 -11.40 28.81 36.36
N GLN C 171 -10.44 28.09 35.79
CA GLN C 171 -10.27 28.09 34.34
C GLN C 171 -11.52 27.56 33.65
N ARG C 172 -12.08 26.47 34.16
CA ARG C 172 -13.23 25.85 33.51
C ARG C 172 -14.41 26.81 33.48
N TYR C 173 -14.73 27.44 34.60
CA TYR C 173 -15.93 28.26 34.63
C TYR C 173 -15.68 29.71 34.21
N SER C 174 -14.44 30.06 33.91
CA SER C 174 -14.21 31.26 33.13
C SER C 174 -14.31 30.96 31.65
N THR C 175 -13.83 29.81 31.20
CA THR C 175 -14.06 29.49 29.80
C THR C 175 -15.55 29.30 29.57
N GLU C 176 -16.28 28.84 30.60
CA GLU C 176 -17.73 28.76 30.53
C GLU C 176 -18.35 30.13 30.28
N MET C 177 -18.01 31.12 31.11
CA MET C 177 -18.58 32.44 30.89
C MET C 177 -18.13 33.05 29.57
N MET C 178 -16.87 32.83 29.17
CA MET C 178 -16.38 33.35 27.91
C MET C 178 -17.12 32.74 26.73
N ASN C 179 -17.35 31.43 26.77
CA ASN C 179 -18.14 30.77 25.74
C ASN C 179 -19.56 31.29 25.71
N VAL C 180 -20.15 31.55 26.88
CA VAL C 180 -21.48 32.13 26.91
C VAL C 180 -21.47 33.46 26.15
N ILE C 181 -20.49 34.31 26.44
CA ILE C 181 -20.41 35.63 25.81
C ILE C 181 -20.24 35.48 24.30
N SER C 182 -19.30 34.63 23.88
CA SER C 182 -19.02 34.47 22.46
C SER C 182 -20.22 33.91 21.72
N ALA C 183 -20.90 32.91 22.30
CA ALA C 183 -22.08 32.35 21.66
C ALA C 183 -23.18 33.39 21.54
N GLY C 184 -23.38 34.20 22.59
CA GLY C 184 -24.37 35.26 22.50
C GLY C 184 -24.05 36.26 21.41
N LEU C 185 -22.77 36.67 21.32
CA LEU C 185 -22.37 37.61 20.29
C LEU C 185 -22.57 37.02 18.90
N ASP C 186 -22.21 35.76 18.71
CA ASP C 186 -22.40 35.12 17.41
C ASP C 186 -23.88 35.03 17.06
N LYS C 187 -24.72 34.69 18.03
CA LYS C 187 -26.15 34.61 17.77
C LYS C 187 -26.71 35.98 17.40
N SER C 188 -26.25 37.03 18.08
CA SER C 188 -26.72 38.37 17.75
C SER C 188 -26.35 38.75 16.32
N ALA C 189 -25.14 38.41 15.89
CA ALA C 189 -24.70 38.69 14.53
C ALA C 189 -25.49 37.87 13.52
N GLU D 7 -25.21 8.05 11.66
CA GLU D 7 -24.93 8.24 13.11
C GLU D 7 -24.79 9.72 13.43
N VAL D 8 -24.00 10.41 12.61
CA VAL D 8 -23.68 11.82 12.78
C VAL D 8 -24.46 12.60 11.73
N PRO D 9 -25.33 13.52 12.11
CA PRO D 9 -26.05 14.32 11.11
C PRO D 9 -25.16 15.41 10.55
N ASP D 10 -25.73 16.25 9.69
CA ASP D 10 -24.99 17.30 9.00
C ASP D 10 -25.28 18.68 9.57
N ASN D 11 -25.44 18.78 10.88
CA ASN D 11 -25.70 20.07 11.48
C ASN D 11 -24.41 20.91 11.48
N PRO D 12 -24.52 22.22 11.65
CA PRO D 12 -23.32 23.06 11.66
C PRO D 12 -22.36 22.63 12.76
N PRO D 13 -21.12 23.10 12.72
CA PRO D 13 -20.17 22.66 13.75
C PRO D 13 -20.60 23.04 15.15
N ASN D 14 -21.32 24.14 15.31
CA ASN D 14 -21.75 24.59 16.63
C ASN D 14 -22.61 23.54 17.30
N GLU D 15 -23.61 23.03 16.57
CA GLU D 15 -24.51 22.07 17.17
C GLU D 15 -23.83 20.73 17.42
N ILE D 16 -22.93 20.32 16.53
CA ILE D 16 -22.19 19.08 16.77
C ILE D 16 -21.35 19.20 18.03
N TYR D 17 -20.65 20.33 18.21
CA TYR D 17 -19.85 20.52 19.41
C TYR D 17 -20.72 20.58 20.66
N ALA D 18 -21.88 21.22 20.57
CA ALA D 18 -22.79 21.26 21.71
C ALA D 18 -23.21 19.86 22.11
N THR D 19 -23.57 19.03 21.13
CA THR D 19 -23.96 17.66 21.42
C THR D 19 -22.80 16.87 22.02
N ALA D 20 -21.60 17.07 21.48
CA ALA D 20 -20.43 16.37 22.01
C ALA D 20 -20.17 16.74 23.46
N GLN D 21 -20.27 18.03 23.78
CA GLN D 21 -20.08 18.48 25.15
C GLN D 21 -21.16 17.90 26.05
N GLN D 22 -22.41 17.89 25.59
CA GLN D 22 -23.48 17.33 26.39
C GLN D 22 -23.24 15.85 26.68
N LYS D 23 -22.78 15.10 25.67
CA LYS D 23 -22.56 13.67 25.86
C LYS D 23 -21.33 13.39 26.70
N LEU D 24 -20.32 14.25 26.66
CA LEU D 24 -19.19 14.10 27.57
C LEU D 24 -19.62 14.38 29.00
N GLN D 25 -20.41 15.44 29.21
CA GLN D 25 -20.88 15.73 30.55
C GLN D 25 -21.76 14.61 31.09
N ASP D 26 -22.61 14.04 30.23
CA ASP D 26 -23.46 12.94 30.66
C ASP D 26 -22.62 11.75 31.12
N GLY D 27 -21.56 11.45 30.39
CA GLY D 27 -20.69 10.34 30.71
C GLY D 27 -20.68 9.21 29.70
N ASN D 28 -21.20 9.43 28.49
CA ASN D 28 -21.20 8.41 27.45
C ASN D 28 -20.06 8.73 26.50
N TRP D 29 -19.09 7.83 26.41
CA TRP D 29 -17.89 8.13 25.65
C TRP D 29 -18.01 7.78 24.18
N ARG D 30 -18.79 6.75 23.84
CA ARG D 30 -18.85 6.29 22.46
C ARG D 30 -19.55 7.30 21.55
N GLN D 31 -20.73 7.77 21.95
CA GLN D 31 -21.43 8.73 21.11
C GLN D 31 -20.67 10.05 21.08
N ALA D 32 -20.11 10.44 22.23
CA ALA D 32 -19.27 11.62 22.27
C ALA D 32 -18.05 11.46 21.38
N ILE D 33 -17.46 10.26 21.38
CA ILE D 33 -16.32 10.01 20.49
C ILE D 33 -16.75 10.19 19.04
N THR D 34 -17.93 9.68 18.69
CA THR D 34 -18.43 9.83 17.32
C THR D 34 -18.57 11.30 16.97
N GLN D 35 -19.18 12.10 17.86
CA GLN D 35 -19.39 13.51 17.54
C GLN D 35 -18.07 14.26 17.40
N LEU D 36 -17.11 14.04 18.32
CA LEU D 36 -15.84 14.75 18.20
C LEU D 36 -15.07 14.29 16.97
N GLU D 37 -15.13 13.01 16.63
CA GLU D 37 -14.47 12.57 15.41
C GLU D 37 -15.11 13.20 14.18
N ALA D 38 -16.43 13.33 14.17
CA ALA D 38 -17.09 14.02 13.07
C ALA D 38 -16.61 15.46 12.96
N LEU D 39 -16.52 16.15 14.09
CA LEU D 39 -16.02 17.52 14.08
C LEU D 39 -14.60 17.59 13.56
N ASP D 40 -13.74 16.69 14.03
CA ASP D 40 -12.34 16.74 13.64
C ASP D 40 -12.17 16.47 12.16
N ASN D 41 -12.90 15.49 11.63
CA ASN D 41 -12.74 15.13 10.22
C ASN D 41 -13.41 16.15 9.30
N ARG D 42 -14.51 16.75 9.72
CA ARG D 42 -15.26 17.64 8.84
C ARG D 42 -14.86 19.10 8.95
N TYR D 43 -14.45 19.56 10.13
CA TYR D 43 -14.05 20.94 10.36
C TYR D 43 -12.68 21.00 11.04
N PRO D 44 -11.61 20.70 10.30
CA PRO D 44 -10.29 20.63 10.94
C PRO D 44 -9.72 21.99 11.33
N PHE D 45 -10.47 23.05 11.10
CA PHE D 45 -10.09 24.41 11.49
C PHE D 45 -11.34 25.16 11.89
N GLY D 46 -11.14 26.27 12.61
CA GLY D 46 -12.24 27.07 13.07
C GLY D 46 -12.19 27.40 14.54
N PRO D 47 -13.30 27.91 15.09
CA PRO D 47 -13.30 28.27 16.52
C PRO D 47 -13.21 27.09 17.46
N TYR D 48 -13.37 25.86 16.99
CA TYR D 48 -13.42 24.72 17.89
C TYR D 48 -12.16 23.87 17.83
N SER D 49 -11.23 24.19 16.94
CA SER D 49 -10.08 23.33 16.72
C SER D 49 -9.24 23.25 17.98
N GLN D 50 -8.51 22.16 18.11
CA GLN D 50 -7.71 21.83 19.29
C GLN D 50 -8.58 21.47 20.48
N GLN D 51 -9.69 22.16 20.70
CA GLN D 51 -10.58 21.76 21.78
C GLN D 51 -11.14 20.37 21.49
N VAL D 52 -11.46 20.12 20.23
CA VAL D 52 -11.95 18.81 19.82
C VAL D 52 -10.88 17.77 20.05
N GLN D 53 -9.63 18.09 19.74
CA GLN D 53 -8.56 17.11 19.93
C GLN D 53 -8.32 16.81 21.41
N LEU D 54 -8.37 17.83 22.27
CA LEU D 54 -8.22 17.57 23.70
C LEU D 54 -9.36 16.70 24.20
N ASP D 55 -10.59 17.01 23.79
CA ASP D 55 -11.71 16.17 24.22
C ASP D 55 -11.60 14.77 23.66
N LEU D 56 -11.08 14.62 22.44
CA LEU D 56 -10.87 13.29 21.88
C LEU D 56 -9.87 12.51 22.70
N ILE D 57 -8.77 13.15 23.11
CA ILE D 57 -7.80 12.46 23.95
C ILE D 57 -8.44 12.02 25.26
N TYR D 58 -9.20 12.92 25.89
CA TYR D 58 -9.83 12.58 27.15
C TYR D 58 -10.81 11.42 26.99
N ALA D 59 -11.64 11.48 25.94
CA ALA D 59 -12.65 10.43 25.75
C ALA D 59 -12.02 9.11 25.37
N TYR D 60 -10.98 9.13 24.53
CA TYR D 60 -10.27 7.89 24.21
C TYR D 60 -9.66 7.28 25.46
N TYR D 61 -9.06 8.10 26.33
CA TYR D 61 -8.51 7.56 27.55
C TYR D 61 -9.59 6.95 28.43
N LYS D 62 -10.68 7.68 28.65
CA LYS D 62 -11.71 7.18 29.54
C LYS D 62 -12.42 5.96 28.98
N ASN D 63 -12.45 5.82 27.65
CA ASN D 63 -13.08 4.68 27.01
C ASN D 63 -12.13 3.49 26.85
N ALA D 64 -10.91 3.58 27.34
CA ALA D 64 -9.92 2.52 27.22
C ALA D 64 -9.47 2.29 25.79
N ASP D 65 -9.63 3.28 24.93
CA ASP D 65 -9.12 3.24 23.56
C ASP D 65 -7.68 3.76 23.51
N LEU D 66 -6.80 3.07 24.23
CA LEU D 66 -5.46 3.61 24.46
C LEU D 66 -4.66 3.84 23.18
N PRO D 67 -4.66 2.94 22.19
CA PRO D 67 -3.90 3.26 20.96
C PRO D 67 -4.37 4.53 20.28
N LEU D 68 -5.69 4.75 20.22
CA LEU D 68 -6.19 5.98 19.62
C LEU D 68 -5.81 7.19 20.45
N ALA D 69 -5.83 7.07 21.78
CA ALA D 69 -5.38 8.18 22.61
C ALA D 69 -3.91 8.50 22.35
N GLN D 70 -3.08 7.47 22.19
CA GLN D 70 -1.67 7.72 21.90
C GLN D 70 -1.51 8.42 20.56
N ALA D 71 -2.22 7.96 19.54
CA ALA D 71 -2.12 8.60 18.23
C ALA D 71 -2.57 10.06 18.29
N ALA D 72 -3.69 10.32 18.97
CA ALA D 72 -4.19 11.69 19.09
C ALA D 72 -3.20 12.56 19.83
N ILE D 73 -2.61 12.04 20.92
CA ILE D 73 -1.64 12.80 21.69
C ILE D 73 -0.42 13.10 20.84
N ASP D 74 0.05 12.13 20.08
CA ASP D 74 1.21 12.35 19.22
C ASP D 74 0.93 13.44 18.20
N ARG D 75 -0.23 13.36 17.54
CA ARG D 75 -0.54 14.37 16.54
C ARG D 75 -0.69 15.75 17.15
N PHE D 76 -1.34 15.84 18.32
CA PHE D 76 -1.48 17.12 18.98
C PHE D 76 -0.12 17.69 19.36
N ILE D 77 0.77 16.85 19.88
CA ILE D 77 2.08 17.31 20.30
C ILE D 77 2.88 17.81 19.09
N ARG D 78 2.84 17.06 18.00
CA ARG D 78 3.62 17.44 16.83
C ARG D 78 3.00 18.57 16.03
N LEU D 79 1.75 18.92 16.29
CA LEU D 79 1.11 20.03 15.59
C LEU D 79 1.07 21.32 16.41
N ASN D 80 0.93 21.23 17.72
CA ASN D 80 0.83 22.40 18.59
C ASN D 80 1.81 22.30 19.75
N PRO D 81 3.10 22.29 19.46
CA PRO D 81 4.08 22.21 20.55
C PRO D 81 4.03 23.41 21.49
N THR D 82 3.58 24.56 21.02
CA THR D 82 3.56 25.77 21.83
C THR D 82 2.25 25.96 22.57
N HIS D 83 1.31 25.03 22.46
CA HIS D 83 0.01 25.20 23.07
C HIS D 83 0.17 25.35 24.59
N PRO D 84 -0.52 26.30 25.22
CA PRO D 84 -0.34 26.51 26.67
C PRO D 84 -0.68 25.29 27.50
N ASN D 85 -1.64 24.47 27.07
CA ASN D 85 -2.06 23.29 27.82
C ASN D 85 -1.39 22.02 27.32
N ILE D 86 -0.15 22.10 26.85
CA ILE D 86 0.55 20.91 26.40
C ILE D 86 1.00 20.06 27.58
N ASP D 87 1.13 20.64 28.77
CA ASP D 87 1.46 19.84 29.94
C ASP D 87 0.38 18.81 30.21
N TYR D 88 -0.88 19.19 30.02
CA TYR D 88 -1.98 18.23 30.16
C TYR D 88 -1.83 17.11 29.14
N VAL D 89 -1.43 17.43 27.91
CA VAL D 89 -1.26 16.41 26.89
C VAL D 89 -0.16 15.43 27.28
N MET D 90 0.94 15.94 27.83
CA MET D 90 2.02 15.05 28.24
C MET D 90 1.61 14.21 29.44
N TYR D 91 0.84 14.78 30.37
CA TYR D 91 0.32 13.99 31.47
C TYR D 91 -0.59 12.88 30.98
N MET D 92 -1.44 13.17 29.98
CA MET D 92 -2.29 12.12 29.45
C MET D 92 -1.48 11.07 28.70
N ARG D 93 -0.39 11.46 28.06
CA ARG D 93 0.49 10.47 27.45
C ARG D 93 1.06 9.53 28.51
N GLY D 94 1.54 10.10 29.62
CA GLY D 94 2.02 9.25 30.69
C GLY D 94 0.94 8.34 31.24
N LEU D 95 -0.27 8.87 31.41
CA LEU D 95 -1.36 8.06 31.94
C LEU D 95 -1.71 6.92 31.01
N THR D 96 -1.80 7.18 29.71
CA THR D 96 -2.18 6.11 28.79
C THR D 96 -1.07 5.09 28.61
N ASN D 97 0.19 5.47 28.80
CA ASN D 97 1.24 4.47 28.77
C ASN D 97 1.24 3.64 30.04
N MET D 98 0.96 4.25 31.18
CA MET D 98 0.85 3.45 32.39
C MET D 98 -0.36 2.53 32.31
N ALA D 99 -1.44 3.00 31.69
CA ALA D 99 -2.65 2.20 31.55
C ALA D 99 -2.39 0.97 30.69
N LEU D 100 -1.55 1.12 29.66
CA LEU D 100 -1.23 -0.06 28.85
C LEU D 100 -0.40 -1.07 29.62
N ASP D 101 0.13 -0.70 30.77
CA ASP D 101 0.97 -1.58 31.59
C ASP D 101 0.19 -2.38 32.62
N ASP D 102 -1.14 -2.30 32.63
CA ASP D 102 -1.95 -2.98 33.62
C ASP D 102 -2.82 -4.05 32.97
N SER D 103 -3.36 -4.92 33.82
CA SER D 103 -4.25 -5.99 33.38
C SER D 103 -5.37 -6.12 34.40
N ALA D 104 -6.50 -6.64 33.92
CA ALA D 104 -7.71 -6.74 34.75
C ALA D 104 -7.74 -8.03 35.55
N LEU D 105 -7.69 -9.18 34.88
CA LEU D 105 -7.78 -10.46 35.57
C LEU D 105 -6.63 -10.66 36.54
N GLN D 106 -5.41 -10.35 36.10
CA GLN D 106 -4.27 -10.53 36.99
C GLN D 106 -4.38 -9.62 38.20
N GLY D 107 -4.81 -8.37 37.99
CA GLY D 107 -5.04 -7.49 39.11
C GLY D 107 -6.12 -8.02 40.03
N PHE D 108 -7.17 -8.60 39.46
CA PHE D 108 -8.23 -9.18 40.28
C PHE D 108 -7.71 -10.31 41.15
N PHE D 109 -6.80 -11.11 40.63
CA PHE D 109 -6.25 -12.23 41.38
C PHE D 109 -5.05 -11.84 42.22
N GLY D 110 -4.69 -10.56 42.27
CA GLY D 110 -3.56 -10.13 43.07
C GLY D 110 -2.23 -10.64 42.57
N VAL D 111 -2.01 -10.60 41.26
CA VAL D 111 -0.76 -11.07 40.67
C VAL D 111 0.20 -9.89 40.58
N ASP D 112 1.44 -10.11 41.01
CA ASP D 112 2.47 -9.08 40.89
C ASP D 112 2.97 -9.06 39.46
N ARG D 113 2.68 -7.99 38.75
CA ARG D 113 2.95 -7.90 37.31
C ARG D 113 4.32 -7.31 37.01
N SER D 114 5.14 -7.03 38.02
CA SER D 114 6.44 -6.43 37.76
C SER D 114 7.35 -7.33 36.95
N ASP D 115 7.04 -8.63 36.84
CA ASP D 115 7.85 -9.54 36.06
C ASP D 115 7.53 -9.48 34.57
N ARG D 116 6.43 -8.84 34.18
CA ARG D 116 5.99 -8.83 32.80
C ARG D 116 6.74 -7.74 32.03
N ASP D 117 6.33 -7.49 30.80
CA ASP D 117 7.02 -6.57 29.91
C ASP D 117 7.09 -5.17 30.53
N PRO D 118 8.27 -4.60 30.71
CA PRO D 118 8.37 -3.23 31.25
C PRO D 118 8.39 -2.13 30.20
N GLN D 119 8.12 -2.46 28.94
CA GLN D 119 8.19 -1.48 27.87
C GLN D 119 7.28 -0.29 28.15
N HIS D 120 6.03 -0.56 28.51
CA HIS D 120 5.07 0.50 28.73
C HIS D 120 5.42 1.30 29.97
N ALA D 121 5.91 0.63 31.02
CA ALA D 121 6.35 1.35 32.20
C ALA D 121 7.52 2.26 31.88
N ARG D 122 8.45 1.79 31.04
CA ARG D 122 9.57 2.63 30.65
C ARG D 122 9.11 3.85 29.88
N ALA D 123 8.18 3.66 28.94
CA ALA D 123 7.66 4.79 28.18
C ALA D 123 6.93 5.78 29.08
N ALA D 124 6.13 5.27 30.01
CA ALA D 124 5.43 6.15 30.94
C ALA D 124 6.41 6.93 31.80
N PHE D 125 7.48 6.28 32.25
CA PHE D 125 8.49 6.99 33.03
C PHE D 125 9.13 8.09 32.20
N SER D 126 9.44 7.81 30.94
CA SER D 126 10.03 8.83 30.09
C SER D 126 9.11 10.02 29.93
N ASP D 127 7.83 9.77 29.64
CA ASP D 127 6.88 10.87 29.45
C ASP D 127 6.67 11.67 30.72
N PHE D 128 6.52 11.00 31.86
CA PHE D 128 6.31 11.72 33.11
C PHE D 128 7.55 12.52 33.49
N SER D 129 8.74 11.98 33.25
CA SER D 129 9.96 12.75 33.52
C SER D 129 10.03 13.98 32.64
N LYS D 130 9.70 13.82 31.35
CA LYS D 130 9.64 14.98 30.46
C LYS D 130 8.70 16.03 31.00
N LEU D 131 7.49 15.61 31.42
CA LEU D 131 6.53 16.56 31.95
C LEU D 131 7.07 17.28 33.17
N VAL D 132 7.61 16.53 34.12
CA VAL D 132 8.03 17.13 35.38
C VAL D 132 9.19 18.08 35.17
N ARG D 133 10.16 17.70 34.35
CA ARG D 133 11.33 18.57 34.14
C ARG D 133 10.95 19.79 33.32
N GLY D 134 10.15 19.62 32.28
CA GLY D 134 9.79 20.75 31.44
C GLY D 134 8.90 21.77 32.13
N TYR D 135 7.94 21.29 32.93
CA TYR D 135 6.92 22.16 33.54
C TYR D 135 6.86 21.88 35.04
N PRO D 136 7.82 22.39 35.81
CA PRO D 136 7.80 22.16 37.26
C PRO D 136 6.55 22.67 37.95
N ASN D 137 5.97 23.76 37.47
CA ASN D 137 4.83 24.40 38.13
C ASN D 137 3.48 23.88 37.64
N SER D 138 3.47 22.87 36.77
CA SER D 138 2.21 22.38 36.23
C SER D 138 1.34 21.82 37.36
N GLN D 139 0.05 21.74 37.09
CA GLN D 139 -0.91 21.25 38.07
C GLN D 139 -0.81 19.75 38.27
N TYR D 140 -0.23 19.02 37.32
CA TYR D 140 -0.13 17.57 37.38
C TYR D 140 1.24 17.09 37.82
N THR D 141 2.09 17.99 38.31
CA THR D 141 3.47 17.61 38.60
C THR D 141 3.57 16.71 39.83
N THR D 142 2.73 16.91 40.84
CA THR D 142 2.81 16.08 42.04
C THR D 142 2.43 14.64 41.74
N ASP D 143 1.29 14.45 41.06
CA ASP D 143 0.89 13.10 40.70
C ASP D 143 1.89 12.48 39.74
N ALA D 144 2.45 13.28 38.84
CA ALA D 144 3.48 12.76 37.95
C ALA D 144 4.70 12.28 38.73
N THR D 145 5.11 13.02 39.75
CA THR D 145 6.25 12.60 40.55
C THR D 145 5.94 11.31 41.31
N LYS D 146 4.74 11.19 41.87
CA LYS D 146 4.38 9.96 42.56
C LYS D 146 4.39 8.77 41.59
N ARG D 147 3.86 8.98 40.40
CA ARG D 147 3.86 7.92 39.39
C ARG D 147 5.27 7.58 38.95
N LEU D 148 6.17 8.56 38.88
CA LEU D 148 7.56 8.27 38.56
C LEU D 148 8.19 7.41 39.64
N VAL D 149 7.94 7.71 40.91
CA VAL D 149 8.52 6.91 41.98
C VAL D 149 8.01 5.47 41.89
N PHE D 150 6.73 5.30 41.55
CA PHE D 150 6.20 3.96 41.41
C PHE D 150 6.82 3.25 40.21
N LEU D 151 6.97 3.94 39.09
CA LEU D 151 7.49 3.28 37.90
C LEU D 151 8.95 2.88 38.09
N LYS D 152 9.70 3.73 38.78
CA LYS D 152 11.10 3.40 39.08
C LYS D 152 11.16 2.13 39.93
N ASP D 153 10.30 2.04 40.94
CA ASP D 153 10.29 0.82 41.75
C ASP D 153 9.93 -0.39 40.90
N ARG D 154 8.97 -0.23 39.98
CA ARG D 154 8.60 -1.36 39.12
C ARG D 154 9.75 -1.82 38.25
N LEU D 155 10.48 -0.88 37.66
CA LEU D 155 11.58 -1.27 36.79
C LEU D 155 12.68 -1.95 37.57
N ALA D 156 13.00 -1.43 38.75
CA ALA D 156 14.00 -2.09 39.58
C ALA D 156 13.55 -3.49 39.96
N LYS D 157 12.26 -3.68 40.21
CA LYS D 157 11.76 -5.02 40.54
C LYS D 157 11.86 -5.97 39.34
N TYR D 158 11.62 -5.47 38.13
CA TYR D 158 11.82 -6.31 36.95
C TYR D 158 13.27 -6.77 36.83
N GLU D 159 14.21 -5.84 37.01
CA GLU D 159 15.61 -6.23 36.95
C GLU D 159 15.95 -7.23 38.03
N TYR D 160 15.39 -7.05 39.23
CA TYR D 160 15.63 -8.01 40.31
C TYR D 160 15.09 -9.37 39.95
N SER D 161 13.92 -9.44 39.30
CA SER D 161 13.38 -10.73 38.90
C SER D 161 14.31 -11.43 37.92
N VAL D 162 14.83 -10.69 36.94
CA VAL D 162 15.76 -11.31 35.99
C VAL D 162 17.02 -11.81 36.69
N ALA D 163 17.57 -10.98 37.58
CA ALA D 163 18.78 -11.40 38.30
C ALA D 163 18.53 -12.62 39.16
N GLU D 164 17.35 -12.68 39.79
CA GLU D 164 17.02 -13.84 40.60
C GLU D 164 16.90 -15.09 39.75
N TYR D 165 16.28 -14.99 38.58
CA TYR D 165 16.20 -16.17 37.72
C TYR D 165 17.60 -16.65 37.34
N TYR D 166 18.47 -15.73 36.95
CA TYR D 166 19.81 -16.15 36.54
C TYR D 166 20.62 -16.68 37.71
N THR D 167 20.33 -16.22 38.92
CA THR D 167 20.92 -16.85 40.10
C THR D 167 20.45 -18.29 40.22
N GLU D 168 19.18 -18.53 39.96
CA GLU D 168 18.65 -19.90 39.99
C GLU D 168 19.31 -20.77 38.90
N ARG D 169 19.49 -20.21 37.71
CA ARG D 169 20.05 -20.97 36.59
C ARG D 169 21.52 -21.30 36.80
N GLY D 170 22.25 -20.42 37.49
CA GLY D 170 23.69 -20.58 37.64
C GLY D 170 24.53 -19.79 36.68
N ALA D 171 23.98 -18.73 36.08
CA ALA D 171 24.72 -17.86 35.18
C ALA D 171 25.21 -16.68 36.02
N TRP D 172 26.42 -16.80 36.55
CA TRP D 172 26.90 -15.82 37.51
C TRP D 172 27.31 -14.50 36.87
N VAL D 173 27.88 -14.54 35.67
CA VAL D 173 28.22 -13.29 34.98
C VAL D 173 26.96 -12.49 34.71
N ALA D 174 25.89 -13.15 34.27
CA ALA D 174 24.65 -12.46 34.02
C ALA D 174 24.10 -11.83 35.29
N VAL D 175 24.18 -12.55 36.41
CA VAL D 175 23.70 -12.02 37.68
C VAL D 175 24.50 -10.77 38.06
N VAL D 176 25.83 -10.85 37.96
CA VAL D 176 26.65 -9.71 38.34
C VAL D 176 26.35 -8.51 37.46
N ASN D 177 26.22 -8.73 36.15
CA ASN D 177 25.92 -7.63 35.25
C ASN D 177 24.55 -7.02 35.53
N ARG D 178 23.55 -7.87 35.81
CA ARG D 178 22.23 -7.34 36.10
C ARG D 178 22.22 -6.50 37.37
N VAL D 179 22.88 -6.98 38.43
CA VAL D 179 22.88 -6.21 39.67
C VAL D 179 23.71 -4.95 39.51
N GLU D 180 24.78 -4.99 38.73
CA GLU D 180 25.55 -3.76 38.49
C GLU D 180 24.70 -2.75 37.72
N GLY D 181 23.93 -3.21 36.74
CA GLY D 181 23.03 -2.31 36.04
C GLY D 181 21.98 -1.73 36.96
N MET D 182 21.47 -2.53 37.89
CA MET D 182 20.54 -2.00 38.88
C MET D 182 21.20 -0.92 39.73
N LEU D 183 22.43 -1.16 40.18
CA LEU D 183 23.11 -0.16 41.01
C LEU D 183 23.39 1.11 40.24
N ARG D 184 23.64 1.00 38.94
CA ARG D 184 23.93 2.19 38.13
C ARG D 184 22.67 2.91 37.68
N ASP D 185 21.53 2.22 37.58
CA ASP D 185 20.30 2.81 37.07
C ASP D 185 19.31 3.16 38.18
N TYR D 186 19.02 2.22 39.08
CA TYR D 186 18.05 2.40 40.15
C TYR D 186 18.73 2.23 41.49
N PRO D 187 19.70 3.09 41.81
CA PRO D 187 20.46 2.90 43.05
C PRO D 187 19.62 3.01 44.31
N ASP D 188 18.57 3.82 44.31
CA ASP D 188 17.85 4.15 45.54
C ASP D 188 16.54 3.39 45.69
N THR D 189 16.29 2.38 44.88
CA THR D 189 15.08 1.58 45.00
C THR D 189 15.31 0.41 45.94
N GLN D 190 14.21 -0.10 46.50
CA GLN D 190 14.30 -1.24 47.41
C GLN D 190 14.77 -2.50 46.70
N ALA D 191 14.43 -2.64 45.42
CA ALA D 191 14.86 -3.82 44.68
C ALA D 191 16.37 -3.93 44.63
N THR D 192 17.06 -2.80 44.53
CA THR D 192 18.53 -2.83 44.53
C THR D 192 19.08 -3.33 45.85
N ARG D 193 18.50 -2.90 46.96
CA ARG D 193 18.96 -3.42 48.26
C ARG D 193 18.77 -4.92 48.35
N ASP D 194 17.65 -5.42 47.85
CA ASP D 194 17.42 -6.87 47.86
C ASP D 194 18.34 -7.61 46.90
N ALA D 195 18.75 -6.98 45.81
CA ALA D 195 19.58 -7.65 44.83
C ALA D 195 21.04 -7.78 45.26
N LEU D 196 21.54 -6.85 46.07
CA LEU D 196 22.95 -6.89 46.47
C LEU D 196 23.40 -8.25 46.99
N PRO D 197 22.66 -8.94 47.86
CA PRO D 197 23.06 -10.29 48.24
C PRO D 197 23.21 -11.24 47.06
N LEU D 198 22.38 -11.09 46.02
CA LEU D 198 22.55 -11.92 44.83
C LEU D 198 23.89 -11.65 44.18
N MET D 199 24.28 -10.37 44.09
CA MET D 199 25.57 -10.03 43.50
C MET D 199 26.71 -10.61 44.33
N GLU D 200 26.60 -10.53 45.66
CA GLU D 200 27.65 -11.09 46.50
C GLU D 200 27.76 -12.59 46.30
N ASN D 201 26.62 -13.28 46.23
CA ASN D 201 26.66 -14.72 46.02
C ASN D 201 27.25 -15.07 44.66
N ALA D 202 26.90 -14.31 43.62
CA ALA D 202 27.46 -14.57 42.31
C ALA D 202 28.96 -14.38 42.30
N TYR D 203 29.46 -13.33 42.97
CA TYR D 203 30.90 -13.14 43.05
C TYR D 203 31.57 -14.31 43.76
N ARG D 204 30.98 -14.81 44.84
CA ARG D 204 31.62 -15.88 45.59
C ARG D 204 31.63 -17.18 44.80
N GLN D 205 30.55 -17.47 44.06
CA GLN D 205 30.50 -18.73 43.32
C GLN D 205 31.57 -18.77 42.24
N MET D 206 32.00 -17.62 41.74
CA MET D 206 33.12 -17.56 40.80
C MET D 206 34.46 -17.37 41.50
N GLN D 207 34.48 -17.48 42.82
CA GLN D 207 35.72 -17.39 43.60
C GLN D 207 36.41 -16.04 43.43
N MET D 208 35.61 -14.99 43.22
CA MET D 208 36.11 -13.61 43.22
C MET D 208 35.86 -13.02 44.61
N ASN D 209 36.66 -13.48 45.56
CA ASN D 209 36.44 -13.12 46.95
C ASN D 209 36.64 -11.64 47.22
N ALA D 210 37.53 -10.96 46.49
CA ALA D 210 37.74 -9.54 46.74
C ALA D 210 36.47 -8.74 46.43
N GLN D 211 35.78 -9.09 45.35
CA GLN D 211 34.57 -8.36 45.00
C GLN D 211 33.42 -8.75 45.91
N ALA D 212 33.33 -10.02 46.29
CA ALA D 212 32.31 -10.40 47.27
C ALA D 212 32.54 -9.65 48.58
N GLU D 213 33.80 -9.43 48.94
CA GLU D 213 34.10 -8.65 50.14
C GLU D 213 33.62 -7.22 50.00
N LYS D 214 33.82 -6.61 48.83
CA LYS D 214 33.35 -5.24 48.65
C LYS D 214 31.83 -5.16 48.73
N VAL D 215 31.13 -6.10 48.10
CA VAL D 215 29.67 -6.08 48.15
C VAL D 215 29.18 -6.33 49.57
N ALA D 216 29.86 -7.20 50.32
CA ALA D 216 29.49 -7.43 51.70
C ALA D 216 29.70 -6.18 52.54
N LYS D 217 30.77 -5.43 52.26
CA LYS D 217 30.98 -4.17 52.96
C LYS D 217 29.83 -3.21 52.68
N ILE D 218 29.40 -3.12 51.42
CA ILE D 218 28.26 -2.25 51.09
C ILE D 218 27.03 -2.68 51.86
N ILE D 219 26.75 -3.99 51.86
CA ILE D 219 25.55 -4.48 52.55
C ILE D 219 25.61 -4.16 54.03
N ALA D 220 26.76 -4.39 54.67
CA ALA D 220 26.88 -4.10 56.09
C ALA D 220 26.73 -2.61 56.36
N ALA D 221 27.34 -1.77 55.52
CA ALA D 221 27.27 -0.33 55.67
C ALA D 221 25.91 0.28 55.38
N ASN D 222 25.00 -0.43 54.71
CA ASN D 222 23.71 0.19 54.40
C ASN D 222 22.49 -0.55 54.93
N SER D 223 22.52 -1.88 55.04
CA SER D 223 21.37 -2.59 55.56
C SER D 223 21.05 -2.18 56.99
N SER D 224 22.01 -1.62 57.71
CA SER D 224 21.80 -1.20 59.09
C SER D 224 20.90 0.03 59.14
N GLU E 5 22.40 -39.89 40.87
CA GLU E 5 21.29 -39.35 41.70
C GLU E 5 20.56 -38.21 40.99
N ARG E 6 21.29 -37.47 40.16
CA ARG E 6 20.73 -36.38 39.36
C ARG E 6 20.88 -36.79 37.90
N VAL E 7 19.89 -37.54 37.43
CA VAL E 7 19.88 -38.20 36.13
C VAL E 7 18.94 -37.45 35.20
N VAL E 8 19.00 -36.11 35.21
CA VAL E 8 18.19 -35.38 34.26
C VAL E 8 19.02 -34.43 33.41
N TYR E 9 18.56 -34.26 32.18
CA TYR E 9 19.25 -33.45 31.18
C TYR E 9 19.42 -32.02 31.66
N ARG E 10 20.63 -31.48 31.53
CA ARG E 10 20.87 -30.12 31.92
C ARG E 10 21.71 -29.58 30.76
N PRO E 11 21.34 -28.45 30.18
CA PRO E 11 22.15 -27.88 29.10
C PRO E 11 23.44 -27.27 29.61
N ASP E 12 24.36 -27.03 28.69
CA ASP E 12 25.62 -26.39 29.03
C ASP E 12 25.42 -24.91 29.36
N ILE E 13 25.96 -24.50 30.50
CA ILE E 13 25.86 -23.09 30.93
C ILE E 13 27.23 -22.45 30.73
N ASN E 14 27.43 -21.85 29.56
CA ASN E 14 28.68 -21.14 29.28
C ASN E 14 28.57 -19.73 29.83
N GLN E 15 29.62 -19.29 30.53
CA GLN E 15 29.61 -17.98 31.15
C GLN E 15 30.98 -17.34 31.02
N GLY E 16 30.99 -16.03 30.80
CA GLY E 16 32.23 -15.30 30.64
C GLY E 16 32.56 -15.00 29.20
N ASN E 17 33.84 -14.88 28.87
CA ASN E 17 34.27 -14.67 27.50
C ASN E 17 35.37 -15.68 27.15
N TYR E 18 35.36 -16.14 25.90
CA TYR E 18 36.26 -17.20 25.47
C TYR E 18 37.71 -16.78 25.63
N LEU E 19 38.52 -17.64 26.22
CA LEU E 19 39.94 -17.41 26.40
C LEU E 19 40.74 -18.55 25.79
N THR E 20 41.82 -18.19 25.10
CA THR E 20 42.71 -19.15 24.49
C THR E 20 44.13 -18.89 24.98
N ALA E 21 44.96 -19.92 24.93
CA ALA E 21 46.34 -19.76 25.40
C ALA E 21 47.08 -18.70 24.60
N ASN E 22 46.77 -18.57 23.31
CA ASN E 22 47.43 -17.56 22.50
C ASN E 22 46.99 -16.17 22.93
N ASP E 23 45.68 -15.97 23.12
CA ASP E 23 45.20 -14.65 23.48
C ASP E 23 45.76 -14.27 24.84
N VAL E 24 45.75 -15.19 25.80
CA VAL E 24 46.25 -14.88 27.12
C VAL E 24 47.75 -14.65 27.07
N SER E 25 48.44 -15.21 26.08
CA SER E 25 49.86 -14.99 25.93
C SER E 25 50.18 -13.73 25.14
N LYS E 26 49.18 -13.07 24.58
CA LYS E 26 49.43 -11.86 23.80
C LYS E 26 49.56 -10.61 24.66
N ILE E 27 48.99 -10.60 25.86
CA ILE E 27 48.97 -9.42 26.71
C ILE E 27 50.20 -9.41 27.60
N ARG E 28 50.76 -8.21 27.83
CA ARG E 28 51.92 -8.06 28.69
C ARG E 28 51.81 -6.72 29.41
N VAL E 29 52.53 -6.61 30.54
CA VAL E 29 52.48 -5.39 31.32
C VAL E 29 52.93 -4.21 30.48
N GLY E 30 52.35 -3.04 30.75
CA GLY E 30 52.61 -1.85 29.98
C GLY E 30 51.63 -1.63 28.84
N MET E 31 50.82 -2.63 28.52
CA MET E 31 49.82 -2.49 27.46
C MET E 31 48.73 -1.52 27.91
N THR E 32 48.27 -0.68 26.99
CA THR E 32 47.14 0.18 27.26
C THR E 32 45.83 -0.60 27.19
N GLN E 33 44.76 0.01 27.72
CA GLN E 33 43.46 -0.66 27.74
C GLN E 33 42.95 -0.93 26.33
N GLN E 34 43.22 -0.02 25.40
CA GLN E 34 42.76 -0.24 24.03
C GLN E 34 43.43 -1.46 23.42
N GLN E 35 44.74 -1.59 23.63
CA GLN E 35 45.45 -2.74 23.11
C GLN E 35 44.96 -4.04 23.73
N VAL E 36 44.72 -4.04 25.04
CA VAL E 36 44.23 -5.24 25.71
C VAL E 36 42.85 -5.62 25.19
N ALA E 37 41.98 -4.63 25.01
CA ALA E 37 40.65 -4.92 24.49
C ALA E 37 40.74 -5.45 23.06
N TYR E 38 41.67 -4.92 22.27
CA TYR E 38 41.86 -5.43 20.92
C TYR E 38 42.37 -6.87 20.94
N ALA E 39 43.28 -7.19 21.85
CA ALA E 39 43.86 -8.53 21.88
C ALA E 39 42.87 -9.58 22.39
N LEU E 40 42.14 -9.26 23.46
CA LEU E 40 41.27 -10.21 24.13
C LEU E 40 39.79 -9.96 23.92
N GLY E 41 39.40 -8.75 23.50
CA GLY E 41 38.01 -8.39 23.37
C GLY E 41 37.50 -7.65 24.60
N THR E 42 36.30 -7.11 24.45
CA THR E 42 35.69 -6.35 25.54
C THR E 42 35.42 -7.26 26.72
N PRO E 43 35.85 -6.91 27.94
CA PRO E 43 35.54 -7.77 29.08
C PRO E 43 34.07 -7.69 29.45
N LEU E 44 33.50 -8.85 29.77
CA LEU E 44 32.12 -8.94 30.22
C LEU E 44 31.98 -8.61 31.70
N MET E 45 33.03 -8.13 32.35
CA MET E 45 33.01 -7.95 33.79
C MET E 45 34.14 -7.01 34.18
N SER E 46 33.81 -5.97 34.92
CA SER E 46 34.80 -5.01 35.41
C SER E 46 34.54 -4.75 36.87
N ASP E 47 35.37 -3.90 37.47
CA ASP E 47 35.19 -3.53 38.86
C ASP E 47 34.42 -2.22 38.92
N PRO E 48 33.17 -2.21 39.39
CA PRO E 48 32.41 -0.96 39.44
C PRO E 48 32.58 -0.17 40.73
N PHE E 49 33.33 -0.68 41.71
CA PHE E 49 33.42 -0.08 43.03
C PHE E 49 34.69 0.73 43.20
N GLY E 50 35.14 1.41 42.15
CA GLY E 50 36.21 2.39 42.29
C GLY E 50 37.60 1.85 42.05
N THR E 51 37.79 1.05 41.01
CA THR E 51 39.11 0.59 40.62
C THR E 51 39.09 0.29 39.13
N ASN E 52 40.26 0.37 38.50
CA ASN E 52 40.40 0.10 37.08
C ASN E 52 40.88 -1.34 36.89
N THR E 53 39.97 -2.27 37.19
CA THR E 53 40.25 -3.70 37.14
C THR E 53 39.32 -4.38 36.15
N TRP E 54 39.88 -5.24 35.32
CA TRP E 54 39.13 -5.99 34.32
C TRP E 54 39.21 -7.47 34.67
N PHE E 55 38.05 -8.14 34.67
CA PHE E 55 37.96 -9.56 34.97
C PHE E 55 37.59 -10.31 33.71
N TYR E 56 38.47 -11.22 33.28
CA TYR E 56 38.21 -12.10 32.16
C TYR E 56 37.96 -13.50 32.75
N VAL E 57 36.69 -13.83 32.91
CA VAL E 57 36.26 -15.11 33.46
C VAL E 57 35.86 -16.02 32.31
N PHE E 58 36.23 -17.29 32.40
CA PHE E 58 35.94 -18.28 31.38
C PHE E 58 35.33 -19.49 32.08
N ARG E 59 34.00 -19.54 32.16
CA ARG E 59 33.29 -20.62 32.79
C ARG E 59 32.77 -21.61 31.76
N GLN E 60 32.74 -22.87 32.14
CA GLN E 60 32.18 -23.93 31.30
C GLN E 60 31.58 -24.98 32.20
N GLN E 61 30.29 -25.23 32.05
CA GLN E 61 29.56 -26.23 32.83
C GLN E 61 28.85 -27.13 31.83
N PRO E 62 29.54 -28.15 31.31
CA PRO E 62 28.96 -28.95 30.22
C PRO E 62 27.71 -29.70 30.62
N GLY E 63 27.38 -29.77 31.90
CA GLY E 63 26.28 -30.59 32.36
C GLY E 63 26.53 -31.05 33.78
N HIS E 64 26.47 -32.35 34.01
CA HIS E 64 26.81 -32.93 35.30
C HIS E 64 28.28 -33.33 35.37
N GLU E 65 29.09 -32.94 34.39
CA GLU E 65 30.49 -33.34 34.35
C GLU E 65 31.38 -32.55 35.28
N GLY E 66 30.91 -31.41 35.79
CA GLY E 66 31.72 -30.59 36.68
C GLY E 66 32.14 -29.31 35.99
N VAL E 67 32.14 -28.22 36.76
CA VAL E 67 32.41 -26.90 36.23
C VAL E 67 33.91 -26.64 36.24
N THR E 68 34.40 -25.95 35.22
CA THR E 68 35.78 -25.49 35.16
C THR E 68 35.77 -23.99 34.87
N GLN E 69 36.78 -23.30 35.38
CA GLN E 69 36.83 -21.85 35.24
C GLN E 69 38.27 -21.37 35.21
N GLN E 70 38.57 -20.50 34.25
CA GLN E 70 39.83 -19.77 34.22
C GLN E 70 39.51 -18.29 34.35
N THR E 71 40.14 -17.62 35.31
CA THR E 71 39.89 -16.23 35.58
C THR E 71 41.19 -15.44 35.44
N LEU E 72 41.16 -14.41 34.60
CA LEU E 72 42.31 -13.56 34.36
C LEU E 72 41.95 -12.15 34.83
N THR E 73 42.64 -11.67 35.85
CA THR E 73 42.41 -10.35 36.42
C THR E 73 43.50 -9.40 35.96
N LEU E 74 43.11 -8.31 35.30
CA LEU E 74 44.04 -7.30 34.80
C LEU E 74 43.80 -6.00 35.56
N THR E 75 44.82 -5.56 36.29
CA THR E 75 44.73 -4.34 37.09
C THR E 75 45.48 -3.22 36.36
N PHE E 76 44.76 -2.18 35.98
CA PHE E 76 45.35 -1.02 35.34
C PHE E 76 45.54 0.11 36.35
N ASN E 77 46.31 1.10 35.95
CA ASN E 77 46.53 2.28 36.76
C ASN E 77 45.54 3.38 36.35
N SER E 78 45.66 4.54 37.00
CA SER E 78 44.74 5.63 36.70
C SER E 78 44.86 6.10 35.26
N SER E 79 46.04 5.94 34.65
CA SER E 79 46.27 6.39 33.28
C SER E 79 45.80 5.38 32.23
N GLY E 80 45.34 4.21 32.65
CA GLY E 80 44.91 3.19 31.70
C GLY E 80 46.00 2.27 31.22
N VAL E 81 47.14 2.22 31.91
CA VAL E 81 48.26 1.38 31.53
C VAL E 81 48.26 0.13 32.40
N LEU E 82 48.30 -1.03 31.76
CA LEU E 82 48.26 -2.29 32.50
C LEU E 82 49.41 -2.34 33.50
N THR E 83 49.10 -2.69 34.74
CA THR E 83 50.08 -2.69 35.82
C THR E 83 50.35 -4.06 36.41
N ASN E 84 49.35 -4.94 36.47
CA ASN E 84 49.52 -6.25 37.07
C ASN E 84 48.65 -7.26 36.33
N ILE E 85 49.15 -8.48 36.19
CA ILE E 85 48.44 -9.57 35.54
C ILE E 85 48.39 -10.74 36.52
N ASP E 86 47.20 -11.30 36.71
CA ASP E 86 47.01 -12.43 37.61
C ASP E 86 46.16 -13.48 36.90
N ASN E 87 46.77 -14.58 36.51
CA ASN E 87 46.12 -15.64 35.76
C ASN E 87 45.94 -16.85 36.66
N LYS E 88 44.69 -17.27 36.85
CA LYS E 88 44.38 -18.49 37.59
C LYS E 88 43.74 -19.49 36.64
N PRO E 89 44.41 -20.58 36.28
CA PRO E 89 43.87 -21.47 35.25
C PRO E 89 42.81 -22.45 35.74
N ALA E 90 42.63 -22.61 37.05
CA ALA E 90 41.67 -23.58 37.56
C ALA E 90 41.11 -23.10 38.88
N LEU E 91 39.94 -23.63 39.22
CA LEU E 91 39.31 -23.28 40.48
C LEU E 91 40.04 -23.93 41.64
N SER E 92 39.77 -23.41 42.83
CA SER E 92 40.39 -23.96 44.05
C SER E 92 39.47 -24.99 44.68
N ALA F 5 -28.01 53.23 -1.20
CA ALA F 5 -27.73 51.80 -1.53
C ALA F 5 -26.23 51.61 -1.75
N PRO F 6 -25.70 50.43 -1.39
CA PRO F 6 -24.28 50.17 -1.62
C PRO F 6 -23.93 50.29 -3.09
N GLN F 7 -22.74 50.82 -3.37
CA GLN F 7 -22.26 51.00 -4.74
C GLN F 7 -21.06 50.09 -4.98
N VAL F 8 -21.14 49.28 -6.03
CA VAL F 8 -20.03 48.38 -6.36
C VAL F 8 -18.87 49.20 -6.91
N VAL F 9 -17.69 49.05 -6.31
CA VAL F 9 -16.52 49.76 -6.77
C VAL F 9 -15.70 48.93 -7.73
N ASP F 10 -15.43 47.67 -7.37
CA ASP F 10 -14.69 46.77 -8.23
C ASP F 10 -15.09 45.34 -7.90
N LYS F 11 -14.87 44.46 -8.87
CA LYS F 11 -15.26 43.06 -8.75
C LYS F 11 -14.45 42.27 -9.76
N VAL F 12 -14.48 40.94 -9.61
CA VAL F 12 -13.78 40.06 -10.54
C VAL F 12 -14.72 39.74 -11.70
N ALA F 13 -14.28 40.05 -12.90
CA ALA F 13 -15.04 39.81 -14.12
C ALA F 13 -14.71 38.48 -14.78
N ALA F 14 -13.50 37.96 -14.57
CA ALA F 14 -13.13 36.70 -15.17
C ALA F 14 -12.03 36.05 -14.36
N VAL F 15 -12.08 34.72 -14.29
CA VAL F 15 -11.12 33.88 -13.60
C VAL F 15 -10.37 33.09 -14.67
N VAL F 16 -9.04 33.15 -14.61
CA VAL F 16 -8.17 32.50 -15.59
C VAL F 16 -7.16 31.69 -14.79
N ASN F 17 -6.13 31.12 -15.44
CA ASN F 17 -5.16 30.35 -14.67
C ASN F 17 -4.57 31.18 -13.55
N ASN F 18 -5.09 30.93 -12.35
CA ASN F 18 -4.74 31.55 -11.07
C ASN F 18 -4.86 33.07 -11.08
N GLY F 19 -5.35 33.66 -12.18
CA GLY F 19 -5.54 35.08 -12.27
C GLY F 19 -7.01 35.48 -12.28
N VAL F 20 -7.22 36.79 -12.25
CA VAL F 20 -8.56 37.37 -12.25
C VAL F 20 -8.52 38.62 -13.11
N VAL F 21 -9.62 38.89 -13.81
CA VAL F 21 -9.82 40.16 -14.49
C VAL F 21 -10.78 40.99 -13.65
N LEU F 22 -10.43 42.25 -13.41
CA LEU F 22 -11.26 43.14 -12.62
C LEU F 22 -12.10 44.02 -13.53
N GLU F 23 -13.20 44.53 -12.98
CA GLU F 23 -14.06 45.38 -13.79
C GLU F 23 -13.41 46.70 -14.14
N SER F 24 -12.28 47.04 -13.51
CA SER F 24 -11.61 48.29 -13.84
C SER F 24 -10.73 48.16 -15.07
N ASP F 25 -10.68 46.95 -15.66
CA ASP F 25 -9.93 46.68 -16.87
C ASP F 25 -10.83 46.66 -18.08
N VAL F 26 -11.98 46.00 -17.94
CA VAL F 26 -12.98 45.99 -19.01
C VAL F 26 -13.42 47.41 -19.31
N ASP F 27 -13.71 48.20 -18.27
CA ASP F 27 -14.11 49.59 -18.46
C ASP F 27 -13.00 50.41 -19.09
N GLY F 28 -11.74 50.18 -18.70
CA GLY F 28 -10.65 50.96 -19.28
C GLY F 28 -10.55 50.76 -20.78
N LEU F 29 -10.56 49.51 -21.23
CA LEU F 29 -10.48 49.25 -22.66
C LEU F 29 -11.76 49.65 -23.37
N MET F 30 -12.90 49.53 -22.68
CA MET F 30 -14.15 50.03 -23.25
C MET F 30 -14.03 51.50 -23.59
N GLN F 31 -13.56 52.31 -22.63
CA GLN F 31 -13.40 53.73 -22.89
C GLN F 31 -12.34 53.98 -23.95
N SER F 32 -11.25 53.21 -23.92
CA SER F 32 -10.21 53.36 -24.93
C SER F 32 -10.75 53.14 -26.35
N VAL F 33 -11.48 52.03 -26.53
CA VAL F 33 -12.00 51.71 -27.86
C VAL F 33 -13.08 52.70 -28.25
N LYS F 34 -13.90 53.15 -27.31
CA LYS F 34 -14.92 54.14 -27.62
C LYS F 34 -14.27 55.45 -28.08
N LEU F 35 -13.22 55.88 -27.39
CA LEU F 35 -12.52 57.09 -27.80
C LEU F 35 -11.87 56.92 -29.17
N ASN F 36 -11.26 55.75 -29.42
CA ASN F 36 -10.65 55.60 -30.72
C ASN F 36 -11.72 55.59 -31.79
N ALA F 37 -12.88 54.97 -31.49
CA ALA F 37 -13.92 54.89 -32.51
C ALA F 37 -14.39 56.28 -32.85
N ALA F 38 -14.60 57.10 -31.81
CA ALA F 38 -15.09 58.45 -32.01
C ALA F 38 -14.12 59.26 -32.84
N GLN F 39 -12.82 59.06 -32.62
CA GLN F 39 -11.86 59.82 -33.41
C GLN F 39 -11.79 59.28 -34.84
N ALA F 40 -11.99 57.97 -35.00
CA ALA F 40 -11.92 57.32 -36.30
C ALA F 40 -13.22 57.38 -37.08
N ARG F 41 -14.31 57.92 -36.51
CA ARG F 41 -15.57 58.07 -37.21
C ARG F 41 -16.30 56.73 -37.35
N GLN F 42 -15.69 55.62 -36.94
CA GLN F 42 -16.29 54.30 -37.07
C GLN F 42 -17.17 53.94 -35.88
N GLN F 43 -18.48 53.94 -36.13
CA GLN F 43 -19.51 53.63 -35.16
C GLN F 43 -19.32 52.19 -34.67
N LEU F 44 -19.64 51.94 -33.41
CA LEU F 44 -19.37 50.66 -32.79
C LEU F 44 -20.66 50.10 -32.19
N PRO F 45 -20.73 48.78 -32.05
CA PRO F 45 -22.00 48.14 -31.67
C PRO F 45 -22.40 48.25 -30.21
N ASP F 46 -23.41 47.46 -29.88
CA ASP F 46 -24.05 47.47 -28.57
C ASP F 46 -23.17 46.89 -27.48
N ASP F 47 -23.22 47.53 -26.33
CA ASP F 47 -22.52 47.21 -25.08
C ASP F 47 -22.08 45.76 -24.94
N ALA F 48 -22.98 44.81 -25.21
CA ALA F 48 -22.66 43.40 -25.00
C ALA F 48 -21.76 42.82 -26.09
N THR F 49 -22.07 43.03 -27.36
CA THR F 49 -21.14 42.49 -28.36
C THR F 49 -19.74 43.10 -28.23
N LEU F 50 -19.63 44.39 -27.90
CA LEU F 50 -18.32 44.99 -27.67
C LEU F 50 -17.66 44.43 -26.42
N ARG F 51 -18.46 44.20 -25.37
CA ARG F 51 -18.01 43.57 -24.13
C ARG F 51 -17.46 42.16 -24.32
N HIS F 52 -18.10 41.33 -25.13
CA HIS F 52 -17.55 39.98 -25.28
C HIS F 52 -16.15 40.01 -25.88
N GLN F 53 -15.92 40.82 -26.91
CA GLN F 53 -14.58 40.89 -27.49
C GLN F 53 -13.58 41.49 -26.52
N ILE F 54 -13.97 42.53 -25.78
CA ILE F 54 -13.03 43.09 -24.82
C ILE F 54 -12.69 42.06 -23.76
N MET F 55 -13.68 41.30 -23.28
CA MET F 55 -13.40 40.26 -22.30
C MET F 55 -12.47 39.20 -22.87
N GLU F 56 -12.67 38.81 -24.13
CA GLU F 56 -11.77 37.85 -24.75
C GLU F 56 -10.34 38.39 -24.86
N ARG F 57 -10.19 39.65 -25.27
CA ARG F 57 -8.85 40.22 -25.30
C ARG F 57 -8.22 40.26 -23.93
N LEU F 58 -9.00 40.56 -22.89
CA LEU F 58 -8.45 40.55 -21.53
C LEU F 58 -8.10 39.15 -21.04
N ILE F 59 -8.89 38.14 -21.39
CA ILE F 59 -8.51 36.77 -21.02
C ILE F 59 -7.17 36.42 -21.67
N MET F 60 -7.04 36.77 -22.95
CA MET F 60 -5.81 36.40 -23.68
C MET F 60 -4.66 37.20 -23.05
N ASP F 61 -4.87 38.46 -22.67
CA ASP F 61 -3.82 39.28 -22.09
C ASP F 61 -3.40 38.75 -20.72
N GLN F 62 -4.37 38.34 -19.90
CA GLN F 62 -4.05 37.82 -18.58
C GLN F 62 -3.27 36.51 -18.70
N ILE F 63 -3.67 35.65 -19.64
CA ILE F 63 -2.94 34.40 -19.86
C ILE F 63 -1.49 34.71 -20.21
N ILE F 64 -1.29 35.63 -21.15
CA ILE F 64 0.06 35.94 -21.59
C ILE F 64 0.87 36.60 -20.48
N LEU F 65 0.21 37.40 -19.63
CA LEU F 65 0.92 38.04 -18.54
C LEU F 65 1.37 37.03 -17.51
N GLN F 66 0.49 36.09 -17.17
CA GLN F 66 0.87 35.03 -16.24
C GLN F 66 1.98 34.15 -16.82
N MET F 67 1.95 33.90 -18.13
CA MET F 67 3.08 33.16 -18.70
C MET F 67 4.37 33.93 -18.55
N GLY F 68 4.33 35.25 -18.77
CA GLY F 68 5.52 36.06 -18.58
C GLY F 68 6.02 36.05 -17.14
N GLN F 69 5.10 36.14 -16.19
CA GLN F 69 5.47 36.05 -14.78
C GLN F 69 6.11 34.70 -14.46
N LYS F 70 5.53 33.62 -15.00
CA LYS F 70 6.06 32.28 -14.76
C LYS F 70 7.46 32.13 -15.35
N MET F 71 7.69 32.70 -16.53
CA MET F 71 8.93 32.55 -17.27
C MET F 71 10.00 33.55 -16.85
N GLY F 72 9.76 34.39 -15.86
CA GLY F 72 10.82 35.28 -15.41
C GLY F 72 11.22 36.38 -16.38
N VAL F 73 10.23 37.04 -16.98
CA VAL F 73 10.45 38.17 -17.87
C VAL F 73 9.93 39.42 -17.18
N LYS F 74 10.75 40.47 -17.18
CA LYS F 74 10.49 41.74 -16.51
C LYS F 74 10.91 42.85 -17.45
N ILE F 75 10.41 44.05 -17.18
CA ILE F 75 10.67 45.22 -18.03
C ILE F 75 11.33 46.37 -17.28
N SER F 76 12.28 46.99 -17.96
CA SER F 76 13.13 48.06 -17.46
C SER F 76 12.40 49.40 -17.56
N ASP F 77 12.92 50.39 -16.83
CA ASP F 77 12.36 51.74 -16.89
C ASP F 77 12.65 52.42 -18.23
N GLU F 78 13.84 52.19 -18.79
CA GLU F 78 14.14 52.71 -20.12
C GLU F 78 13.18 52.18 -21.17
N GLN F 79 12.65 50.97 -21.00
CA GLN F 79 11.61 50.51 -21.92
C GLN F 79 10.37 51.38 -21.85
N LEU F 80 9.98 51.81 -20.64
CA LEU F 80 8.88 52.76 -20.52
C LEU F 80 9.23 54.09 -21.16
N ASP F 81 10.47 54.55 -20.97
CA ASP F 81 10.90 55.81 -21.58
C ASP F 81 10.78 55.76 -23.10
N GLN F 82 11.22 54.66 -23.71
CA GLN F 82 11.10 54.49 -25.16
C GLN F 82 9.63 54.40 -25.59
N ALA F 83 8.82 53.63 -24.87
CA ALA F 83 7.42 53.50 -25.28
C ALA F 83 6.69 54.84 -25.22
N ILE F 84 7.13 55.76 -24.35
CA ILE F 84 6.59 57.11 -24.33
C ILE F 84 6.65 57.76 -25.70
N ALA F 85 7.61 57.34 -26.53
CA ALA F 85 7.76 57.93 -27.87
C ALA F 85 6.54 57.70 -28.74
N ASN F 86 6.00 56.48 -28.72
CA ASN F 86 4.91 56.08 -29.60
C ASN F 86 3.59 55.83 -28.87
N ILE F 87 3.63 55.18 -27.72
CA ILE F 87 2.41 54.91 -26.97
C ILE F 87 1.71 56.20 -26.57
N ALA F 88 2.45 57.18 -26.06
CA ALA F 88 1.84 58.47 -25.76
C ALA F 88 1.81 59.43 -26.94
N LYS F 89 2.33 59.05 -28.10
CA LYS F 89 2.31 59.92 -29.29
C LYS F 89 2.94 61.27 -29.00
N GLN F 90 4.04 61.26 -28.23
CA GLN F 90 4.74 62.51 -27.96
C GLN F 90 5.35 63.10 -29.22
N ASN F 91 5.75 62.25 -30.18
CA ASN F 91 6.30 62.75 -31.43
C ASN F 91 5.26 63.53 -32.22
N ASN F 92 4.00 63.13 -32.14
CA ASN F 92 2.93 63.83 -32.83
C ASN F 92 2.48 65.08 -32.07
N MET F 93 2.38 65.00 -30.75
CA MET F 93 1.99 66.13 -29.91
C MET F 93 3.07 66.37 -28.87
N THR F 94 3.65 67.58 -28.87
CA THR F 94 4.85 67.87 -28.10
C THR F 94 4.43 68.26 -26.68
N LEU F 95 4.19 67.24 -25.85
CA LEU F 95 3.99 67.42 -24.41
C LEU F 95 4.23 66.13 -23.64
N ASP F 96 5.00 66.24 -22.56
CA ASP F 96 5.33 65.08 -21.73
C ASP F 96 4.28 64.65 -20.69
N GLN F 97 3.60 65.60 -20.05
CA GLN F 97 2.71 65.30 -18.92
C GLN F 97 1.45 64.57 -19.36
N MET F 98 0.70 64.12 -18.36
CA MET F 98 -0.44 63.24 -18.55
C MET F 98 -1.71 64.05 -18.79
N ARG F 99 -1.60 65.38 -18.83
CA ARG F 99 -2.68 66.27 -19.22
C ARG F 99 -3.16 65.99 -20.64
N SER F 100 -2.35 65.36 -21.49
CA SER F 100 -2.85 64.97 -22.79
C SER F 100 -3.95 63.92 -22.68
N ARG F 101 -3.94 63.12 -21.61
CA ARG F 101 -4.93 62.05 -21.43
C ARG F 101 -6.24 62.64 -20.89
N LEU F 102 -6.76 63.61 -21.63
CA LEU F 102 -7.92 64.38 -21.15
C LEU F 102 -9.19 63.54 -21.05
N ALA F 103 -9.27 62.42 -21.77
CA ALA F 103 -10.56 61.74 -21.92
C ALA F 103 -11.06 61.19 -20.59
N TYR F 104 -10.23 60.44 -19.88
CA TYR F 104 -10.71 59.68 -18.73
C TYR F 104 -9.55 59.38 -17.79
N ASP F 105 -9.91 58.99 -16.57
CA ASP F 105 -8.98 58.66 -15.50
C ASP F 105 -8.27 59.87 -14.93
N GLY F 106 -8.79 61.07 -15.16
CA GLY F 106 -8.31 62.26 -14.47
C GLY F 106 -6.83 62.53 -14.62
N LEU F 107 -6.24 62.22 -15.77
CA LEU F 107 -4.85 62.57 -16.03
C LEU F 107 -3.89 61.86 -15.07
N ASN F 108 -4.26 60.68 -14.58
CA ASN F 108 -3.40 59.97 -13.65
C ASN F 108 -2.20 59.35 -14.36
N TYR F 109 -1.11 59.23 -13.61
CA TYR F 109 0.18 58.75 -14.11
C TYR F 109 0.31 57.23 -14.01
N ASN F 110 0.05 56.68 -12.82
CA ASN F 110 0.32 55.27 -12.57
C ASN F 110 -0.50 54.37 -13.49
N THR F 111 -1.77 54.73 -13.72
CA THR F 111 -2.64 53.88 -14.52
C THR F 111 -2.10 53.68 -15.92
N TYR F 112 -1.75 54.76 -16.61
CA TYR F 112 -1.28 54.63 -17.99
C TYR F 112 0.10 54.01 -18.05
N ARG F 113 0.96 54.27 -17.05
CA ARG F 113 2.26 53.61 -17.02
C ARG F 113 2.11 52.11 -16.85
N ASN F 114 1.19 51.67 -15.99
CA ASN F 114 0.94 50.24 -15.85
C ASN F 114 0.34 49.65 -17.12
N GLN F 115 -0.51 50.42 -17.80
CA GLN F 115 -1.06 49.96 -19.07
C GLN F 115 0.06 49.73 -20.08
N ILE F 116 1.01 50.66 -20.14
CA ILE F 116 2.14 50.50 -21.04
C ILE F 116 2.98 49.29 -20.63
N ARG F 117 3.21 49.12 -19.32
CA ARG F 117 3.96 47.94 -18.89
C ARG F 117 3.26 46.66 -19.34
N LYS F 118 1.92 46.66 -19.26
CA LYS F 118 1.12 45.51 -19.69
C LYS F 118 1.30 45.21 -21.16
N GLU F 119 1.36 46.27 -21.98
CA GLU F 119 1.54 46.06 -23.41
C GLU F 119 2.95 45.61 -23.73
N MET F 120 3.95 46.21 -23.09
CA MET F 120 5.32 45.83 -23.41
C MET F 120 5.56 44.38 -23.02
N ILE F 121 5.08 43.98 -21.83
CA ILE F 121 5.30 42.61 -21.36
C ILE F 121 4.59 41.62 -22.28
N ILE F 122 3.36 41.94 -22.70
CA ILE F 122 2.67 41.02 -23.62
C ILE F 122 3.45 40.92 -24.93
N SER F 123 3.92 42.05 -25.46
CA SER F 123 4.58 42.03 -26.75
C SER F 123 5.87 41.24 -26.65
N GLU F 124 6.63 41.46 -25.57
CA GLU F 124 7.90 40.79 -25.38
C GLU F 124 7.72 39.27 -25.35
N VAL F 125 6.82 38.79 -24.50
CA VAL F 125 6.66 37.34 -24.38
C VAL F 125 6.07 36.75 -25.67
N ARG F 126 5.15 37.47 -26.31
CA ARG F 126 4.61 37.02 -27.59
C ARG F 126 5.73 36.83 -28.59
N ASN F 127 6.57 37.86 -28.73
CA ASN F 127 7.68 37.82 -29.69
C ASN F 127 8.62 36.68 -29.36
N ASN F 128 8.97 36.51 -28.08
CA ASN F 128 9.92 35.45 -27.74
C ASN F 128 9.36 34.08 -28.10
N GLU F 129 8.12 33.79 -27.70
CA GLU F 129 7.58 32.46 -27.98
C GLU F 129 7.38 32.22 -29.47
N VAL F 130 6.89 33.22 -30.20
CA VAL F 130 6.68 33.03 -31.63
C VAL F 130 8.01 32.89 -32.34
N ARG F 131 9.02 33.65 -31.93
CA ARG F 131 10.32 33.52 -32.57
C ARG F 131 10.88 32.15 -32.30
N ARG F 132 10.73 31.64 -31.07
CA ARG F 132 11.27 30.33 -30.79
C ARG F 132 10.50 29.24 -31.51
N ARG F 133 9.32 29.56 -32.06
CA ARG F 133 8.57 28.55 -32.81
C ARG F 133 8.91 28.53 -34.30
N ILE F 134 9.66 29.51 -34.81
CA ILE F 134 9.84 29.64 -36.25
C ILE F 134 10.89 28.66 -36.73
N THR F 135 10.62 27.99 -37.86
CA THR F 135 11.61 27.18 -38.55
C THR F 135 11.83 27.73 -39.94
N ILE F 136 13.08 28.03 -40.28
CA ILE F 136 13.45 28.61 -41.56
C ILE F 136 14.28 27.58 -42.32
N LEU F 137 13.97 27.39 -43.60
CA LEU F 137 14.69 26.42 -44.40
C LEU F 137 15.44 27.11 -45.53
N PRO F 138 16.73 26.81 -45.75
CA PRO F 138 17.45 27.50 -46.83
C PRO F 138 16.75 27.38 -48.17
N GLN F 139 16.13 26.22 -48.44
CA GLN F 139 15.49 25.98 -49.73
C GLN F 139 14.37 26.98 -49.97
N GLU F 140 13.53 27.21 -48.95
CA GLU F 140 12.44 28.16 -49.10
C GLU F 140 12.99 29.57 -49.34
N VAL F 141 14.08 29.93 -48.64
CA VAL F 141 14.65 31.26 -48.85
C VAL F 141 15.14 31.41 -50.27
N GLU F 142 15.83 30.39 -50.80
CA GLU F 142 16.29 30.45 -52.19
C GLU F 142 15.11 30.56 -53.14
N SER F 143 14.06 29.78 -52.90
CA SER F 143 12.89 29.82 -53.76
C SER F 143 12.26 31.21 -53.77
N LEU F 144 12.07 31.79 -52.57
CA LEU F 144 11.45 33.09 -52.48
C LEU F 144 12.33 34.17 -53.11
N ALA F 145 13.66 34.04 -52.99
CA ALA F 145 14.54 35.02 -53.60
C ALA F 145 14.46 34.94 -55.12
N GLN F 146 14.51 33.72 -55.66
CA GLN F 146 14.37 33.54 -57.10
C GLN F 146 12.99 34.00 -57.57
N GLN F 147 12.00 33.93 -56.68
CA GLN F 147 10.71 34.58 -56.93
C GLN F 147 10.86 36.10 -56.91
N VAL F 148 11.76 36.62 -56.07
CA VAL F 148 11.99 38.06 -56.05
C VAL F 148 12.97 38.28 -57.19
N GLY F 149 12.43 38.34 -58.39
CA GLY F 149 13.18 38.64 -59.59
C GLY F 149 12.24 39.17 -60.65
N ASN F 150 12.81 39.48 -61.82
CA ASN F 150 12.05 40.00 -62.95
C ASN F 150 11.35 41.30 -62.54
N GLN F 151 12.19 42.28 -62.20
CA GLN F 151 11.76 43.62 -61.78
C GLN F 151 10.88 43.54 -60.53
N ASN F 152 11.41 42.92 -59.48
CA ASN F 152 10.72 42.79 -58.20
C ASN F 152 9.24 42.46 -58.42
N ASP F 153 9.00 41.30 -59.02
CA ASP F 153 7.62 40.89 -59.27
C ASP F 153 6.78 41.01 -58.00
N ALA F 154 5.48 41.23 -58.21
CA ALA F 154 4.50 41.37 -57.15
C ALA F 154 4.91 42.44 -56.12
N SER F 155 5.21 43.65 -56.60
CA SER F 155 5.60 44.71 -55.68
C SER F 155 4.39 45.41 -55.06
N THR F 156 3.22 44.79 -55.18
CA THR F 156 1.98 45.36 -54.66
C THR F 156 2.03 45.55 -53.15
N GLU F 157 1.61 46.71 -52.67
CA GLU F 157 1.49 46.95 -51.24
C GLU F 157 0.02 47.10 -50.91
N LEU F 158 -0.42 46.46 -49.83
CA LEU F 158 -1.82 46.40 -49.44
C LEU F 158 -2.03 46.80 -48.00
N ASN F 159 -3.13 47.53 -47.76
CA ASN F 159 -3.66 47.77 -46.43
C ASN F 159 -4.99 47.03 -46.35
N LEU F 160 -5.10 46.09 -45.42
CA LEU F 160 -6.21 45.15 -45.41
C LEU F 160 -6.84 45.10 -44.03
N SER F 161 -8.11 44.68 -44.01
CA SER F 161 -8.84 44.40 -42.78
C SER F 161 -9.22 42.93 -42.76
N HIS F 162 -8.96 42.28 -41.62
CA HIS F 162 -9.07 40.83 -41.50
C HIS F 162 -10.06 40.46 -40.40
N ILE F 163 -10.81 39.38 -40.63
CA ILE F 163 -11.74 38.83 -39.65
C ILE F 163 -11.49 37.34 -39.56
N LEU F 164 -11.36 36.84 -38.33
CA LEU F 164 -11.12 35.43 -38.07
C LEU F 164 -12.31 34.85 -37.32
N ILE F 165 -12.87 33.76 -37.84
CA ILE F 165 -13.91 32.99 -37.18
C ILE F 165 -13.23 31.76 -36.57
N PRO F 166 -13.06 31.68 -35.26
CA PRO F 166 -12.21 30.63 -34.70
C PRO F 166 -12.85 29.26 -34.69
N LEU F 167 -12.00 28.26 -34.80
CA LEU F 167 -12.33 26.85 -34.64
C LEU F 167 -11.26 26.21 -33.77
N PRO F 168 -11.60 25.24 -32.94
CA PRO F 168 -10.58 24.58 -32.14
C PRO F 168 -9.66 23.75 -33.02
N GLU F 169 -8.46 23.44 -32.51
CA GLU F 169 -7.45 22.65 -33.26
C GLU F 169 -8.06 21.32 -33.71
N ASN F 170 -8.85 20.68 -32.85
CA ASN F 170 -9.51 19.39 -33.18
C ASN F 170 -11.02 19.61 -33.16
N PRO F 171 -11.62 20.22 -34.21
CA PRO F 171 -13.05 20.51 -34.22
C PRO F 171 -13.89 19.35 -34.70
N THR F 172 -15.14 19.35 -34.25
CA THR F 172 -16.14 18.39 -34.71
C THR F 172 -16.82 18.94 -35.97
N SER F 173 -17.38 18.02 -36.75
CA SER F 173 -18.05 18.41 -37.98
C SER F 173 -19.20 19.39 -37.71
N ASP F 174 -19.93 19.18 -36.61
CA ASP F 174 -20.96 20.15 -36.21
C ASP F 174 -20.36 21.54 -36.13
N GLN F 175 -19.25 21.67 -35.42
CA GLN F 175 -18.58 22.96 -35.31
C GLN F 175 -18.10 23.46 -36.67
N VAL F 176 -17.67 22.53 -37.53
CA VAL F 176 -17.18 22.93 -38.84
C VAL F 176 -18.29 23.60 -39.64
N ASN F 177 -19.47 22.99 -39.69
CA ASN F 177 -20.55 23.61 -40.45
C ASN F 177 -21.07 24.86 -39.77
N GLU F 178 -21.07 24.91 -38.43
CA GLU F 178 -21.46 26.13 -37.74
C GLU F 178 -20.56 27.28 -38.14
N ALA F 179 -19.24 27.06 -38.09
CA ALA F 179 -18.29 28.10 -38.48
C ALA F 179 -18.43 28.45 -39.94
N GLU F 180 -18.69 27.45 -40.79
CA GLU F 180 -18.88 27.70 -42.21
C GLU F 180 -20.07 28.63 -42.42
N SER F 181 -21.21 28.33 -41.79
CA SER F 181 -22.39 29.17 -41.93
C SER F 181 -22.10 30.58 -41.43
N GLN F 182 -21.42 30.70 -40.29
CA GLN F 182 -21.12 32.02 -39.75
C GLN F 182 -20.26 32.82 -40.73
N ALA F 183 -19.22 32.18 -41.27
CA ALA F 183 -18.32 32.87 -42.17
C ALA F 183 -19.03 33.28 -43.46
N ARG F 184 -19.84 32.39 -44.02
CA ARG F 184 -20.59 32.73 -45.22
C ARG F 184 -21.56 33.87 -44.96
N ALA F 185 -22.22 33.87 -43.80
CA ALA F 185 -23.13 34.97 -43.50
C ALA F 185 -22.38 36.30 -43.39
N ILE F 186 -21.22 36.30 -42.73
CA ILE F 186 -20.44 37.54 -42.63
C ILE F 186 -19.99 37.99 -44.01
N VAL F 187 -19.53 37.04 -44.83
CA VAL F 187 -19.07 37.37 -46.17
C VAL F 187 -20.20 37.95 -47.01
N ASP F 188 -21.39 37.33 -46.92
CA ASP F 188 -22.54 37.83 -47.66
C ASP F 188 -22.89 39.24 -47.22
N GLN F 189 -22.88 39.50 -45.92
CA GLN F 189 -23.19 40.85 -45.44
C GLN F 189 -22.16 41.85 -45.95
N ALA F 190 -20.88 41.49 -45.89
CA ALA F 190 -19.83 42.38 -46.36
C ALA F 190 -19.96 42.66 -47.85
N ARG F 191 -20.27 41.64 -48.65
CA ARG F 191 -20.41 41.82 -50.10
C ARG F 191 -21.69 42.57 -50.45
N ASN F 192 -22.72 42.50 -49.61
CA ASN F 192 -23.98 43.13 -49.96
C ASN F 192 -24.00 44.63 -49.69
N GLY F 193 -23.05 45.13 -48.90
CA GLY F 193 -22.92 46.55 -48.66
C GLY F 193 -22.65 46.90 -47.21
N ALA F 194 -22.63 45.88 -46.34
CA ALA F 194 -22.38 46.14 -44.93
C ALA F 194 -20.95 46.63 -44.73
N ASP F 195 -20.79 47.57 -43.81
CA ASP F 195 -19.46 48.09 -43.52
C ASP F 195 -18.62 47.02 -42.85
N PHE F 196 -17.44 46.75 -43.43
CA PHE F 196 -16.63 45.64 -42.94
C PHE F 196 -16.08 45.93 -41.55
N GLY F 197 -15.77 47.20 -41.27
CA GLY F 197 -15.29 47.56 -39.95
C GLY F 197 -16.31 47.25 -38.88
N LYS F 198 -17.58 47.57 -39.13
CA LYS F 198 -18.61 47.27 -38.14
C LYS F 198 -18.76 45.76 -37.97
N LEU F 199 -18.71 45.03 -39.08
CA LEU F 199 -18.75 43.57 -39.00
C LEU F 199 -17.56 43.04 -38.23
N ALA F 200 -16.38 43.62 -38.47
CA ALA F 200 -15.18 43.18 -37.77
C ALA F 200 -15.26 43.43 -36.28
N ILE F 201 -15.76 44.60 -35.85
CA ILE F 201 -15.88 44.80 -34.41
C ILE F 201 -16.85 43.79 -33.82
N ALA F 202 -17.93 43.46 -34.53
CA ALA F 202 -18.89 42.57 -33.91
C ALA F 202 -18.44 41.11 -33.97
N HIS F 203 -17.84 40.72 -35.09
CA HIS F 203 -17.59 39.31 -35.41
C HIS F 203 -16.12 38.96 -35.66
N SER F 204 -15.33 38.70 -34.63
CA SER F 204 -13.91 38.48 -34.89
C SER F 204 -13.24 37.96 -33.63
N ALA F 205 -12.41 36.92 -33.79
CA ALA F 205 -11.55 36.43 -32.73
C ALA F 205 -10.12 36.96 -32.78
N ASP F 206 -9.79 37.81 -33.74
CA ASP F 206 -8.40 38.24 -33.81
C ASP F 206 -8.09 39.26 -32.73
N GLN F 207 -6.79 39.42 -32.43
CA GLN F 207 -6.39 40.42 -31.46
C GLN F 207 -6.78 41.82 -31.96
N GLN F 208 -6.65 42.05 -33.26
CA GLN F 208 -6.95 43.34 -33.87
C GLN F 208 -8.44 43.61 -33.97
N ALA F 209 -9.30 42.75 -33.43
CA ALA F 209 -10.73 43.00 -33.50
C ALA F 209 -11.09 44.35 -32.88
N LEU F 210 -10.53 44.63 -31.71
CA LEU F 210 -10.85 45.89 -31.05
C LEU F 210 -10.45 47.10 -31.88
N ASN F 211 -9.49 46.94 -32.80
CA ASN F 211 -9.05 47.99 -33.69
C ASN F 211 -9.76 47.92 -35.03
N GLY F 212 -10.75 47.04 -35.16
CA GLY F 212 -11.48 46.80 -36.38
C GLY F 212 -10.84 45.81 -37.33
N GLY F 213 -9.77 45.14 -36.90
CA GLY F 213 -9.13 44.15 -37.74
C GLY F 213 -8.15 44.69 -38.76
N GLN F 214 -7.82 45.98 -38.72
CA GLN F 214 -6.89 46.51 -39.70
C GLN F 214 -5.49 45.95 -39.48
N MET F 215 -4.90 45.41 -40.55
CA MET F 215 -3.56 44.86 -40.49
C MET F 215 -2.47 45.87 -40.82
N GLY F 216 -2.84 47.01 -41.41
CA GLY F 216 -1.85 47.98 -41.84
C GLY F 216 -1.25 47.63 -43.19
N TRP F 217 -0.44 48.55 -43.71
CA TRP F 217 0.15 48.37 -45.02
C TRP F 217 1.19 47.25 -44.98
N GLY F 218 1.13 46.39 -46.00
CA GLY F 218 2.10 45.31 -46.14
C GLY F 218 2.32 44.97 -47.61
N ARG F 219 3.15 43.96 -47.82
CA ARG F 219 3.51 43.46 -49.15
C ARG F 219 2.98 42.05 -49.31
N ILE F 220 2.51 41.74 -50.53
CA ILE F 220 1.68 40.54 -50.71
C ILE F 220 2.44 39.30 -50.28
N GLN F 221 3.74 39.23 -50.60
CA GLN F 221 4.51 38.04 -50.25
C GLN F 221 4.54 37.82 -48.74
N GLU F 222 4.35 38.88 -47.95
CA GLU F 222 4.34 38.75 -46.49
C GLU F 222 3.16 37.92 -46.01
N LEU F 223 2.17 37.69 -46.88
CA LEU F 223 1.01 36.92 -46.51
C LEU F 223 1.42 35.46 -46.30
N PRO F 224 0.77 34.75 -45.38
CA PRO F 224 1.17 33.36 -45.11
C PRO F 224 0.93 32.43 -46.29
N GLY F 225 0.51 32.98 -47.42
CA GLY F 225 0.14 32.25 -48.62
C GLY F 225 -1.34 31.97 -48.69
N ILE F 226 -1.95 31.71 -47.54
CA ILE F 226 -3.38 31.37 -47.49
C ILE F 226 -4.22 32.47 -48.11
N PHE F 227 -3.77 33.72 -47.99
CA PHE F 227 -4.42 34.90 -48.54
C PHE F 227 -3.88 35.41 -49.86
N ALA F 228 -2.58 35.27 -50.13
CA ALA F 228 -2.01 35.81 -51.35
C ALA F 228 -2.58 35.21 -52.64
N GLN F 229 -2.82 33.91 -52.71
CA GLN F 229 -3.35 33.40 -53.99
C GLN F 229 -4.71 34.01 -54.30
N ALA F 230 -5.62 34.04 -53.32
CA ALA F 230 -6.93 34.67 -53.50
C ALA F 230 -6.82 36.18 -53.66
N LEU F 231 -5.97 36.80 -52.86
CA LEU F 231 -5.76 38.24 -52.82
C LEU F 231 -5.12 38.84 -54.08
N SER F 232 -4.37 38.08 -54.87
CA SER F 232 -3.80 38.70 -56.06
C SER F 232 -4.87 39.21 -57.00
N THR F 233 -6.05 38.59 -57.02
CA THR F 233 -7.17 39.03 -57.85
C THR F 233 -8.18 39.75 -56.96
N ALA F 234 -8.01 41.07 -56.79
CA ALA F 234 -8.95 41.82 -55.97
C ALA F 234 -8.68 43.31 -56.10
N LYS F 235 -9.76 44.10 -56.11
CA LYS F 235 -9.66 45.55 -56.20
C LYS F 235 -9.89 46.18 -54.82
N LYS F 236 -9.74 47.50 -54.76
CA LYS F 236 -9.93 48.22 -53.50
C LYS F 236 -11.33 47.99 -52.95
N GLY F 237 -11.42 47.61 -51.68
CA GLY F 237 -12.74 47.41 -51.09
C GLY F 237 -13.35 46.04 -51.29
N ASP F 238 -12.73 45.14 -52.04
CA ASP F 238 -13.38 43.86 -52.25
C ASP F 238 -13.33 42.99 -50.99
N ILE F 239 -14.30 42.08 -50.93
CA ILE F 239 -14.51 41.12 -49.85
C ILE F 239 -14.11 39.73 -50.35
N VAL F 240 -13.24 39.06 -49.60
CA VAL F 240 -12.75 37.74 -49.97
C VAL F 240 -13.40 36.72 -49.04
N GLY F 241 -13.97 35.67 -49.64
CA GLY F 241 -14.69 34.65 -48.92
C GLY F 241 -13.89 33.89 -47.89
N PRO F 242 -14.50 32.85 -47.32
CA PRO F 242 -13.83 32.13 -46.24
C PRO F 242 -12.73 31.21 -46.75
N ILE F 243 -11.69 31.09 -45.94
CA ILE F 243 -10.54 30.24 -46.20
C ILE F 243 -10.17 29.54 -44.89
N ARG F 244 -9.08 28.79 -44.91
CA ARG F 244 -8.64 28.03 -43.74
C ARG F 244 -7.13 28.01 -43.71
N SER F 245 -6.60 27.77 -42.52
CA SER F 245 -5.17 27.64 -42.32
C SER F 245 -4.81 26.84 -41.07
N GLY F 246 -5.78 26.16 -40.46
CA GLY F 246 -5.58 25.49 -39.20
C GLY F 246 -6.26 26.17 -38.02
N VAL F 247 -6.29 27.51 -38.00
CA VAL F 247 -6.85 28.22 -36.86
C VAL F 247 -8.34 28.55 -36.99
N GLY F 248 -8.93 28.37 -38.17
CA GLY F 248 -10.33 28.69 -38.34
C GLY F 248 -10.56 29.25 -39.72
N PHE F 249 -11.70 29.91 -39.91
CA PHE F 249 -12.05 30.45 -41.20
C PHE F 249 -11.53 31.88 -41.27
N HIS F 250 -11.07 32.28 -42.45
CA HIS F 250 -10.50 33.59 -42.67
C HIS F 250 -11.34 34.37 -43.66
N ILE F 251 -11.54 35.67 -43.39
CA ILE F 251 -12.21 36.58 -44.29
C ILE F 251 -11.36 37.84 -44.39
N LEU F 252 -11.20 38.36 -45.61
CA LEU F 252 -10.34 39.51 -45.84
C LEU F 252 -11.07 40.55 -46.66
N LYS F 253 -10.78 41.82 -46.37
CA LYS F 253 -11.24 42.97 -47.15
C LYS F 253 -10.08 43.83 -47.59
N VAL F 254 -10.10 44.28 -48.84
CA VAL F 254 -9.01 45.08 -49.39
C VAL F 254 -9.39 46.53 -49.08
N ASN F 255 -8.79 47.09 -48.03
CA ASN F 255 -9.06 48.48 -47.67
C ASN F 255 -8.43 49.45 -48.66
N ASP F 256 -7.17 49.21 -49.02
CA ASP F 256 -6.43 50.10 -49.91
C ASP F 256 -5.30 49.32 -50.56
N LEU F 257 -4.80 49.86 -51.66
CA LEU F 257 -3.68 49.28 -52.38
C LEU F 257 -2.90 50.38 -53.07
N ARG F 258 -1.61 50.13 -53.24
CA ARG F 258 -0.71 51.08 -53.89
C ARG F 258 0.46 50.31 -54.48
N GLY F 259 0.68 50.48 -55.77
CA GLY F 259 1.77 49.81 -56.47
C GLY F 259 2.71 50.81 -57.13
N GLU F 260 3.97 50.41 -57.26
CA GLU F 260 4.98 51.22 -57.91
C GLU F 260 5.99 50.28 -58.55
N SER F 261 6.74 50.81 -59.53
CA SER F 261 7.70 50.01 -60.27
C SER F 261 9.13 50.18 -59.77
N LYS F 262 9.31 50.41 -58.47
CA LYS F 262 10.65 50.61 -57.93
C LYS F 262 11.35 49.27 -57.82
N ASN F 263 12.63 49.24 -58.18
CA ASN F 263 13.42 48.02 -58.08
C ASN F 263 14.73 48.28 -57.36
N ILE F 264 15.03 47.45 -56.38
CA ILE F 264 16.25 47.54 -55.60
C ILE F 264 17.34 46.75 -56.31
N SER F 265 18.41 47.42 -56.72
CA SER F 265 19.50 46.76 -57.42
C SER F 265 20.73 46.67 -56.53
N ASP F 374 19.52 38.09 -53.79
CA ASP F 374 20.64 38.80 -54.39
C ASP F 374 21.51 39.36 -53.26
N ALA F 375 22.46 40.25 -53.58
CA ALA F 375 23.30 40.82 -52.54
C ALA F 375 22.48 41.49 -51.46
N ALA F 376 21.50 42.31 -51.85
CA ALA F 376 20.65 43.02 -50.92
C ALA F 376 19.20 42.55 -50.97
N GLN F 377 18.85 41.71 -51.94
CA GLN F 377 17.49 41.19 -52.06
C GLN F 377 17.28 39.96 -51.17
N LYS F 378 18.32 39.16 -50.96
CA LYS F 378 18.20 38.01 -50.09
C LYS F 378 17.85 38.40 -48.66
N ASP F 379 18.50 39.44 -48.13
CA ASP F 379 18.19 39.88 -46.77
C ASP F 379 16.75 40.36 -46.66
N ARG F 380 16.28 41.11 -47.66
CA ARG F 380 14.92 41.59 -47.66
C ARG F 380 13.92 40.44 -47.73
N ALA F 381 14.22 39.46 -48.60
CA ALA F 381 13.36 38.29 -48.71
C ALA F 381 13.31 37.51 -47.40
N TYR F 382 14.46 37.40 -46.72
CA TYR F 382 14.46 36.78 -45.39
C TYR F 382 13.58 37.57 -44.42
N ARG F 383 13.63 38.90 -44.51
CA ARG F 383 12.79 39.73 -43.65
C ARG F 383 11.30 39.44 -43.89
N MET F 384 10.89 39.37 -45.15
CA MET F 384 9.47 39.15 -45.42
C MET F 384 9.05 37.73 -45.06
N LEU F 385 9.93 36.76 -45.29
CA LEU F 385 9.65 35.39 -44.88
C LEU F 385 9.47 35.32 -43.37
N MET F 386 10.34 36.01 -42.62
CA MET F 386 10.19 36.05 -41.17
C MET F 386 8.90 36.73 -40.77
N ASN F 387 8.51 37.78 -41.49
CA ASN F 387 7.24 38.45 -41.19
C ASN F 387 6.06 37.49 -41.33
N ARG F 388 6.00 36.76 -42.45
CA ARG F 388 4.89 35.83 -42.65
C ARG F 388 4.92 34.71 -41.62
N LYS F 389 6.11 34.16 -41.35
CA LYS F 389 6.23 33.09 -40.38
C LYS F 389 5.79 33.55 -39.00
N PHE F 390 6.19 34.77 -38.60
CA PHE F 390 5.76 35.30 -37.32
C PHE F 390 4.25 35.48 -37.27
N SER F 391 3.66 35.99 -38.35
CA SER F 391 2.21 36.20 -38.33
C SER F 391 1.45 34.89 -38.17
N GLU F 392 1.87 33.87 -38.92
CA GLU F 392 1.17 32.58 -38.83
C GLU F 392 1.43 31.90 -37.49
N GLU F 393 2.68 31.84 -37.05
CA GLU F 393 2.93 31.14 -35.81
C GLU F 393 2.31 31.87 -34.63
N ALA F 394 2.22 33.20 -34.72
CA ALA F 394 1.57 33.97 -33.67
C ALA F 394 0.10 33.61 -33.58
N ALA F 395 -0.59 33.58 -34.72
CA ALA F 395 -2.00 33.20 -34.69
C ALA F 395 -2.19 31.78 -34.17
N SER F 396 -1.37 30.85 -34.66
CA SER F 396 -1.51 29.47 -34.21
C SER F 396 -1.27 29.33 -32.71
N TRP F 397 -0.24 30.00 -32.19
CA TRP F 397 0.13 29.83 -30.79
C TRP F 397 -0.86 30.53 -29.87
N MET F 398 -1.39 31.67 -30.29
CA MET F 398 -2.42 32.39 -29.49
C MET F 398 -3.70 31.56 -29.49
N GLN F 399 -4.03 30.85 -30.58
CA GLN F 399 -5.20 29.97 -30.56
C GLN F 399 -4.96 28.77 -29.65
N GLU F 400 -3.76 28.20 -29.70
CA GLU F 400 -3.44 27.06 -28.84
C GLU F 400 -3.53 27.44 -27.37
N GLN F 401 -2.99 28.61 -27.02
CA GLN F 401 -3.03 29.04 -25.62
C GLN F 401 -4.46 29.28 -25.16
N ARG F 402 -5.30 29.89 -26.01
CA ARG F 402 -6.70 30.11 -25.66
C ARG F 402 -7.42 28.79 -25.40
N ALA F 403 -7.17 27.77 -26.21
CA ALA F 403 -7.82 26.48 -25.99
C ALA F 403 -7.34 25.85 -24.69
N SER F 404 -6.05 25.96 -24.40
CA SER F 404 -5.46 25.24 -23.29
C SER F 404 -5.80 25.89 -21.95
N ALA F 405 -5.86 27.21 -21.90
CA ALA F 405 -5.91 27.92 -20.64
C ALA F 405 -7.25 27.72 -19.92
N TYR F 406 -7.17 27.76 -18.59
CA TYR F 406 -8.34 27.71 -17.72
C TYR F 406 -8.96 29.09 -17.58
N VAL F 407 -10.29 29.13 -17.68
CA VAL F 407 -11.01 30.39 -17.66
C VAL F 407 -12.44 30.11 -17.23
N LYS F 408 -13.04 31.07 -16.51
CA LYS F 408 -14.44 31.00 -16.13
C LYS F 408 -14.96 32.43 -16.03
N ILE F 409 -15.59 32.92 -17.09
CA ILE F 409 -16.12 34.27 -17.12
C ILE F 409 -17.05 34.40 -15.94
N LEU F 410 -17.10 35.57 -15.31
CA LEU F 410 -17.95 35.77 -14.14
C LEU F 410 -18.97 36.85 -14.49
N SER F 411 -20.19 36.67 -13.97
CA SER F 411 -21.27 37.62 -14.17
C SER F 411 -22.04 37.83 -12.86
#